data_4AQJ
# 
_entry.id   4AQJ 
# 
_audit_conform.dict_name       mmcif_pdbx.dic 
_audit_conform.dict_version    5.399 
_audit_conform.dict_location   http://mmcif.pdb.org/dictionaries/ascii/mmcif_pdbx.dic 
# 
loop_
_database_2.database_id 
_database_2.database_code 
_database_2.pdbx_database_accession 
_database_2.pdbx_DOI 
PDB   4AQJ         pdb_00004aqj 10.2210/pdb4aqj/pdb 
PDBE  EBI-52097    ?            ?                   
WWPDB D_1290052097 ?            ?                   
# 
loop_
_pdbx_audit_revision_history.ordinal 
_pdbx_audit_revision_history.data_content_type 
_pdbx_audit_revision_history.major_revision 
_pdbx_audit_revision_history.minor_revision 
_pdbx_audit_revision_history.revision_date 
1 'Structure model' 1 0 2012-10-17 
2 'Structure model' 1 1 2024-11-20 
# 
_pdbx_audit_revision_details.ordinal             1 
_pdbx_audit_revision_details.revision_ordinal    1 
_pdbx_audit_revision_details.data_content_type   'Structure model' 
_pdbx_audit_revision_details.provider            repository 
_pdbx_audit_revision_details.type                'Initial release' 
_pdbx_audit_revision_details.description         ? 
_pdbx_audit_revision_details.details             ? 
# 
loop_
_pdbx_audit_revision_group.ordinal 
_pdbx_audit_revision_group.revision_ordinal 
_pdbx_audit_revision_group.data_content_type 
_pdbx_audit_revision_group.group 
1 2 'Structure model' 'Data collection'      
2 2 'Structure model' 'Database references'  
3 2 'Structure model' 'Derived calculations' 
4 2 'Structure model' Other                  
5 2 'Structure model' 'Structure summary'    
# 
loop_
_pdbx_audit_revision_category.ordinal 
_pdbx_audit_revision_category.revision_ordinal 
_pdbx_audit_revision_category.data_content_type 
_pdbx_audit_revision_category.category 
1 2 'Structure model' chem_comp_atom            
2 2 'Structure model' chem_comp_bond            
3 2 'Structure model' database_2                
4 2 'Structure model' pdbx_database_status      
5 2 'Structure model' pdbx_entry_details        
6 2 'Structure model' pdbx_modification_feature 
7 2 'Structure model' pdbx_struct_conn_angle    
8 2 'Structure model' struct_conn               
9 2 'Structure model' struct_site               
# 
loop_
_pdbx_audit_revision_item.ordinal 
_pdbx_audit_revision_item.revision_ordinal 
_pdbx_audit_revision_item.data_content_type 
_pdbx_audit_revision_item.item 
1  2 'Structure model' '_database_2.pdbx_DOI'                         
2  2 'Structure model' '_database_2.pdbx_database_accession'          
3  2 'Structure model' '_pdbx_database_status.status_code_sf'         
4  2 'Structure model' '_pdbx_entry_details.has_protein_modification' 
5  2 'Structure model' '_pdbx_struct_conn_angle.ptnr1_auth_comp_id'   
6  2 'Structure model' '_pdbx_struct_conn_angle.ptnr1_auth_seq_id'    
7  2 'Structure model' '_pdbx_struct_conn_angle.ptnr1_label_asym_id'  
8  2 'Structure model' '_pdbx_struct_conn_angle.ptnr1_label_atom_id'  
9  2 'Structure model' '_pdbx_struct_conn_angle.ptnr1_label_comp_id'  
10 2 'Structure model' '_pdbx_struct_conn_angle.ptnr1_label_seq_id'   
11 2 'Structure model' '_pdbx_struct_conn_angle.ptnr1_symmetry'       
12 2 'Structure model' '_pdbx_struct_conn_angle.ptnr2_auth_comp_id'   
13 2 'Structure model' '_pdbx_struct_conn_angle.ptnr2_auth_seq_id'    
14 2 'Structure model' '_pdbx_struct_conn_angle.ptnr2_label_asym_id'  
15 2 'Structure model' '_pdbx_struct_conn_angle.ptnr2_label_atom_id'  
16 2 'Structure model' '_pdbx_struct_conn_angle.ptnr2_label_comp_id'  
17 2 'Structure model' '_pdbx_struct_conn_angle.ptnr3_auth_comp_id'   
18 2 'Structure model' '_pdbx_struct_conn_angle.ptnr3_auth_seq_id'    
19 2 'Structure model' '_pdbx_struct_conn_angle.ptnr3_label_asym_id'  
20 2 'Structure model' '_pdbx_struct_conn_angle.ptnr3_label_atom_id'  
21 2 'Structure model' '_pdbx_struct_conn_angle.ptnr3_label_comp_id'  
22 2 'Structure model' '_pdbx_struct_conn_angle.ptnr3_label_seq_id'   
23 2 'Structure model' '_pdbx_struct_conn_angle.ptnr3_symmetry'       
24 2 'Structure model' '_pdbx_struct_conn_angle.value'                
25 2 'Structure model' '_struct_conn.pdbx_dist_value'                 
26 2 'Structure model' '_struct_conn.ptnr1_auth_comp_id'              
27 2 'Structure model' '_struct_conn.ptnr1_auth_seq_id'               
28 2 'Structure model' '_struct_conn.ptnr1_label_asym_id'             
29 2 'Structure model' '_struct_conn.ptnr1_label_atom_id'             
30 2 'Structure model' '_struct_conn.ptnr1_label_comp_id'             
31 2 'Structure model' '_struct_conn.ptnr1_label_seq_id'              
32 2 'Structure model' '_struct_conn.ptnr1_symmetry'                  
33 2 'Structure model' '_struct_conn.ptnr2_auth_comp_id'              
34 2 'Structure model' '_struct_conn.ptnr2_auth_seq_id'               
35 2 'Structure model' '_struct_conn.ptnr2_label_asym_id'             
36 2 'Structure model' '_struct_conn.ptnr2_label_atom_id'             
37 2 'Structure model' '_struct_conn.ptnr2_label_comp_id'             
38 2 'Structure model' '_struct_conn.ptnr2_label_seq_id'              
39 2 'Structure model' '_struct_conn.ptnr2_symmetry'                  
40 2 'Structure model' '_struct_site.pdbx_auth_asym_id'               
41 2 'Structure model' '_struct_site.pdbx_auth_comp_id'               
42 2 'Structure model' '_struct_site.pdbx_auth_seq_id'                
# 
_pdbx_database_status.status_code                     REL 
_pdbx_database_status.entry_id                        4AQJ 
_pdbx_database_status.deposit_site                    PDBE 
_pdbx_database_status.process_site                    PDBE 
_pdbx_database_status.SG_entry                        . 
_pdbx_database_status.recvd_initial_deposition_date   2012-04-17 
_pdbx_database_status.pdb_format_compatible           Y 
_pdbx_database_status.status_code_sf                  REL 
_pdbx_database_status.status_code_mr                  ? 
_pdbx_database_status.status_code_cs                  ? 
_pdbx_database_status.methods_development_category    ? 
_pdbx_database_status.status_code_nmr_data            ? 
# 
loop_
_pdbx_database_related.db_name 
_pdbx_database_related.db_id 
_pdbx_database_related.content_type 
_pdbx_database_related.details 
PDB 1PSR unspecified 'HUMAN PSORIASIN (S100A7)'                                             
PDB 2PSR unspecified 'HUMAN PSORIASIN (S100A7) CA2+ AND ZN2+ BOUND FORM ( CRYSTAL FORM II)' 
PDB 2WND unspecified 'STRUCTURE OF AN S100A7 TRIPLE MUTANT'                                 
PDB 2WOR unspecified 'CO-STRUCTURE OF S100A7 WITH 1,8 ANS'                                  
PDB 2WOS unspecified 'STRUCTURE OF HUMAN S100A7 IN COMPLEX WITH 2,6 ANS'                    
PDB 3PSR unspecified 'HUMAN PSORIASIN (S100A7) CA2+ BOUND FORM (CRYSTAL FORM I)'            
PDB 4AQI unspecified 'STRUCTURE OF HUMAN S100A15 BOUND TO ZINC AND CALCIUM'                 
# 
loop_
_audit_author.name 
_audit_author.pdbx_ordinal 
'Murray, J.I.'    1 
'Tonkin, M.L.'    2 
'Whiting, A.L.'   3 
'Peng, F.'        4 
'Farnell, B.'     5 
'Hof, F.'         6 
'Boulanger, M.J.' 7 
# 
_citation.id                        primary 
_citation.title                     
;Structural Characterization of S100A15 Reveals a Novel Zinc Coordination Site Among S100 Proteins and Altered Surface Chemistry with Functional Implications for Receptor Binding.
;
_citation.journal_abbrev            'Bmc Struct.Biol.' 
_citation.journal_volume            12 
_citation.page_first                16 
_citation.page_last                 ? 
_citation.year                      2012 
_citation.journal_id_ASTM           ? 
_citation.country                   UK 
_citation.journal_id_ISSN           1472-6807 
_citation.journal_id_CSD            ? 
_citation.book_publisher            ? 
_citation.pdbx_database_id_PubMed   22747601 
_citation.pdbx_database_id_DOI      10.1186/1472-6807-12-16 
# 
loop_
_citation_author.citation_id 
_citation_author.name 
_citation_author.ordinal 
_citation_author.identifier_ORCID 
primary 'Murray, J.I.'    1 ? 
primary 'Tonkin, M.L.'    2 ? 
primary 'Whiting, A.L.'   3 ? 
primary 'Peng, F.'        4 ? 
primary 'Farnell, B.'     5 ? 
primary 'Cullen, J.T.'    6 ? 
primary 'Hof, F.'         7 ? 
primary 'Boulanger, M.J.' 8 ? 
# 
loop_
_entity.id 
_entity.type 
_entity.src_method 
_entity.pdbx_description 
_entity.formula_weight 
_entity.pdbx_number_of_molecules 
_entity.pdbx_ec 
_entity.pdbx_mutation 
_entity.pdbx_fragment 
_entity.details 
1 polymer     man 'PROTEIN S100-A7' 12033.632 1   ? YES 'RESIDUES 2-97' ? 
2 non-polymer syn 'CALCIUM ION'     40.078    1   ? ?   ?               ? 
3 non-polymer syn 'CHLORIDE ION'    35.453    1   ? ?   ?               ? 
4 non-polymer syn 'ZINC ION'        65.409    1   ? ?   ?               ? 
5 water       nat water             18.015    143 ? ?   ?               ? 
# 
_entity_name_com.entity_id   1 
_entity_name_com.name        'PSORIASIN, S100 CALCIUM-BINDING PROTEIN A7' 
# 
_entity_poly.entity_id                      1 
_entity_poly.type                           'polypeptide(L)' 
_entity_poly.nstd_linkage                   no 
_entity_poly.nstd_monomer                   no 
_entity_poly.pdbx_seq_one_letter_code       
;GSAMGMSNTQAERSIIGMIDMFHKYTRRDGKIDKPSLLTMMKENFPNFLSACDKKGTNYLADVFEKKDKNEDKKIDFSEF
LSLLGDIATDYHKQSHGAAPCSGGSQAAA
;
_entity_poly.pdbx_seq_one_letter_code_can   
;GSAMGMSNTQAERSIIGMIDMFHKYTRRDGKIDKPSLLTMMKENFPNFLSACDKKGTNYLADVFEKKDKNEDKKIDFSEF
LSLLGDIATDYHKQSHGAAPCSGGSQAAA
;
_entity_poly.pdbx_strand_id                 A 
_entity_poly.pdbx_target_identifier         ? 
# 
loop_
_pdbx_entity_nonpoly.entity_id 
_pdbx_entity_nonpoly.name 
_pdbx_entity_nonpoly.comp_id 
2 'CALCIUM ION'  CA  
3 'CHLORIDE ION' CL  
4 'ZINC ION'     ZN  
5 water          HOH 
# 
loop_
_entity_poly_seq.entity_id 
_entity_poly_seq.num 
_entity_poly_seq.mon_id 
_entity_poly_seq.hetero 
1 1   GLY n 
1 2   SER n 
1 3   ALA n 
1 4   MET n 
1 5   GLY n 
1 6   MET n 
1 7   SER n 
1 8   ASN n 
1 9   THR n 
1 10  GLN n 
1 11  ALA n 
1 12  GLU n 
1 13  ARG n 
1 14  SER n 
1 15  ILE n 
1 16  ILE n 
1 17  GLY n 
1 18  MET n 
1 19  ILE n 
1 20  ASP n 
1 21  MET n 
1 22  PHE n 
1 23  HIS n 
1 24  LYS n 
1 25  TYR n 
1 26  THR n 
1 27  ARG n 
1 28  ARG n 
1 29  ASP n 
1 30  GLY n 
1 31  LYS n 
1 32  ILE n 
1 33  ASP n 
1 34  LYS n 
1 35  PRO n 
1 36  SER n 
1 37  LEU n 
1 38  LEU n 
1 39  THR n 
1 40  MET n 
1 41  MET n 
1 42  LYS n 
1 43  GLU n 
1 44  ASN n 
1 45  PHE n 
1 46  PRO n 
1 47  ASN n 
1 48  PHE n 
1 49  LEU n 
1 50  SER n 
1 51  ALA n 
1 52  CYS n 
1 53  ASP n 
1 54  LYS n 
1 55  LYS n 
1 56  GLY n 
1 57  THR n 
1 58  ASN n 
1 59  TYR n 
1 60  LEU n 
1 61  ALA n 
1 62  ASP n 
1 63  VAL n 
1 64  PHE n 
1 65  GLU n 
1 66  LYS n 
1 67  LYS n 
1 68  ASP n 
1 69  LYS n 
1 70  ASN n 
1 71  GLU n 
1 72  ASP n 
1 73  LYS n 
1 74  LYS n 
1 75  ILE n 
1 76  ASP n 
1 77  PHE n 
1 78  SER n 
1 79  GLU n 
1 80  PHE n 
1 81  LEU n 
1 82  SER n 
1 83  LEU n 
1 84  LEU n 
1 85  GLY n 
1 86  ASP n 
1 87  ILE n 
1 88  ALA n 
1 89  THR n 
1 90  ASP n 
1 91  TYR n 
1 92  HIS n 
1 93  LYS n 
1 94  GLN n 
1 95  SER n 
1 96  HIS n 
1 97  GLY n 
1 98  ALA n 
1 99  ALA n 
1 100 PRO n 
1 101 CYS n 
1 102 SER n 
1 103 GLY n 
1 104 GLY n 
1 105 SER n 
1 106 GLN n 
1 107 ALA n 
1 108 ALA n 
1 109 ALA n 
# 
_entity_src_gen.entity_id                          1 
_entity_src_gen.pdbx_src_id                        1 
_entity_src_gen.pdbx_alt_source_flag               sample 
_entity_src_gen.pdbx_seq_type                      ? 
_entity_src_gen.pdbx_beg_seq_num                   ? 
_entity_src_gen.pdbx_end_seq_num                   ? 
_entity_src_gen.gene_src_common_name               HUMAN 
_entity_src_gen.gene_src_genus                     ? 
_entity_src_gen.pdbx_gene_src_gene                 ? 
_entity_src_gen.gene_src_species                   ? 
_entity_src_gen.gene_src_strain                    ? 
_entity_src_gen.gene_src_tissue                    ? 
_entity_src_gen.gene_src_tissue_fraction           ? 
_entity_src_gen.gene_src_details                   ? 
_entity_src_gen.pdbx_gene_src_fragment             ? 
_entity_src_gen.pdbx_gene_src_scientific_name      'HOMO SAPIENS' 
_entity_src_gen.pdbx_gene_src_ncbi_taxonomy_id     9606 
_entity_src_gen.pdbx_gene_src_variant              ? 
_entity_src_gen.pdbx_gene_src_cell_line            ? 
_entity_src_gen.pdbx_gene_src_atcc                 ? 
_entity_src_gen.pdbx_gene_src_organ                ? 
_entity_src_gen.pdbx_gene_src_organelle            ? 
_entity_src_gen.pdbx_gene_src_cell                 ? 
_entity_src_gen.pdbx_gene_src_cellular_location    ? 
_entity_src_gen.host_org_common_name               ? 
_entity_src_gen.pdbx_host_org_scientific_name      'ESCHERICHIA COLI' 
_entity_src_gen.pdbx_host_org_ncbi_taxonomy_id     83333 
_entity_src_gen.host_org_genus                     ? 
_entity_src_gen.pdbx_host_org_gene                 ? 
_entity_src_gen.pdbx_host_org_organ                ? 
_entity_src_gen.host_org_species                   ? 
_entity_src_gen.pdbx_host_org_tissue               ? 
_entity_src_gen.pdbx_host_org_tissue_fraction      ? 
_entity_src_gen.pdbx_host_org_strain               K-12 
_entity_src_gen.pdbx_host_org_variant              'ROSETTA-GAMMI B' 
_entity_src_gen.pdbx_host_org_cell_line            ? 
_entity_src_gen.pdbx_host_org_atcc                 ? 
_entity_src_gen.pdbx_host_org_culture_collection   ? 
_entity_src_gen.pdbx_host_org_cell                 ? 
_entity_src_gen.pdbx_host_org_organelle            ? 
_entity_src_gen.pdbx_host_org_cellular_location    ? 
_entity_src_gen.pdbx_host_org_vector_type          PLASMID 
_entity_src_gen.pdbx_host_org_vector               PET32A 
_entity_src_gen.host_org_details                   ? 
_entity_src_gen.expression_system_id               ? 
_entity_src_gen.plasmid_name                       ? 
_entity_src_gen.plasmid_details                    ? 
_entity_src_gen.pdbx_description                   ? 
# 
loop_
_chem_comp.id 
_chem_comp.type 
_chem_comp.mon_nstd_flag 
_chem_comp.name 
_chem_comp.pdbx_synonyms 
_chem_comp.formula 
_chem_comp.formula_weight 
ALA 'L-peptide linking' y ALANINE         ? 'C3 H7 N O2'     89.093  
ARG 'L-peptide linking' y ARGININE        ? 'C6 H15 N4 O2 1' 175.209 
ASN 'L-peptide linking' y ASPARAGINE      ? 'C4 H8 N2 O3'    132.118 
ASP 'L-peptide linking' y 'ASPARTIC ACID' ? 'C4 H7 N O4'     133.103 
CA  non-polymer         . 'CALCIUM ION'   ? 'Ca 2'           40.078  
CL  non-polymer         . 'CHLORIDE ION'  ? 'Cl -1'          35.453  
CYS 'L-peptide linking' y CYSTEINE        ? 'C3 H7 N O2 S'   121.158 
GLN 'L-peptide linking' y GLUTAMINE       ? 'C5 H10 N2 O3'   146.144 
GLU 'L-peptide linking' y 'GLUTAMIC ACID' ? 'C5 H9 N O4'     147.129 
GLY 'peptide linking'   y GLYCINE         ? 'C2 H5 N O2'     75.067  
HIS 'L-peptide linking' y HISTIDINE       ? 'C6 H10 N3 O2 1' 156.162 
HOH non-polymer         . WATER           ? 'H2 O'           18.015  
ILE 'L-peptide linking' y ISOLEUCINE      ? 'C6 H13 N O2'    131.173 
LEU 'L-peptide linking' y LEUCINE         ? 'C6 H13 N O2'    131.173 
LYS 'L-peptide linking' y LYSINE          ? 'C6 H15 N2 O2 1' 147.195 
MET 'L-peptide linking' y METHIONINE      ? 'C5 H11 N O2 S'  149.211 
PHE 'L-peptide linking' y PHENYLALANINE   ? 'C9 H11 N O2'    165.189 
PRO 'L-peptide linking' y PROLINE         ? 'C5 H9 N O2'     115.130 
SER 'L-peptide linking' y SERINE          ? 'C3 H7 N O3'     105.093 
THR 'L-peptide linking' y THREONINE       ? 'C4 H9 N O3'     119.119 
TYR 'L-peptide linking' y TYROSINE        ? 'C9 H11 N O3'    181.189 
VAL 'L-peptide linking' y VALINE          ? 'C5 H11 N O2'    117.146 
ZN  non-polymer         . 'ZINC ION'      ? 'Zn 2'           65.409  
# 
loop_
_pdbx_poly_seq_scheme.asym_id 
_pdbx_poly_seq_scheme.entity_id 
_pdbx_poly_seq_scheme.seq_id 
_pdbx_poly_seq_scheme.mon_id 
_pdbx_poly_seq_scheme.ndb_seq_num 
_pdbx_poly_seq_scheme.pdb_seq_num 
_pdbx_poly_seq_scheme.auth_seq_num 
_pdbx_poly_seq_scheme.pdb_mon_id 
_pdbx_poly_seq_scheme.auth_mon_id 
_pdbx_poly_seq_scheme.pdb_strand_id 
_pdbx_poly_seq_scheme.pdb_ins_code 
_pdbx_poly_seq_scheme.hetero 
A 1 1   GLY 1   -5  ?  ?   ?   A . n 
A 1 2   SER 2   -4  ?  ?   ?   A . n 
A 1 3   ALA 3   -3  ?  ?   ?   A . n 
A 1 4   MET 4   -2  ?  ?   ?   A . n 
A 1 5   GLY 5   -1  ?  ?   ?   A . n 
A 1 6   MET 6   0   ?  ?   ?   A . n 
A 1 7   SER 7   1   1  SER SER A . n 
A 1 8   ASN 8   2   2  ASN ASN A . n 
A 1 9   THR 9   3   3  THR THR A . n 
A 1 10  GLN 10  4   4  GLN GLN A . n 
A 1 11  ALA 11  5   5  ALA ALA A . n 
A 1 12  GLU 12  6   6  GLU GLU A . n 
A 1 13  ARG 13  7   7  ARG ARG A . n 
A 1 14  SER 14  8   8  SER SER A . n 
A 1 15  ILE 15  9   9  ILE ILE A . n 
A 1 16  ILE 16  10  10 ILE ILE A . n 
A 1 17  GLY 17  11  11 GLY GLY A . n 
A 1 18  MET 18  12  12 MET MET A . n 
A 1 19  ILE 19  13  13 ILE ILE A . n 
A 1 20  ASP 20  14  14 ASP ASP A . n 
A 1 21  MET 21  15  15 MET MET A . n 
A 1 22  PHE 22  16  16 PHE PHE A . n 
A 1 23  HIS 23  17  17 HIS HIS A . n 
A 1 24  LYS 24  18  18 LYS LYS A . n 
A 1 25  TYR 25  19  19 TYR TYR A . n 
A 1 26  THR 26  20  20 THR THR A . n 
A 1 27  ARG 27  21  21 ARG ARG A . n 
A 1 28  ARG 28  22  22 ARG ARG A . n 
A 1 29  ASP 29  23  23 ASP ASP A . n 
A 1 30  GLY 30  24  24 GLY GLY A . n 
A 1 31  LYS 31  25  25 LYS LYS A . n 
A 1 32  ILE 32  26  26 ILE ILE A . n 
A 1 33  ASP 33  27  27 ASP ASP A . n 
A 1 34  LYS 34  28  28 LYS LYS A . n 
A 1 35  PRO 35  29  29 PRO PRO A . n 
A 1 36  SER 36  30  30 SER SER A . n 
A 1 37  LEU 37  31  31 LEU LEU A . n 
A 1 38  LEU 38  32  32 LEU LEU A . n 
A 1 39  THR 39  33  33 THR THR A . n 
A 1 40  MET 40  34  34 MET MET A . n 
A 1 41  MET 41  35  35 MET MET A . n 
A 1 42  LYS 42  36  36 LYS LYS A . n 
A 1 43  GLU 43  37  37 GLU GLU A . n 
A 1 44  ASN 44  38  38 ASN ASN A . n 
A 1 45  PHE 45  39  39 PHE PHE A . n 
A 1 46  PRO 46  40  40 PRO PRO A . n 
A 1 47  ASN 47  41  41 ASN ASN A . n 
A 1 48  PHE 48  42  42 PHE PHE A . n 
A 1 49  LEU 49  43  43 LEU LEU A . n 
A 1 50  SER 50  44  44 SER SER A . n 
A 1 51  ALA 51  45  45 ALA ALA A . n 
A 1 52  CYS 52  46  46 CYS CYS A . n 
A 1 53  ASP 53  47  47 ASP ASP A . n 
A 1 54  LYS 54  48  48 LYS LYS A . n 
A 1 55  LYS 55  49  49 LYS LYS A . n 
A 1 56  GLY 56  50  50 GLY GLY A . n 
A 1 57  THR 57  51  51 THR THR A . n 
A 1 58  ASN 58  52  52 ASN ASN A . n 
A 1 59  TYR 59  53  53 TYR TYR A . n 
A 1 60  LEU 60  54  54 LEU LEU A . n 
A 1 61  ALA 61  55  55 ALA ALA A . n 
A 1 62  ASP 62  56  56 ASP ASP A . n 
A 1 63  VAL 63  57  57 VAL VAL A . n 
A 1 64  PHE 64  58  58 PHE PHE A . n 
A 1 65  GLU 65  59  59 GLU GLU A . n 
A 1 66  LYS 66  60  60 LYS LYS A . n 
A 1 67  LYS 67  61  61 LYS LYS A . n 
A 1 68  ASP 68  62  62 ASP ASP A . n 
A 1 69  LYS 69  63  63 LYS LYS A . n 
A 1 70  ASN 70  64  64 ASN ASN A . n 
A 1 71  GLU 71  65  65 GLU GLU A . n 
A 1 72  ASP 72  66  66 ASP ASP A . n 
A 1 73  LYS 73  67  67 LYS LYS A . n 
A 1 74  LYS 74  68  68 LYS LYS A . n 
A 1 75  ILE 75  69  69 ILE ILE A . n 
A 1 76  ASP 76  70  70 ASP ASP A . n 
A 1 77  PHE 77  71  71 PHE PHE A . n 
A 1 78  SER 78  72  72 SER SER A . n 
A 1 79  GLU 79  73  73 GLU GLU A . n 
A 1 80  PHE 80  74  74 PHE PHE A . n 
A 1 81  LEU 81  75  75 LEU LEU A . n 
A 1 82  SER 82  76  76 SER SER A . n 
A 1 83  LEU 83  77  77 LEU LEU A . n 
A 1 84  LEU 84  78  78 LEU LEU A . n 
A 1 85  GLY 85  79  79 GLY GLY A . n 
A 1 86  ASP 86  80  80 ASP ASP A . n 
A 1 87  ILE 87  81  81 ILE ILE A . n 
A 1 88  ALA 88  82  82 ALA ALA A . n 
A 1 89  THR 89  83  83 THR THR A . n 
A 1 90  ASP 90  84  84 ASP ASP A . n 
A 1 91  TYR 91  85  85 TYR TYR A . n 
A 1 92  HIS 92  86  86 HIS HIS A . n 
A 1 93  LYS 93  87  87 LYS LYS A . n 
A 1 94  GLN 94  88  88 GLN GLN A . n 
A 1 95  SER 95  89  89 SER SER A . n 
A 1 96  HIS 96  90  90 HIS HIS A . n 
A 1 97  GLY 97  91  91 GLY GLY A . n 
A 1 98  ALA 98  92  92 ALA ALA A . n 
A 1 99  ALA 99  93  93 ALA ALA A . n 
A 1 100 PRO 100 94  94 PRO PRO A . n 
A 1 101 CYS 101 95  95 CYS CYS A . n 
A 1 102 SER 102 96  96 SER SER A . n 
A 1 103 GLY 103 97  ?  ?   ?   A . n 
A 1 104 GLY 104 98  ?  ?   ?   A . n 
A 1 105 SER 105 99  ?  ?   ?   A . n 
A 1 106 GLN 106 100 ?  ?   ?   A . n 
A 1 107 ALA 107 101 ?  ?   ?   A . n 
A 1 108 ALA 108 102 ?  ?   ?   A . n 
A 1 109 ALA 109 103 ?  ?   ?   A . n 
# 
loop_
_pdbx_nonpoly_scheme.asym_id 
_pdbx_nonpoly_scheme.entity_id 
_pdbx_nonpoly_scheme.mon_id 
_pdbx_nonpoly_scheme.ndb_seq_num 
_pdbx_nonpoly_scheme.pdb_seq_num 
_pdbx_nonpoly_scheme.auth_seq_num 
_pdbx_nonpoly_scheme.pdb_mon_id 
_pdbx_nonpoly_scheme.auth_mon_id 
_pdbx_nonpoly_scheme.pdb_strand_id 
_pdbx_nonpoly_scheme.pdb_ins_code 
B 2 CA  1   1097 1097 CA  CA  A . 
C 3 CL  1   1098 1098 CL  CL  A . 
D 4 ZN  1   1099 1099 ZN  ZN  A . 
E 5 HOH 1   2001 2001 HOH HOH A . 
E 5 HOH 2   2002 2002 HOH HOH A . 
E 5 HOH 3   2003 2003 HOH HOH A . 
E 5 HOH 4   2004 2004 HOH HOH A . 
E 5 HOH 5   2005 2005 HOH HOH A . 
E 5 HOH 6   2006 2006 HOH HOH A . 
E 5 HOH 7   2007 2007 HOH HOH A . 
E 5 HOH 8   2008 2008 HOH HOH A . 
E 5 HOH 9   2009 2009 HOH HOH A . 
E 5 HOH 10  2010 2010 HOH HOH A . 
E 5 HOH 11  2011 2011 HOH HOH A . 
E 5 HOH 12  2012 2012 HOH HOH A . 
E 5 HOH 13  2013 2013 HOH HOH A . 
E 5 HOH 14  2014 2014 HOH HOH A . 
E 5 HOH 15  2015 2015 HOH HOH A . 
E 5 HOH 16  2016 2016 HOH HOH A . 
E 5 HOH 17  2017 2017 HOH HOH A . 
E 5 HOH 18  2018 2018 HOH HOH A . 
E 5 HOH 19  2019 2019 HOH HOH A . 
E 5 HOH 20  2020 2020 HOH HOH A . 
E 5 HOH 21  2021 2021 HOH HOH A . 
E 5 HOH 22  2022 2022 HOH HOH A . 
E 5 HOH 23  2023 2023 HOH HOH A . 
E 5 HOH 24  2024 2024 HOH HOH A . 
E 5 HOH 25  2025 2025 HOH HOH A . 
E 5 HOH 26  2026 2026 HOH HOH A . 
E 5 HOH 27  2027 2027 HOH HOH A . 
E 5 HOH 28  2028 2028 HOH HOH A . 
E 5 HOH 29  2029 2029 HOH HOH A . 
E 5 HOH 30  2030 2030 HOH HOH A . 
E 5 HOH 31  2031 2031 HOH HOH A . 
E 5 HOH 32  2032 2032 HOH HOH A . 
E 5 HOH 33  2033 2033 HOH HOH A . 
E 5 HOH 34  2034 2034 HOH HOH A . 
E 5 HOH 35  2035 2035 HOH HOH A . 
E 5 HOH 36  2036 2036 HOH HOH A . 
E 5 HOH 37  2037 2037 HOH HOH A . 
E 5 HOH 38  2038 2038 HOH HOH A . 
E 5 HOH 39  2039 2039 HOH HOH A . 
E 5 HOH 40  2040 2040 HOH HOH A . 
E 5 HOH 41  2041 2041 HOH HOH A . 
E 5 HOH 42  2042 2042 HOH HOH A . 
E 5 HOH 43  2043 2043 HOH HOH A . 
E 5 HOH 44  2044 2044 HOH HOH A . 
E 5 HOH 45  2045 2045 HOH HOH A . 
E 5 HOH 46  2046 2046 HOH HOH A . 
E 5 HOH 47  2047 2047 HOH HOH A . 
E 5 HOH 48  2048 2048 HOH HOH A . 
E 5 HOH 49  2049 2049 HOH HOH A . 
E 5 HOH 50  2050 2050 HOH HOH A . 
E 5 HOH 51  2051 2051 HOH HOH A . 
E 5 HOH 52  2052 2052 HOH HOH A . 
E 5 HOH 53  2053 2053 HOH HOH A . 
E 5 HOH 54  2054 2054 HOH HOH A . 
E 5 HOH 55  2055 2055 HOH HOH A . 
E 5 HOH 56  2056 2056 HOH HOH A . 
E 5 HOH 57  2057 2057 HOH HOH A . 
E 5 HOH 58  2058 2058 HOH HOH A . 
E 5 HOH 59  2059 2059 HOH HOH A . 
E 5 HOH 60  2060 2060 HOH HOH A . 
E 5 HOH 61  2061 2061 HOH HOH A . 
E 5 HOH 62  2062 2062 HOH HOH A . 
E 5 HOH 63  2063 2063 HOH HOH A . 
E 5 HOH 64  2064 2064 HOH HOH A . 
E 5 HOH 65  2065 2065 HOH HOH A . 
E 5 HOH 66  2066 2066 HOH HOH A . 
E 5 HOH 67  2067 2067 HOH HOH A . 
E 5 HOH 68  2068 2068 HOH HOH A . 
E 5 HOH 69  2069 2069 HOH HOH A . 
E 5 HOH 70  2070 2070 HOH HOH A . 
E 5 HOH 71  2071 2071 HOH HOH A . 
E 5 HOH 72  2072 2072 HOH HOH A . 
E 5 HOH 73  2073 2073 HOH HOH A . 
E 5 HOH 74  2074 2074 HOH HOH A . 
E 5 HOH 75  2075 2075 HOH HOH A . 
E 5 HOH 76  2076 2076 HOH HOH A . 
E 5 HOH 77  2077 2077 HOH HOH A . 
E 5 HOH 78  2078 2078 HOH HOH A . 
E 5 HOH 79  2079 2079 HOH HOH A . 
E 5 HOH 80  2080 2080 HOH HOH A . 
E 5 HOH 81  2081 2081 HOH HOH A . 
E 5 HOH 82  2082 2082 HOH HOH A . 
E 5 HOH 83  2083 2083 HOH HOH A . 
E 5 HOH 84  2084 2084 HOH HOH A . 
E 5 HOH 85  2085 2085 HOH HOH A . 
E 5 HOH 86  2086 2086 HOH HOH A . 
E 5 HOH 87  2087 2087 HOH HOH A . 
E 5 HOH 88  2088 2088 HOH HOH A . 
E 5 HOH 89  2089 2089 HOH HOH A . 
E 5 HOH 90  2090 2090 HOH HOH A . 
E 5 HOH 91  2091 2091 HOH HOH A . 
E 5 HOH 92  2092 2092 HOH HOH A . 
E 5 HOH 93  2093 2093 HOH HOH A . 
E 5 HOH 94  2094 2094 HOH HOH A . 
E 5 HOH 95  2095 2095 HOH HOH A . 
E 5 HOH 96  2096 2096 HOH HOH A . 
E 5 HOH 97  2097 2097 HOH HOH A . 
E 5 HOH 98  2098 2098 HOH HOH A . 
E 5 HOH 99  2099 2099 HOH HOH A . 
E 5 HOH 100 2100 2100 HOH HOH A . 
E 5 HOH 101 2101 2101 HOH HOH A . 
E 5 HOH 102 2102 2102 HOH HOH A . 
E 5 HOH 103 2103 2103 HOH HOH A . 
E 5 HOH 104 2104 2104 HOH HOH A . 
E 5 HOH 105 2105 2105 HOH HOH A . 
E 5 HOH 106 2106 2106 HOH HOH A . 
E 5 HOH 107 2107 2107 HOH HOH A . 
E 5 HOH 108 2108 2108 HOH HOH A . 
E 5 HOH 109 2109 2109 HOH HOH A . 
E 5 HOH 110 2110 2110 HOH HOH A . 
E 5 HOH 111 2111 2111 HOH HOH A . 
E 5 HOH 112 2112 2112 HOH HOH A . 
E 5 HOH 113 2113 2113 HOH HOH A . 
E 5 HOH 114 2114 2114 HOH HOH A . 
E 5 HOH 115 2115 2115 HOH HOH A . 
E 5 HOH 116 2116 2116 HOH HOH A . 
E 5 HOH 117 2117 2117 HOH HOH A . 
E 5 HOH 118 2118 2118 HOH HOH A . 
E 5 HOH 119 2119 2119 HOH HOH A . 
E 5 HOH 120 2120 2120 HOH HOH A . 
E 5 HOH 121 2121 2121 HOH HOH A . 
E 5 HOH 122 2122 2122 HOH HOH A . 
E 5 HOH 123 2123 2123 HOH HOH A . 
E 5 HOH 124 2124 2124 HOH HOH A . 
E 5 HOH 125 2125 2125 HOH HOH A . 
E 5 HOH 126 2126 2126 HOH HOH A . 
E 5 HOH 127 2127 2127 HOH HOH A . 
E 5 HOH 128 2128 2128 HOH HOH A . 
E 5 HOH 129 2129 2129 HOH HOH A . 
E 5 HOH 130 2130 2130 HOH HOH A . 
E 5 HOH 131 2131 2131 HOH HOH A . 
E 5 HOH 132 2132 2132 HOH HOH A . 
E 5 HOH 133 2133 2133 HOH HOH A . 
E 5 HOH 134 2134 2134 HOH HOH A . 
E 5 HOH 135 2135 2135 HOH HOH A . 
E 5 HOH 136 2136 2136 HOH HOH A . 
E 5 HOH 137 2137 2137 HOH HOH A . 
E 5 HOH 138 2138 2138 HOH HOH A . 
E 5 HOH 139 2139 2139 HOH HOH A . 
E 5 HOH 140 2140 2140 HOH HOH A . 
E 5 HOH 141 2141 2141 HOH HOH A . 
E 5 HOH 142 2142 2142 HOH HOH A . 
E 5 HOH 143 2143 2143 HOH HOH A . 
# 
loop_
_software.name 
_software.classification 
_software.version 
_software.citation_id 
_software.pdbx_ordinal 
REFMAC refinement       5.5.0088 ? 1 
d*TREK 'data reduction' .        ? 2 
MOLREP phasing          .        ? 3 
# 
_cell.entry_id           4AQJ 
_cell.length_a           51.480 
_cell.length_b           51.480 
_cell.length_c           117.230 
_cell.angle_alpha        90.00 
_cell.angle_beta         90.00 
_cell.angle_gamma        90.00 
_cell.Z_PDB              8 
_cell.pdbx_unique_axis   ? 
# 
_symmetry.entry_id                         4AQJ 
_symmetry.space_group_name_H-M             'P 43 21 2' 
_symmetry.pdbx_full_space_group_name_H-M   ? 
_symmetry.cell_setting                     ? 
_symmetry.Int_Tables_number                96 
# 
_exptl.entry_id          4AQJ 
_exptl.method            'X-RAY DIFFRACTION' 
_exptl.crystals_number   ? 
# 
_exptl_crystal.id                    1 
_exptl_crystal.density_meas          ? 
_exptl_crystal.density_Matthews      3.36 
_exptl_crystal.density_percent_sol   63.43 
_exptl_crystal.description           NONE 
# 
_exptl_crystal_grow.crystal_id      1 
_exptl_crystal_grow.method          ? 
_exptl_crystal_grow.temp            ? 
_exptl_crystal_grow.temp_details    ? 
_exptl_crystal_grow.pH              ? 
_exptl_crystal_grow.pdbx_pH_range   ? 
_exptl_crystal_grow.pdbx_details    '0.2M AMMONIUM SULFATE, 0.1M BISTRIS PH 5.5, 20-25% PEG 3350' 
# 
_diffrn.id                     1 
_diffrn.ambient_temp           100 
_diffrn.ambient_temp_details   ? 
_diffrn.crystal_id             1 
# 
_diffrn_detector.diffrn_id              1 
_diffrn_detector.detector               CCD 
_diffrn_detector.type                   'MARMOSAIC 325 mm CCD' 
_diffrn_detector.pdbx_collection_date   ? 
_diffrn_detector.details                ? 
# 
_diffrn_radiation.diffrn_id                        1 
_diffrn_radiation.wavelength_id                    1 
_diffrn_radiation.pdbx_monochromatic_or_laue_m_l   M 
_diffrn_radiation.monochromator                    ? 
_diffrn_radiation.pdbx_diffrn_protocol             'SINGLE WAVELENGTH' 
_diffrn_radiation.pdbx_scattering_type             x-ray 
# 
_diffrn_radiation_wavelength.id           1 
_diffrn_radiation_wavelength.wavelength   0.9794 
_diffrn_radiation_wavelength.wt           1.0 
# 
_diffrn_source.diffrn_id                   1 
_diffrn_source.source                      SYNCHROTRON 
_diffrn_source.type                        'SSRL BEAMLINE BL9-2' 
_diffrn_source.pdbx_synchrotron_site       SSRL 
_diffrn_source.pdbx_synchrotron_beamline   BL9-2 
_diffrn_source.pdbx_wavelength             0.9794 
_diffrn_source.pdbx_wavelength_list        ? 
# 
_reflns.pdbx_diffrn_id               1 
_reflns.pdbx_ordinal                 1 
_reflns.entry_id                     4AQJ 
_reflns.observed_criterion_sigma_I   2.0 
_reflns.observed_criterion_sigma_F   ? 
_reflns.d_resolution_low             38.68 
_reflns.d_resolution_high            1.60 
_reflns.number_obs                   21100 
_reflns.number_all                   ? 
_reflns.percent_possible_obs         99.6 
_reflns.pdbx_Rmerge_I_obs            0.05 
_reflns.pdbx_Rsym_value              ? 
_reflns.pdbx_netI_over_sigmaI        15.30 
_reflns.B_iso_Wilson_estimate        ? 
_reflns.pdbx_redundancy              9.6 
# 
_reflns_shell.pdbx_diffrn_id         1 
_reflns_shell.pdbx_ordinal           1 
_reflns_shell.d_res_high             1.60 
_reflns_shell.d_res_low              1.69 
_reflns_shell.percent_possible_all   98.4 
_reflns_shell.Rmerge_I_obs           0.43 
_reflns_shell.pdbx_Rsym_value        ? 
_reflns_shell.meanI_over_sigI_obs    2.60 
_reflns_shell.pdbx_redundancy        9.8 
# 
_refine.pdbx_refine_id                           'X-RAY DIFFRACTION' 
_refine.entry_id                                 4AQJ 
_refine.pdbx_diffrn_id                           1 
_refine.pdbx_TLS_residual_ADP_flag               ? 
_refine.ls_number_reflns_obs                     20020 
_refine.ls_number_reflns_all                     ? 
_refine.pdbx_ls_sigma_I                          ? 
_refine.pdbx_ls_sigma_F                          . 
_refine.pdbx_data_cutoff_high_absF               ? 
_refine.pdbx_data_cutoff_low_absF                ? 
_refine.pdbx_data_cutoff_high_rms_absF           ? 
_refine.ls_d_res_low                             34.76 
_refine.ls_d_res_high                            1.60 
_refine.ls_percent_reflns_obs                    97.35 
_refine.ls_R_factor_obs                          0.19081 
_refine.ls_R_factor_all                          ? 
_refine.ls_R_factor_R_work                       0.18901 
_refine.ls_R_factor_R_free                       0.22532 
_refine.ls_R_factor_R_free_error                 ? 
_refine.ls_R_factor_R_free_error_details         ? 
_refine.ls_percent_reflns_R_free                 5.1 
_refine.ls_number_reflns_R_free                  1080 
_refine.ls_number_parameters                     ? 
_refine.ls_number_restraints                     ? 
_refine.occupancy_min                            ? 
_refine.occupancy_max                            ? 
_refine.correlation_coeff_Fo_to_Fc               0.961 
_refine.correlation_coeff_Fo_to_Fc_free          0.942 
_refine.B_iso_mean                               26.801 
_refine.aniso_B[1][1]                            -0.01 
_refine.aniso_B[2][2]                            -0.01 
_refine.aniso_B[3][3]                            0.01 
_refine.aniso_B[1][2]                            0.00 
_refine.aniso_B[1][3]                            0.00 
_refine.aniso_B[2][3]                            0.00 
_refine.solvent_model_details                    MASK 
_refine.solvent_model_param_ksol                 ? 
_refine.solvent_model_param_bsol                 ? 
_refine.pdbx_solvent_vdw_probe_radii             1.40 
_refine.pdbx_solvent_ion_probe_radii             0.80 
_refine.pdbx_solvent_shrinkage_radii             0.80 
_refine.pdbx_ls_cross_valid_method               THROUGHOUT 
_refine.details                                  'HYDROGENS HAVE BEEN ADDED IN THE RIDING POSITIONS.' 
_refine.pdbx_starting_model                      'PDB ENTRY 4AQJ' 
_refine.pdbx_method_to_determine_struct          'MOLECULAR REPLACEMENT' 
_refine.pdbx_isotropic_thermal_model             ? 
_refine.pdbx_stereochemistry_target_values       'MAXIMUM LIKELIHOOD' 
_refine.pdbx_stereochem_target_val_spec_case     ? 
_refine.pdbx_R_Free_selection_details            RANDOM 
_refine.pdbx_overall_ESU_R                       0.074 
_refine.pdbx_overall_ESU_R_Free                  0.080 
_refine.overall_SU_ML                            0.047 
_refine.pdbx_overall_phase_error                 ? 
_refine.overall_SU_B                             1.282 
_refine.overall_SU_R_Cruickshank_DPI             ? 
_refine.pdbx_overall_SU_R_free_Cruickshank_DPI   ? 
_refine.pdbx_overall_SU_R_Blow_DPI               ? 
_refine.pdbx_overall_SU_R_free_Blow_DPI          ? 
# 
_refine_hist.pdbx_refine_id                   'X-RAY DIFFRACTION' 
_refine_hist.cycle_id                         LAST 
_refine_hist.pdbx_number_atoms_protein        765 
_refine_hist.pdbx_number_atoms_nucleic_acid   0 
_refine_hist.pdbx_number_atoms_ligand         3 
_refine_hist.number_atoms_solvent             143 
_refine_hist.number_atoms_total               911 
_refine_hist.d_res_high                       1.60 
_refine_hist.d_res_low                        34.76 
# 
loop_
_refine_ls_restr.type 
_refine_ls_restr.dev_ideal 
_refine_ls_restr.dev_ideal_target 
_refine_ls_restr.weight 
_refine_ls_restr.number 
_refine_ls_restr.pdbx_refine_id 
_refine_ls_restr.pdbx_restraint_function 
r_bond_refined_d             0.016  0.022  ? 790  'X-RAY DIFFRACTION' ? 
r_bond_other_d               ?      ?      ? ?    'X-RAY DIFFRACTION' ? 
r_angle_refined_deg          1.533  1.965  ? 1059 'X-RAY DIFFRACTION' ? 
r_angle_other_deg            ?      ?      ? ?    'X-RAY DIFFRACTION' ? 
r_dihedral_angle_1_deg       5.034  5.000  ? 99   'X-RAY DIFFRACTION' ? 
r_dihedral_angle_2_deg       36.960 25.135 ? 37   'X-RAY DIFFRACTION' ? 
r_dihedral_angle_3_deg       13.066 15.000 ? 156  'X-RAY DIFFRACTION' ? 
r_dihedral_angle_4_deg       7.745  15.000 ? 3    'X-RAY DIFFRACTION' ? 
r_chiral_restr               0.113  0.200  ? 112  'X-RAY DIFFRACTION' ? 
r_gen_planes_refined         0.016  0.021  ? 587  'X-RAY DIFFRACTION' ? 
r_gen_planes_other           ?      ?      ? ?    'X-RAY DIFFRACTION' ? 
r_nbd_refined                ?      ?      ? ?    'X-RAY DIFFRACTION' ? 
r_nbd_other                  ?      ?      ? ?    'X-RAY DIFFRACTION' ? 
r_nbtor_refined              ?      ?      ? ?    'X-RAY DIFFRACTION' ? 
r_nbtor_other                ?      ?      ? ?    'X-RAY DIFFRACTION' ? 
r_xyhbond_nbd_refined        ?      ?      ? ?    'X-RAY DIFFRACTION' ? 
r_xyhbond_nbd_other          ?      ?      ? ?    'X-RAY DIFFRACTION' ? 
r_metal_ion_refined          ?      ?      ? ?    'X-RAY DIFFRACTION' ? 
r_metal_ion_other            ?      ?      ? ?    'X-RAY DIFFRACTION' ? 
r_symmetry_vdw_refined       ?      ?      ? ?    'X-RAY DIFFRACTION' ? 
r_symmetry_vdw_other         ?      ?      ? ?    'X-RAY DIFFRACTION' ? 
r_symmetry_hbond_refined     ?      ?      ? ?    'X-RAY DIFFRACTION' ? 
r_symmetry_hbond_other       ?      ?      ? ?    'X-RAY DIFFRACTION' ? 
r_symmetry_metal_ion_refined ?      ?      ? ?    'X-RAY DIFFRACTION' ? 
r_symmetry_metal_ion_other   ?      ?      ? ?    'X-RAY DIFFRACTION' ? 
r_mcbond_it                  1.743  1.500  ? 483  'X-RAY DIFFRACTION' ? 
r_mcbond_other               ?      ?      ? ?    'X-RAY DIFFRACTION' ? 
r_mcangle_it                 2.889  2.000  ? 777  'X-RAY DIFFRACTION' ? 
r_mcangle_other              ?      ?      ? ?    'X-RAY DIFFRACTION' ? 
r_scbond_it                  3.986  3.000  ? 307  'X-RAY DIFFRACTION' ? 
r_scbond_other               ?      ?      ? ?    'X-RAY DIFFRACTION' ? 
r_scangle_it                 6.469  4.500  ? 280  'X-RAY DIFFRACTION' ? 
r_scangle_other              ?      ?      ? ?    'X-RAY DIFFRACTION' ? 
r_long_range_B_refined       ?      ?      ? ?    'X-RAY DIFFRACTION' ? 
r_long_range_B_other         ?      ?      ? ?    'X-RAY DIFFRACTION' ? 
r_rigid_bond_restr           ?      ?      ? ?    'X-RAY DIFFRACTION' ? 
r_sphericity_free            ?      ?      ? ?    'X-RAY DIFFRACTION' ? 
r_sphericity_bonded          ?      ?      ? ?    'X-RAY DIFFRACTION' ? 
# 
_refine_ls_shell.pdbx_refine_id                   'X-RAY DIFFRACTION' 
_refine_ls_shell.pdbx_total_number_of_bins_used   20 
_refine_ls_shell.d_res_high                       1.600 
_refine_ls_shell.d_res_low                        1.642 
_refine_ls_shell.number_reflns_R_work             1415 
_refine_ls_shell.R_factor_R_work                  0.250 
_refine_ls_shell.percent_reflns_obs               96.28 
_refine_ls_shell.R_factor_R_free                  0.274 
_refine_ls_shell.R_factor_R_free_error            ? 
_refine_ls_shell.percent_reflns_R_free            ? 
_refine_ls_shell.number_reflns_R_free             86 
_refine_ls_shell.number_reflns_all                ? 
_refine_ls_shell.R_factor_all                     ? 
# 
_struct.entry_id                  4AQJ 
_struct.title                     'Structure of human S100A7 D24G bound to zinc and calcium' 
_struct.pdbx_model_details        ? 
_struct.pdbx_CASP_flag            ? 
_struct.pdbx_model_type_details   ? 
# 
_struct_keywords.entry_id        4AQJ 
_struct_keywords.pdbx_keywords   'METAL BINDING PROTEIN' 
_struct_keywords.text            'METAL BINDING PROTEIN, CANCER, INFLAMMATION, EF-HAND' 
# 
loop_
_struct_asym.id 
_struct_asym.pdbx_blank_PDB_chainid_flag 
_struct_asym.pdbx_modified 
_struct_asym.entity_id 
_struct_asym.details 
A N N 1 ? 
B N N 2 ? 
C N N 3 ? 
D N N 4 ? 
E N N 5 ? 
# 
_struct_ref.id                         1 
_struct_ref.db_name                    UNP 
_struct_ref.db_code                    S10A7_HUMAN 
_struct_ref.entity_id                  1 
_struct_ref.pdbx_seq_one_letter_code   ? 
_struct_ref.pdbx_align_begin           ? 
_struct_ref.pdbx_db_accession          P31151 
_struct_ref.pdbx_db_isoform            ? 
# 
_struct_ref_seq.align_id                      1 
_struct_ref_seq.ref_id                        1 
_struct_ref_seq.pdbx_PDB_id_code              4AQJ 
_struct_ref_seq.pdbx_strand_id                A 
_struct_ref_seq.seq_align_beg                 6 
_struct_ref_seq.pdbx_seq_align_beg_ins_code   ? 
_struct_ref_seq.seq_align_end                 106 
_struct_ref_seq.pdbx_seq_align_end_ins_code   ? 
_struct_ref_seq.pdbx_db_accession             P31151 
_struct_ref_seq.db_align_beg                  1 
_struct_ref_seq.pdbx_db_align_beg_ins_code    ? 
_struct_ref_seq.db_align_end                  101 
_struct_ref_seq.pdbx_db_align_end_ins_code    ? 
_struct_ref_seq.pdbx_auth_seq_align_beg       0 
_struct_ref_seq.pdbx_auth_seq_align_end       100 
# 
loop_
_struct_ref_seq_dif.align_id 
_struct_ref_seq_dif.pdbx_pdb_id_code 
_struct_ref_seq_dif.mon_id 
_struct_ref_seq_dif.pdbx_pdb_strand_id 
_struct_ref_seq_dif.seq_num 
_struct_ref_seq_dif.pdbx_pdb_ins_code 
_struct_ref_seq_dif.pdbx_seq_db_name 
_struct_ref_seq_dif.pdbx_seq_db_accession_code 
_struct_ref_seq_dif.db_mon_id 
_struct_ref_seq_dif.pdbx_seq_db_seq_num 
_struct_ref_seq_dif.details 
_struct_ref_seq_dif.pdbx_auth_seq_num 
_struct_ref_seq_dif.pdbx_ordinal 
1 4AQJ GLY A 1   ? UNP P31151 ?   ?  'expression tag'      -5  1  
1 4AQJ SER A 2   ? UNP P31151 ?   ?  'expression tag'      -4  2  
1 4AQJ ALA A 3   ? UNP P31151 ?   ?  'expression tag'      -3  3  
1 4AQJ MET A 4   ? UNP P31151 ?   ?  'expression tag'      -2  4  
1 4AQJ GLY A 5   ? UNP P31151 ?   ?  'expression tag'      -1  5  
1 4AQJ GLY A 30  ? UNP P31151 ASP 25 'engineered mutation' 24  6  
1 4AQJ ASP A 33  ? UNP P31151 GLU 28 variant               27  7  
1 4AQJ ALA A 107 ? UNP P31151 ?   ?  'expression tag'      101 8  
1 4AQJ ALA A 108 ? UNP P31151 ?   ?  'expression tag'      102 9  
1 4AQJ ALA A 109 ? UNP P31151 ?   ?  'expression tag'      103 10 
# 
_pdbx_struct_assembly.id                   1 
_pdbx_struct_assembly.details              author_and_software_defined_assembly 
_pdbx_struct_assembly.method_details       PISA 
_pdbx_struct_assembly.oligomeric_details   dimeric 
_pdbx_struct_assembly.oligomeric_count     2 
# 
loop_
_pdbx_struct_assembly_prop.biol_id 
_pdbx_struct_assembly_prop.type 
_pdbx_struct_assembly_prop.value 
_pdbx_struct_assembly_prop.details 
1 'ABSA (A^2)' 3080   ? 
1 MORE         -141.0 ? 
1 'SSA (A^2)'  10030  ? 
# 
_pdbx_struct_assembly_gen.assembly_id       1 
_pdbx_struct_assembly_gen.oper_expression   1,2 
_pdbx_struct_assembly_gen.asym_id_list      A,B,C,D,E 
# 
loop_
_pdbx_struct_oper_list.id 
_pdbx_struct_oper_list.type 
_pdbx_struct_oper_list.name 
_pdbx_struct_oper_list.symmetry_operation 
_pdbx_struct_oper_list.matrix[1][1] 
_pdbx_struct_oper_list.matrix[1][2] 
_pdbx_struct_oper_list.matrix[1][3] 
_pdbx_struct_oper_list.vector[1] 
_pdbx_struct_oper_list.matrix[2][1] 
_pdbx_struct_oper_list.matrix[2][2] 
_pdbx_struct_oper_list.matrix[2][3] 
_pdbx_struct_oper_list.vector[2] 
_pdbx_struct_oper_list.matrix[3][1] 
_pdbx_struct_oper_list.matrix[3][2] 
_pdbx_struct_oper_list.matrix[3][3] 
_pdbx_struct_oper_list.vector[3] 
1 'identity operation'         1_555 x,y,z  1.0000000000  0.0000000000  0.0000000000 0.0000000000 0.0000000000  1.0000000000  0.0000000000  0.0000000000   0.0000000000 0.0000000000  1.0000000000  0.0000000000   
2 'crystal symmetry operation' 7_555 y,x,-z -0.7675614693 -0.4415294860 0.4646515940 6.5749468709 -0.4415294860 -0.1612910025 -0.8826306846 -11.2079759507 0.4646515940 -0.8826306846 -0.0711475281 -13.9393105178 
# 
_struct_biol.id   1 
# 
loop_
_struct_conf.conf_type_id 
_struct_conf.id 
_struct_conf.pdbx_PDB_helix_id 
_struct_conf.beg_label_comp_id 
_struct_conf.beg_label_asym_id 
_struct_conf.beg_label_seq_id 
_struct_conf.pdbx_beg_PDB_ins_code 
_struct_conf.end_label_comp_id 
_struct_conf.end_label_asym_id 
_struct_conf.end_label_seq_id 
_struct_conf.pdbx_end_PDB_ins_code 
_struct_conf.beg_auth_comp_id 
_struct_conf.beg_auth_asym_id 
_struct_conf.beg_auth_seq_id 
_struct_conf.end_auth_comp_id 
_struct_conf.end_auth_asym_id 
_struct_conf.end_auth_seq_id 
_struct_conf.pdbx_PDB_helix_class 
_struct_conf.details 
_struct_conf.pdbx_PDB_helix_length 
HELX_P HELX_P1 1 THR A 9  ? THR A 26 ? THR A 3  THR A 20 1 ? 18 
HELX_P HELX_P2 2 ASP A 33 ? PHE A 45 ? ASP A 27 PHE A 39 1 ? 13 
HELX_P HELX_P3 3 PHE A 45 ? LYS A 55 ? PHE A 39 LYS A 49 1 ? 11 
HELX_P HELX_P4 4 ASP A 62 ? ASP A 68 ? ASP A 56 ASP A 62 1 ? 7  
HELX_P HELX_P5 5 ASP A 76 ? HIS A 96 ? ASP A 70 HIS A 90 1 ? 21 
# 
_struct_conf_type.id          HELX_P 
_struct_conf_type.criteria    ? 
_struct_conf_type.reference   ? 
# 
loop_
_struct_conn.id 
_struct_conn.conn_type_id 
_struct_conn.pdbx_leaving_atom_flag 
_struct_conn.pdbx_PDB_id 
_struct_conn.ptnr1_label_asym_id 
_struct_conn.ptnr1_label_comp_id 
_struct_conn.ptnr1_label_seq_id 
_struct_conn.ptnr1_label_atom_id 
_struct_conn.pdbx_ptnr1_label_alt_id 
_struct_conn.pdbx_ptnr1_PDB_ins_code 
_struct_conn.pdbx_ptnr1_standard_comp_id 
_struct_conn.ptnr1_symmetry 
_struct_conn.ptnr2_label_asym_id 
_struct_conn.ptnr2_label_comp_id 
_struct_conn.ptnr2_label_seq_id 
_struct_conn.ptnr2_label_atom_id 
_struct_conn.pdbx_ptnr2_label_alt_id 
_struct_conn.pdbx_ptnr2_PDB_ins_code 
_struct_conn.ptnr1_auth_asym_id 
_struct_conn.ptnr1_auth_comp_id 
_struct_conn.ptnr1_auth_seq_id 
_struct_conn.ptnr2_auth_asym_id 
_struct_conn.ptnr2_auth_comp_id 
_struct_conn.ptnr2_auth_seq_id 
_struct_conn.ptnr2_symmetry 
_struct_conn.pdbx_ptnr3_label_atom_id 
_struct_conn.pdbx_ptnr3_label_seq_id 
_struct_conn.pdbx_ptnr3_label_comp_id 
_struct_conn.pdbx_ptnr3_label_asym_id 
_struct_conn.pdbx_ptnr3_label_alt_id 
_struct_conn.pdbx_ptnr3_PDB_ins_code 
_struct_conn.details 
_struct_conn.pdbx_dist_value 
_struct_conn.pdbx_value_order 
_struct_conn.pdbx_role 
disulf1  disulf ? ? A CYS 52 SG  ? ? ? 1_555 A CYS 101 SG ? ? A CYS 46   A CYS 95   1_555 ? ? ? ? ? ? ? 2.050 ? ? 
metalc1  metalc ? ? A HIS 23 NE2 ? ? ? 7_555 D ZN  .   ZN ? ? A HIS 17   A ZN  1099 1_555 ? ? ? ? ? ? ? 2.090 ? ? 
metalc2  metalc ? ? A ASP 68 OD1 ? ? ? 1_555 B CA  .   CA ? ? A ASP 62   A CA  1097 1_555 ? ? ? ? ? ? ? 2.352 ? ? 
metalc3  metalc ? ? A ASN 70 OD1 ? ? ? 1_555 B CA  .   CA ? ? A ASN 64   A CA  1097 1_555 ? ? ? ? ? ? ? 2.398 ? ? 
metalc4  metalc ? ? A ASP 72 OD1 ? ? ? 1_555 B CA  .   CA ? ? A ASP 66   A CA  1097 1_555 ? ? ? ? ? ? ? 2.429 ? ? 
metalc5  metalc ? ? A LYS 74 O   ? ? ? 1_555 B CA  .   CA ? ? A LYS 68   A CA  1097 1_555 ? ? ? ? ? ? ? 2.339 ? ? 
metalc6  metalc ? ? A GLU 79 OE2 ? ? ? 1_555 B CA  .   CA ? ? A GLU 73   A CA  1097 1_555 ? ? ? ? ? ? ? 2.548 ? ? 
metalc7  metalc ? ? A GLU 79 OE1 ? ? ? 1_555 B CA  .   CA ? ? A GLU 73   A CA  1097 1_555 ? ? ? ? ? ? ? 2.393 ? ? 
metalc8  metalc ? ? A HIS 92 NE2 ? ? ? 1_555 D ZN  .   ZN ? ? A HIS 86   A ZN  1099 1_555 ? ? ? ? ? ? ? 2.061 ? ? 
metalc9  metalc ? ? A HIS 96 NE2 ? ? ? 1_555 D ZN  .   ZN ? ? A HIS 90   A ZN  1099 1_555 ? ? ? ? ? ? ? 1.982 ? ? 
metalc10 metalc ? ? B CA  .  CA  ? ? ? 1_555 E HOH .   O  ? ? A CA  1097 A HOH 2113 1_555 ? ? ? ? ? ? ? 2.378 ? ? 
metalc11 metalc ? ? C CL  .  CL  ? ? ? 1_555 D ZN  .   ZN ? ? A CL  1098 A ZN  1099 1_555 ? ? ? ? ? ? ? 2.155 ? ? 
# 
loop_
_struct_conn_type.id 
_struct_conn_type.criteria 
_struct_conn_type.reference 
disulf ? ? 
metalc ? ? 
# 
loop_
_pdbx_struct_conn_angle.id 
_pdbx_struct_conn_angle.ptnr1_label_atom_id 
_pdbx_struct_conn_angle.ptnr1_label_alt_id 
_pdbx_struct_conn_angle.ptnr1_label_asym_id 
_pdbx_struct_conn_angle.ptnr1_label_comp_id 
_pdbx_struct_conn_angle.ptnr1_label_seq_id 
_pdbx_struct_conn_angle.ptnr1_auth_atom_id 
_pdbx_struct_conn_angle.ptnr1_auth_asym_id 
_pdbx_struct_conn_angle.ptnr1_auth_comp_id 
_pdbx_struct_conn_angle.ptnr1_auth_seq_id 
_pdbx_struct_conn_angle.ptnr1_PDB_ins_code 
_pdbx_struct_conn_angle.ptnr1_symmetry 
_pdbx_struct_conn_angle.ptnr2_label_atom_id 
_pdbx_struct_conn_angle.ptnr2_label_alt_id 
_pdbx_struct_conn_angle.ptnr2_label_asym_id 
_pdbx_struct_conn_angle.ptnr2_label_comp_id 
_pdbx_struct_conn_angle.ptnr2_label_seq_id 
_pdbx_struct_conn_angle.ptnr2_auth_atom_id 
_pdbx_struct_conn_angle.ptnr2_auth_asym_id 
_pdbx_struct_conn_angle.ptnr2_auth_comp_id 
_pdbx_struct_conn_angle.ptnr2_auth_seq_id 
_pdbx_struct_conn_angle.ptnr2_PDB_ins_code 
_pdbx_struct_conn_angle.ptnr2_symmetry 
_pdbx_struct_conn_angle.ptnr3_label_atom_id 
_pdbx_struct_conn_angle.ptnr3_label_alt_id 
_pdbx_struct_conn_angle.ptnr3_label_asym_id 
_pdbx_struct_conn_angle.ptnr3_label_comp_id 
_pdbx_struct_conn_angle.ptnr3_label_seq_id 
_pdbx_struct_conn_angle.ptnr3_auth_atom_id 
_pdbx_struct_conn_angle.ptnr3_auth_asym_id 
_pdbx_struct_conn_angle.ptnr3_auth_comp_id 
_pdbx_struct_conn_angle.ptnr3_auth_seq_id 
_pdbx_struct_conn_angle.ptnr3_PDB_ins_code 
_pdbx_struct_conn_angle.ptnr3_symmetry 
_pdbx_struct_conn_angle.value 
_pdbx_struct_conn_angle.value_esd 
1  NE2 ? A HIS 23 ? A HIS 17 ? 7_555 ZN ? D ZN . ? A ZN 1099 ? 1_555 NE2 ? A HIS 92 ? A HIS 86   ? 1_555 109.3 ? 
2  NE2 ? A HIS 23 ? A HIS 17 ? 7_555 ZN ? D ZN . ? A ZN 1099 ? 1_555 NE2 ? A HIS 96 ? A HIS 90   ? 1_555 115.7 ? 
3  NE2 ? A HIS 92 ? A HIS 86 ? 1_555 ZN ? D ZN . ? A ZN 1099 ? 1_555 NE2 ? A HIS 96 ? A HIS 90   ? 1_555 103.1 ? 
4  NE2 ? A HIS 23 ? A HIS 17 ? 7_555 ZN ? D ZN . ? A ZN 1099 ? 1_555 CL  ? C CL  .  ? A CL  1098 ? 1_555 110.4 ? 
5  NE2 ? A HIS 92 ? A HIS 86 ? 1_555 ZN ? D ZN . ? A ZN 1099 ? 1_555 CL  ? C CL  .  ? A CL  1098 ? 1_555 116.0 ? 
6  NE2 ? A HIS 96 ? A HIS 90 ? 1_555 ZN ? D ZN . ? A ZN 1099 ? 1_555 CL  ? C CL  .  ? A CL  1098 ? 1_555 102.2 ? 
7  OD1 ? A ASP 68 ? A ASP 62 ? 1_555 CA ? B CA . ? A CA 1097 ? 1_555 OD1 ? A ASN 70 ? A ASN 64   ? 1_555 84.9  ? 
8  OD1 ? A ASP 68 ? A ASP 62 ? 1_555 CA ? B CA . ? A CA 1097 ? 1_555 OD1 ? A ASP 72 ? A ASP 66   ? 1_555 82.5  ? 
9  OD1 ? A ASN 70 ? A ASN 64 ? 1_555 CA ? B CA . ? A CA 1097 ? 1_555 OD1 ? A ASP 72 ? A ASP 66   ? 1_555 79.1  ? 
10 OD1 ? A ASP 68 ? A ASP 62 ? 1_555 CA ? B CA . ? A CA 1097 ? 1_555 O   ? A LYS 74 ? A LYS 68   ? 1_555 84.7  ? 
11 OD1 ? A ASN 70 ? A ASN 64 ? 1_555 CA ? B CA . ? A CA 1097 ? 1_555 O   ? A LYS 74 ? A LYS 68   ? 1_555 155.4 ? 
12 OD1 ? A ASP 72 ? A ASP 66 ? 1_555 CA ? B CA . ? A CA 1097 ? 1_555 O   ? A LYS 74 ? A LYS 68   ? 1_555 77.4  ? 
13 OD1 ? A ASP 68 ? A ASP 62 ? 1_555 CA ? B CA . ? A CA 1097 ? 1_555 OE2 ? A GLU 79 ? A GLU 73   ? 1_555 95.6  ? 
14 OD1 ? A ASN 70 ? A ASN 64 ? 1_555 CA ? B CA . ? A CA 1097 ? 1_555 OE2 ? A GLU 79 ? A GLU 73   ? 1_555 77.5  ? 
15 OD1 ? A ASP 72 ? A ASP 66 ? 1_555 CA ? B CA . ? A CA 1097 ? 1_555 OE2 ? A GLU 79 ? A GLU 73   ? 1_555 156.6 ? 
16 O   ? A LYS 74 ? A LYS 68 ? 1_555 CA ? B CA . ? A CA 1097 ? 1_555 OE2 ? A GLU 79 ? A GLU 73   ? 1_555 125.7 ? 
17 OD1 ? A ASP 68 ? A ASP 62 ? 1_555 CA ? B CA . ? A CA 1097 ? 1_555 OE1 ? A GLU 79 ? A GLU 73   ? 1_555 114.1 ? 
18 OD1 ? A ASN 70 ? A ASN 64 ? 1_555 CA ? B CA . ? A CA 1097 ? 1_555 OE1 ? A GLU 79 ? A GLU 73   ? 1_555 125.8 ? 
19 OD1 ? A ASP 72 ? A ASP 66 ? 1_555 CA ? B CA . ? A CA 1097 ? 1_555 OE1 ? A GLU 79 ? A GLU 73   ? 1_555 149.4 ? 
20 O   ? A LYS 74 ? A LYS 68 ? 1_555 CA ? B CA . ? A CA 1097 ? 1_555 OE1 ? A GLU 79 ? A GLU 73   ? 1_555 78.8  ? 
21 OE2 ? A GLU 79 ? A GLU 73 ? 1_555 CA ? B CA . ? A CA 1097 ? 1_555 OE1 ? A GLU 79 ? A GLU 73   ? 1_555 51.7  ? 
22 OD1 ? A ASP 68 ? A ASP 62 ? 1_555 CA ? B CA . ? A CA 1097 ? 1_555 O   ? E HOH .  ? A HOH 2113 ? 1_555 162.2 ? 
23 OD1 ? A ASN 70 ? A ASN 64 ? 1_555 CA ? B CA . ? A CA 1097 ? 1_555 O   ? E HOH .  ? A HOH 2113 ? 1_555 90.0  ? 
24 OD1 ? A ASP 72 ? A ASP 66 ? 1_555 CA ? B CA . ? A CA 1097 ? 1_555 O   ? E HOH .  ? A HOH 2113 ? 1_555 79.8  ? 
25 O   ? A LYS 74 ? A LYS 68 ? 1_555 CA ? B CA . ? A CA 1097 ? 1_555 O   ? E HOH .  ? A HOH 2113 ? 1_555 93.2  ? 
26 OE2 ? A GLU 79 ? A GLU 73 ? 1_555 CA ? B CA . ? A CA 1097 ? 1_555 O   ? E HOH .  ? A HOH 2113 ? 1_555 99.9  ? 
27 OE1 ? A GLU 79 ? A GLU 73 ? 1_555 CA ? B CA . ? A CA 1097 ? 1_555 O   ? E HOH .  ? A HOH 2113 ? 1_555 82.6  ? 
# 
_pdbx_modification_feature.ordinal                            1 
_pdbx_modification_feature.label_comp_id                      CYS 
_pdbx_modification_feature.label_asym_id                      A 
_pdbx_modification_feature.label_seq_id                       52 
_pdbx_modification_feature.label_alt_id                       ? 
_pdbx_modification_feature.modified_residue_label_comp_id     CYS 
_pdbx_modification_feature.modified_residue_label_asym_id     A 
_pdbx_modification_feature.modified_residue_label_seq_id      101 
_pdbx_modification_feature.modified_residue_label_alt_id      ? 
_pdbx_modification_feature.auth_comp_id                       CYS 
_pdbx_modification_feature.auth_asym_id                       A 
_pdbx_modification_feature.auth_seq_id                        46 
_pdbx_modification_feature.PDB_ins_code                       ? 
_pdbx_modification_feature.symmetry                           1_555 
_pdbx_modification_feature.modified_residue_auth_comp_id      CYS 
_pdbx_modification_feature.modified_residue_auth_asym_id      A 
_pdbx_modification_feature.modified_residue_auth_seq_id       95 
_pdbx_modification_feature.modified_residue_PDB_ins_code      ? 
_pdbx_modification_feature.modified_residue_symmetry          1_555 
_pdbx_modification_feature.comp_id_linking_atom               SG 
_pdbx_modification_feature.modified_residue_id_linking_atom   SG 
_pdbx_modification_feature.modified_residue_id                . 
_pdbx_modification_feature.ref_pcm_id                         . 
_pdbx_modification_feature.ref_comp_id                        . 
_pdbx_modification_feature.type                               None 
_pdbx_modification_feature.category                           'Disulfide bridge' 
# 
loop_
_struct_site.id 
_struct_site.pdbx_evidence_code 
_struct_site.pdbx_auth_asym_id 
_struct_site.pdbx_auth_comp_id 
_struct_site.pdbx_auth_seq_id 
_struct_site.pdbx_auth_ins_code 
_struct_site.pdbx_num_residues 
_struct_site.details 
AC1 Software A CA 1097 ? 6 'BINDING SITE FOR RESIDUE CA A 1097' 
AC2 Software A CL 1098 ? 5 'BINDING SITE FOR RESIDUE CL A 1098' 
AC3 Software A ZN 1099 ? 4 'BINDING SITE FOR RESIDUE ZN A 1099' 
# 
loop_
_struct_site_gen.id 
_struct_site_gen.site_id 
_struct_site_gen.pdbx_num_res 
_struct_site_gen.label_comp_id 
_struct_site_gen.label_asym_id 
_struct_site_gen.label_seq_id 
_struct_site_gen.pdbx_auth_ins_code 
_struct_site_gen.auth_comp_id 
_struct_site_gen.auth_asym_id 
_struct_site_gen.auth_seq_id 
_struct_site_gen.label_atom_id 
_struct_site_gen.label_alt_id 
_struct_site_gen.symmetry 
_struct_site_gen.details 
1  AC1 6 ASP A 68 ? ASP A 62   . ? 1_555 ? 
2  AC1 6 ASN A 70 ? ASN A 64   . ? 1_555 ? 
3  AC1 6 ASP A 72 ? ASP A 66   . ? 1_555 ? 
4  AC1 6 LYS A 74 ? LYS A 68   . ? 1_555 ? 
5  AC1 6 GLU A 79 ? GLU A 73   . ? 1_555 ? 
6  AC1 6 HOH E .  ? HOH A 2113 . ? 1_555 ? 
7  AC2 5 HIS A 23 ? HIS A 17   . ? 7_555 ? 
8  AC2 5 GLY A 30 ? GLY A 24   . ? 7_555 ? 
9  AC2 5 HIS A 92 ? HIS A 86   . ? 1_555 ? 
10 AC2 5 HIS A 96 ? HIS A 90   . ? 1_555 ? 
11 AC2 5 ZN  D .  ? ZN  A 1099 . ? 1_555 ? 
12 AC3 4 HIS A 23 ? HIS A 17   . ? 7_555 ? 
13 AC3 4 HIS A 92 ? HIS A 86   . ? 1_555 ? 
14 AC3 4 HIS A 96 ? HIS A 90   . ? 1_555 ? 
15 AC3 4 CL  C .  ? CL  A 1098 . ? 1_555 ? 
# 
_pdbx_entry_details.entry_id                   4AQJ 
_pdbx_entry_details.compound_details           'ENGINEERED RESIDUE IN CHAIN A, ASP  25 TO GLY' 
_pdbx_entry_details.source_details             ? 
_pdbx_entry_details.nonpolymer_details         ? 
_pdbx_entry_details.sequence_details           ? 
_pdbx_entry_details.has_ligand_of_interest     ? 
_pdbx_entry_details.has_protein_modification   Y 
# 
loop_
_pdbx_distant_solvent_atoms.id 
_pdbx_distant_solvent_atoms.PDB_model_num 
_pdbx_distant_solvent_atoms.auth_atom_id 
_pdbx_distant_solvent_atoms.label_alt_id 
_pdbx_distant_solvent_atoms.auth_asym_id 
_pdbx_distant_solvent_atoms.auth_comp_id 
_pdbx_distant_solvent_atoms.auth_seq_id 
_pdbx_distant_solvent_atoms.PDB_ins_code 
_pdbx_distant_solvent_atoms.neighbor_macromolecule_distance 
_pdbx_distant_solvent_atoms.neighbor_ligand_distance 
1 1 O ? A HOH 2018 ? 5.87 . 
2 1 O ? A HOH 2023 ? 6.20 . 
3 1 O ? A HOH 2024 ? 5.81 . 
# 
loop_
_pdbx_unobs_or_zero_occ_residues.id 
_pdbx_unobs_or_zero_occ_residues.PDB_model_num 
_pdbx_unobs_or_zero_occ_residues.polymer_flag 
_pdbx_unobs_or_zero_occ_residues.occupancy_flag 
_pdbx_unobs_or_zero_occ_residues.auth_asym_id 
_pdbx_unobs_or_zero_occ_residues.auth_comp_id 
_pdbx_unobs_or_zero_occ_residues.auth_seq_id 
_pdbx_unobs_or_zero_occ_residues.PDB_ins_code 
_pdbx_unobs_or_zero_occ_residues.label_asym_id 
_pdbx_unobs_or_zero_occ_residues.label_comp_id 
_pdbx_unobs_or_zero_occ_residues.label_seq_id 
1  1 Y 1 A GLY -5  ? A GLY 1   
2  1 Y 1 A SER -4  ? A SER 2   
3  1 Y 1 A ALA -3  ? A ALA 3   
4  1 Y 1 A MET -2  ? A MET 4   
5  1 Y 1 A GLY -1  ? A GLY 5   
6  1 Y 1 A MET 0   ? A MET 6   
7  1 Y 1 A GLY 97  ? A GLY 103 
8  1 Y 1 A GLY 98  ? A GLY 104 
9  1 Y 1 A SER 99  ? A SER 105 
10 1 Y 1 A GLN 100 ? A GLN 106 
11 1 Y 1 A ALA 101 ? A ALA 107 
12 1 Y 1 A ALA 102 ? A ALA 108 
13 1 Y 1 A ALA 103 ? A ALA 109 
# 
loop_
_chem_comp_atom.comp_id 
_chem_comp_atom.atom_id 
_chem_comp_atom.type_symbol 
_chem_comp_atom.pdbx_aromatic_flag 
_chem_comp_atom.pdbx_stereo_config 
_chem_comp_atom.pdbx_ordinal 
ALA N    N  N N 1   
ALA CA   C  N S 2   
ALA C    C  N N 3   
ALA O    O  N N 4   
ALA CB   C  N N 5   
ALA OXT  O  N N 6   
ALA H    H  N N 7   
ALA H2   H  N N 8   
ALA HA   H  N N 9   
ALA HB1  H  N N 10  
ALA HB2  H  N N 11  
ALA HB3  H  N N 12  
ALA HXT  H  N N 13  
ARG N    N  N N 14  
ARG CA   C  N S 15  
ARG C    C  N N 16  
ARG O    O  N N 17  
ARG CB   C  N N 18  
ARG CG   C  N N 19  
ARG CD   C  N N 20  
ARG NE   N  N N 21  
ARG CZ   C  N N 22  
ARG NH1  N  N N 23  
ARG NH2  N  N N 24  
ARG OXT  O  N N 25  
ARG H    H  N N 26  
ARG H2   H  N N 27  
ARG HA   H  N N 28  
ARG HB2  H  N N 29  
ARG HB3  H  N N 30  
ARG HG2  H  N N 31  
ARG HG3  H  N N 32  
ARG HD2  H  N N 33  
ARG HD3  H  N N 34  
ARG HE   H  N N 35  
ARG HH11 H  N N 36  
ARG HH12 H  N N 37  
ARG HH21 H  N N 38  
ARG HH22 H  N N 39  
ARG HXT  H  N N 40  
ASN N    N  N N 41  
ASN CA   C  N S 42  
ASN C    C  N N 43  
ASN O    O  N N 44  
ASN CB   C  N N 45  
ASN CG   C  N N 46  
ASN OD1  O  N N 47  
ASN ND2  N  N N 48  
ASN OXT  O  N N 49  
ASN H    H  N N 50  
ASN H2   H  N N 51  
ASN HA   H  N N 52  
ASN HB2  H  N N 53  
ASN HB3  H  N N 54  
ASN HD21 H  N N 55  
ASN HD22 H  N N 56  
ASN HXT  H  N N 57  
ASP N    N  N N 58  
ASP CA   C  N S 59  
ASP C    C  N N 60  
ASP O    O  N N 61  
ASP CB   C  N N 62  
ASP CG   C  N N 63  
ASP OD1  O  N N 64  
ASP OD2  O  N N 65  
ASP OXT  O  N N 66  
ASP H    H  N N 67  
ASP H2   H  N N 68  
ASP HA   H  N N 69  
ASP HB2  H  N N 70  
ASP HB3  H  N N 71  
ASP HD2  H  N N 72  
ASP HXT  H  N N 73  
CA  CA   CA N N 74  
CL  CL   CL N N 75  
CYS N    N  N N 76  
CYS CA   C  N R 77  
CYS C    C  N N 78  
CYS O    O  N N 79  
CYS CB   C  N N 80  
CYS SG   S  N N 81  
CYS OXT  O  N N 82  
CYS H    H  N N 83  
CYS H2   H  N N 84  
CYS HA   H  N N 85  
CYS HB2  H  N N 86  
CYS HB3  H  N N 87  
CYS HG   H  N N 88  
CYS HXT  H  N N 89  
GLN N    N  N N 90  
GLN CA   C  N S 91  
GLN C    C  N N 92  
GLN O    O  N N 93  
GLN CB   C  N N 94  
GLN CG   C  N N 95  
GLN CD   C  N N 96  
GLN OE1  O  N N 97  
GLN NE2  N  N N 98  
GLN OXT  O  N N 99  
GLN H    H  N N 100 
GLN H2   H  N N 101 
GLN HA   H  N N 102 
GLN HB2  H  N N 103 
GLN HB3  H  N N 104 
GLN HG2  H  N N 105 
GLN HG3  H  N N 106 
GLN HE21 H  N N 107 
GLN HE22 H  N N 108 
GLN HXT  H  N N 109 
GLU N    N  N N 110 
GLU CA   C  N S 111 
GLU C    C  N N 112 
GLU O    O  N N 113 
GLU CB   C  N N 114 
GLU CG   C  N N 115 
GLU CD   C  N N 116 
GLU OE1  O  N N 117 
GLU OE2  O  N N 118 
GLU OXT  O  N N 119 
GLU H    H  N N 120 
GLU H2   H  N N 121 
GLU HA   H  N N 122 
GLU HB2  H  N N 123 
GLU HB3  H  N N 124 
GLU HG2  H  N N 125 
GLU HG3  H  N N 126 
GLU HE2  H  N N 127 
GLU HXT  H  N N 128 
GLY N    N  N N 129 
GLY CA   C  N N 130 
GLY C    C  N N 131 
GLY O    O  N N 132 
GLY OXT  O  N N 133 
GLY H    H  N N 134 
GLY H2   H  N N 135 
GLY HA2  H  N N 136 
GLY HA3  H  N N 137 
GLY HXT  H  N N 138 
HIS N    N  N N 139 
HIS CA   C  N S 140 
HIS C    C  N N 141 
HIS O    O  N N 142 
HIS CB   C  N N 143 
HIS CG   C  Y N 144 
HIS ND1  N  Y N 145 
HIS CD2  C  Y N 146 
HIS CE1  C  Y N 147 
HIS NE2  N  Y N 148 
HIS OXT  O  N N 149 
HIS H    H  N N 150 
HIS H2   H  N N 151 
HIS HA   H  N N 152 
HIS HB2  H  N N 153 
HIS HB3  H  N N 154 
HIS HD1  H  N N 155 
HIS HD2  H  N N 156 
HIS HE1  H  N N 157 
HIS HE2  H  N N 158 
HIS HXT  H  N N 159 
HOH O    O  N N 160 
HOH H1   H  N N 161 
HOH H2   H  N N 162 
ILE N    N  N N 163 
ILE CA   C  N S 164 
ILE C    C  N N 165 
ILE O    O  N N 166 
ILE CB   C  N S 167 
ILE CG1  C  N N 168 
ILE CG2  C  N N 169 
ILE CD1  C  N N 170 
ILE OXT  O  N N 171 
ILE H    H  N N 172 
ILE H2   H  N N 173 
ILE HA   H  N N 174 
ILE HB   H  N N 175 
ILE HG12 H  N N 176 
ILE HG13 H  N N 177 
ILE HG21 H  N N 178 
ILE HG22 H  N N 179 
ILE HG23 H  N N 180 
ILE HD11 H  N N 181 
ILE HD12 H  N N 182 
ILE HD13 H  N N 183 
ILE HXT  H  N N 184 
LEU N    N  N N 185 
LEU CA   C  N S 186 
LEU C    C  N N 187 
LEU O    O  N N 188 
LEU CB   C  N N 189 
LEU CG   C  N N 190 
LEU CD1  C  N N 191 
LEU CD2  C  N N 192 
LEU OXT  O  N N 193 
LEU H    H  N N 194 
LEU H2   H  N N 195 
LEU HA   H  N N 196 
LEU HB2  H  N N 197 
LEU HB3  H  N N 198 
LEU HG   H  N N 199 
LEU HD11 H  N N 200 
LEU HD12 H  N N 201 
LEU HD13 H  N N 202 
LEU HD21 H  N N 203 
LEU HD22 H  N N 204 
LEU HD23 H  N N 205 
LEU HXT  H  N N 206 
LYS N    N  N N 207 
LYS CA   C  N S 208 
LYS C    C  N N 209 
LYS O    O  N N 210 
LYS CB   C  N N 211 
LYS CG   C  N N 212 
LYS CD   C  N N 213 
LYS CE   C  N N 214 
LYS NZ   N  N N 215 
LYS OXT  O  N N 216 
LYS H    H  N N 217 
LYS H2   H  N N 218 
LYS HA   H  N N 219 
LYS HB2  H  N N 220 
LYS HB3  H  N N 221 
LYS HG2  H  N N 222 
LYS HG3  H  N N 223 
LYS HD2  H  N N 224 
LYS HD3  H  N N 225 
LYS HE2  H  N N 226 
LYS HE3  H  N N 227 
LYS HZ1  H  N N 228 
LYS HZ2  H  N N 229 
LYS HZ3  H  N N 230 
LYS HXT  H  N N 231 
MET N    N  N N 232 
MET CA   C  N S 233 
MET C    C  N N 234 
MET O    O  N N 235 
MET CB   C  N N 236 
MET CG   C  N N 237 
MET SD   S  N N 238 
MET CE   C  N N 239 
MET OXT  O  N N 240 
MET H    H  N N 241 
MET H2   H  N N 242 
MET HA   H  N N 243 
MET HB2  H  N N 244 
MET HB3  H  N N 245 
MET HG2  H  N N 246 
MET HG3  H  N N 247 
MET HE1  H  N N 248 
MET HE2  H  N N 249 
MET HE3  H  N N 250 
MET HXT  H  N N 251 
PHE N    N  N N 252 
PHE CA   C  N S 253 
PHE C    C  N N 254 
PHE O    O  N N 255 
PHE CB   C  N N 256 
PHE CG   C  Y N 257 
PHE CD1  C  Y N 258 
PHE CD2  C  Y N 259 
PHE CE1  C  Y N 260 
PHE CE2  C  Y N 261 
PHE CZ   C  Y N 262 
PHE OXT  O  N N 263 
PHE H    H  N N 264 
PHE H2   H  N N 265 
PHE HA   H  N N 266 
PHE HB2  H  N N 267 
PHE HB3  H  N N 268 
PHE HD1  H  N N 269 
PHE HD2  H  N N 270 
PHE HE1  H  N N 271 
PHE HE2  H  N N 272 
PHE HZ   H  N N 273 
PHE HXT  H  N N 274 
PRO N    N  N N 275 
PRO CA   C  N S 276 
PRO C    C  N N 277 
PRO O    O  N N 278 
PRO CB   C  N N 279 
PRO CG   C  N N 280 
PRO CD   C  N N 281 
PRO OXT  O  N N 282 
PRO H    H  N N 283 
PRO HA   H  N N 284 
PRO HB2  H  N N 285 
PRO HB3  H  N N 286 
PRO HG2  H  N N 287 
PRO HG3  H  N N 288 
PRO HD2  H  N N 289 
PRO HD3  H  N N 290 
PRO HXT  H  N N 291 
SER N    N  N N 292 
SER CA   C  N S 293 
SER C    C  N N 294 
SER O    O  N N 295 
SER CB   C  N N 296 
SER OG   O  N N 297 
SER OXT  O  N N 298 
SER H    H  N N 299 
SER H2   H  N N 300 
SER HA   H  N N 301 
SER HB2  H  N N 302 
SER HB3  H  N N 303 
SER HG   H  N N 304 
SER HXT  H  N N 305 
THR N    N  N N 306 
THR CA   C  N S 307 
THR C    C  N N 308 
THR O    O  N N 309 
THR CB   C  N R 310 
THR OG1  O  N N 311 
THR CG2  C  N N 312 
THR OXT  O  N N 313 
THR H    H  N N 314 
THR H2   H  N N 315 
THR HA   H  N N 316 
THR HB   H  N N 317 
THR HG1  H  N N 318 
THR HG21 H  N N 319 
THR HG22 H  N N 320 
THR HG23 H  N N 321 
THR HXT  H  N N 322 
TYR N    N  N N 323 
TYR CA   C  N S 324 
TYR C    C  N N 325 
TYR O    O  N N 326 
TYR CB   C  N N 327 
TYR CG   C  Y N 328 
TYR CD1  C  Y N 329 
TYR CD2  C  Y N 330 
TYR CE1  C  Y N 331 
TYR CE2  C  Y N 332 
TYR CZ   C  Y N 333 
TYR OH   O  N N 334 
TYR OXT  O  N N 335 
TYR H    H  N N 336 
TYR H2   H  N N 337 
TYR HA   H  N N 338 
TYR HB2  H  N N 339 
TYR HB3  H  N N 340 
TYR HD1  H  N N 341 
TYR HD2  H  N N 342 
TYR HE1  H  N N 343 
TYR HE2  H  N N 344 
TYR HH   H  N N 345 
TYR HXT  H  N N 346 
VAL N    N  N N 347 
VAL CA   C  N S 348 
VAL C    C  N N 349 
VAL O    O  N N 350 
VAL CB   C  N N 351 
VAL CG1  C  N N 352 
VAL CG2  C  N N 353 
VAL OXT  O  N N 354 
VAL H    H  N N 355 
VAL H2   H  N N 356 
VAL HA   H  N N 357 
VAL HB   H  N N 358 
VAL HG11 H  N N 359 
VAL HG12 H  N N 360 
VAL HG13 H  N N 361 
VAL HG21 H  N N 362 
VAL HG22 H  N N 363 
VAL HG23 H  N N 364 
VAL HXT  H  N N 365 
ZN  ZN   ZN N N 366 
# 
loop_
_chem_comp_bond.comp_id 
_chem_comp_bond.atom_id_1 
_chem_comp_bond.atom_id_2 
_chem_comp_bond.value_order 
_chem_comp_bond.pdbx_aromatic_flag 
_chem_comp_bond.pdbx_stereo_config 
_chem_comp_bond.pdbx_ordinal 
ALA N   CA   sing N N 1   
ALA N   H    sing N N 2   
ALA N   H2   sing N N 3   
ALA CA  C    sing N N 4   
ALA CA  CB   sing N N 5   
ALA CA  HA   sing N N 6   
ALA C   O    doub N N 7   
ALA C   OXT  sing N N 8   
ALA CB  HB1  sing N N 9   
ALA CB  HB2  sing N N 10  
ALA CB  HB3  sing N N 11  
ALA OXT HXT  sing N N 12  
ARG N   CA   sing N N 13  
ARG N   H    sing N N 14  
ARG N   H2   sing N N 15  
ARG CA  C    sing N N 16  
ARG CA  CB   sing N N 17  
ARG CA  HA   sing N N 18  
ARG C   O    doub N N 19  
ARG C   OXT  sing N N 20  
ARG CB  CG   sing N N 21  
ARG CB  HB2  sing N N 22  
ARG CB  HB3  sing N N 23  
ARG CG  CD   sing N N 24  
ARG CG  HG2  sing N N 25  
ARG CG  HG3  sing N N 26  
ARG CD  NE   sing N N 27  
ARG CD  HD2  sing N N 28  
ARG CD  HD3  sing N N 29  
ARG NE  CZ   sing N N 30  
ARG NE  HE   sing N N 31  
ARG CZ  NH1  sing N N 32  
ARG CZ  NH2  doub N N 33  
ARG NH1 HH11 sing N N 34  
ARG NH1 HH12 sing N N 35  
ARG NH2 HH21 sing N N 36  
ARG NH2 HH22 sing N N 37  
ARG OXT HXT  sing N N 38  
ASN N   CA   sing N N 39  
ASN N   H    sing N N 40  
ASN N   H2   sing N N 41  
ASN CA  C    sing N N 42  
ASN CA  CB   sing N N 43  
ASN CA  HA   sing N N 44  
ASN C   O    doub N N 45  
ASN C   OXT  sing N N 46  
ASN CB  CG   sing N N 47  
ASN CB  HB2  sing N N 48  
ASN CB  HB3  sing N N 49  
ASN CG  OD1  doub N N 50  
ASN CG  ND2  sing N N 51  
ASN ND2 HD21 sing N N 52  
ASN ND2 HD22 sing N N 53  
ASN OXT HXT  sing N N 54  
ASP N   CA   sing N N 55  
ASP N   H    sing N N 56  
ASP N   H2   sing N N 57  
ASP CA  C    sing N N 58  
ASP CA  CB   sing N N 59  
ASP CA  HA   sing N N 60  
ASP C   O    doub N N 61  
ASP C   OXT  sing N N 62  
ASP CB  CG   sing N N 63  
ASP CB  HB2  sing N N 64  
ASP CB  HB3  sing N N 65  
ASP CG  OD1  doub N N 66  
ASP CG  OD2  sing N N 67  
ASP OD2 HD2  sing N N 68  
ASP OXT HXT  sing N N 69  
CYS N   CA   sing N N 70  
CYS N   H    sing N N 71  
CYS N   H2   sing N N 72  
CYS CA  C    sing N N 73  
CYS CA  CB   sing N N 74  
CYS CA  HA   sing N N 75  
CYS C   O    doub N N 76  
CYS C   OXT  sing N N 77  
CYS CB  SG   sing N N 78  
CYS CB  HB2  sing N N 79  
CYS CB  HB3  sing N N 80  
CYS SG  HG   sing N N 81  
CYS OXT HXT  sing N N 82  
GLN N   CA   sing N N 83  
GLN N   H    sing N N 84  
GLN N   H2   sing N N 85  
GLN CA  C    sing N N 86  
GLN CA  CB   sing N N 87  
GLN CA  HA   sing N N 88  
GLN C   O    doub N N 89  
GLN C   OXT  sing N N 90  
GLN CB  CG   sing N N 91  
GLN CB  HB2  sing N N 92  
GLN CB  HB3  sing N N 93  
GLN CG  CD   sing N N 94  
GLN CG  HG2  sing N N 95  
GLN CG  HG3  sing N N 96  
GLN CD  OE1  doub N N 97  
GLN CD  NE2  sing N N 98  
GLN NE2 HE21 sing N N 99  
GLN NE2 HE22 sing N N 100 
GLN OXT HXT  sing N N 101 
GLU N   CA   sing N N 102 
GLU N   H    sing N N 103 
GLU N   H2   sing N N 104 
GLU CA  C    sing N N 105 
GLU CA  CB   sing N N 106 
GLU CA  HA   sing N N 107 
GLU C   O    doub N N 108 
GLU C   OXT  sing N N 109 
GLU CB  CG   sing N N 110 
GLU CB  HB2  sing N N 111 
GLU CB  HB3  sing N N 112 
GLU CG  CD   sing N N 113 
GLU CG  HG2  sing N N 114 
GLU CG  HG3  sing N N 115 
GLU CD  OE1  doub N N 116 
GLU CD  OE2  sing N N 117 
GLU OE2 HE2  sing N N 118 
GLU OXT HXT  sing N N 119 
GLY N   CA   sing N N 120 
GLY N   H    sing N N 121 
GLY N   H2   sing N N 122 
GLY CA  C    sing N N 123 
GLY CA  HA2  sing N N 124 
GLY CA  HA3  sing N N 125 
GLY C   O    doub N N 126 
GLY C   OXT  sing N N 127 
GLY OXT HXT  sing N N 128 
HIS N   CA   sing N N 129 
HIS N   H    sing N N 130 
HIS N   H2   sing N N 131 
HIS CA  C    sing N N 132 
HIS CA  CB   sing N N 133 
HIS CA  HA   sing N N 134 
HIS C   O    doub N N 135 
HIS C   OXT  sing N N 136 
HIS CB  CG   sing N N 137 
HIS CB  HB2  sing N N 138 
HIS CB  HB3  sing N N 139 
HIS CG  ND1  sing Y N 140 
HIS CG  CD2  doub Y N 141 
HIS ND1 CE1  doub Y N 142 
HIS ND1 HD1  sing N N 143 
HIS CD2 NE2  sing Y N 144 
HIS CD2 HD2  sing N N 145 
HIS CE1 NE2  sing Y N 146 
HIS CE1 HE1  sing N N 147 
HIS NE2 HE2  sing N N 148 
HIS OXT HXT  sing N N 149 
HOH O   H1   sing N N 150 
HOH O   H2   sing N N 151 
ILE N   CA   sing N N 152 
ILE N   H    sing N N 153 
ILE N   H2   sing N N 154 
ILE CA  C    sing N N 155 
ILE CA  CB   sing N N 156 
ILE CA  HA   sing N N 157 
ILE C   O    doub N N 158 
ILE C   OXT  sing N N 159 
ILE CB  CG1  sing N N 160 
ILE CB  CG2  sing N N 161 
ILE CB  HB   sing N N 162 
ILE CG1 CD1  sing N N 163 
ILE CG1 HG12 sing N N 164 
ILE CG1 HG13 sing N N 165 
ILE CG2 HG21 sing N N 166 
ILE CG2 HG22 sing N N 167 
ILE CG2 HG23 sing N N 168 
ILE CD1 HD11 sing N N 169 
ILE CD1 HD12 sing N N 170 
ILE CD1 HD13 sing N N 171 
ILE OXT HXT  sing N N 172 
LEU N   CA   sing N N 173 
LEU N   H    sing N N 174 
LEU N   H2   sing N N 175 
LEU CA  C    sing N N 176 
LEU CA  CB   sing N N 177 
LEU CA  HA   sing N N 178 
LEU C   O    doub N N 179 
LEU C   OXT  sing N N 180 
LEU CB  CG   sing N N 181 
LEU CB  HB2  sing N N 182 
LEU CB  HB3  sing N N 183 
LEU CG  CD1  sing N N 184 
LEU CG  CD2  sing N N 185 
LEU CG  HG   sing N N 186 
LEU CD1 HD11 sing N N 187 
LEU CD1 HD12 sing N N 188 
LEU CD1 HD13 sing N N 189 
LEU CD2 HD21 sing N N 190 
LEU CD2 HD22 sing N N 191 
LEU CD2 HD23 sing N N 192 
LEU OXT HXT  sing N N 193 
LYS N   CA   sing N N 194 
LYS N   H    sing N N 195 
LYS N   H2   sing N N 196 
LYS CA  C    sing N N 197 
LYS CA  CB   sing N N 198 
LYS CA  HA   sing N N 199 
LYS C   O    doub N N 200 
LYS C   OXT  sing N N 201 
LYS CB  CG   sing N N 202 
LYS CB  HB2  sing N N 203 
LYS CB  HB3  sing N N 204 
LYS CG  CD   sing N N 205 
LYS CG  HG2  sing N N 206 
LYS CG  HG3  sing N N 207 
LYS CD  CE   sing N N 208 
LYS CD  HD2  sing N N 209 
LYS CD  HD3  sing N N 210 
LYS CE  NZ   sing N N 211 
LYS CE  HE2  sing N N 212 
LYS CE  HE3  sing N N 213 
LYS NZ  HZ1  sing N N 214 
LYS NZ  HZ2  sing N N 215 
LYS NZ  HZ3  sing N N 216 
LYS OXT HXT  sing N N 217 
MET N   CA   sing N N 218 
MET N   H    sing N N 219 
MET N   H2   sing N N 220 
MET CA  C    sing N N 221 
MET CA  CB   sing N N 222 
MET CA  HA   sing N N 223 
MET C   O    doub N N 224 
MET C   OXT  sing N N 225 
MET CB  CG   sing N N 226 
MET CB  HB2  sing N N 227 
MET CB  HB3  sing N N 228 
MET CG  SD   sing N N 229 
MET CG  HG2  sing N N 230 
MET CG  HG3  sing N N 231 
MET SD  CE   sing N N 232 
MET CE  HE1  sing N N 233 
MET CE  HE2  sing N N 234 
MET CE  HE3  sing N N 235 
MET OXT HXT  sing N N 236 
PHE N   CA   sing N N 237 
PHE N   H    sing N N 238 
PHE N   H2   sing N N 239 
PHE CA  C    sing N N 240 
PHE CA  CB   sing N N 241 
PHE CA  HA   sing N N 242 
PHE C   O    doub N N 243 
PHE C   OXT  sing N N 244 
PHE CB  CG   sing N N 245 
PHE CB  HB2  sing N N 246 
PHE CB  HB3  sing N N 247 
PHE CG  CD1  doub Y N 248 
PHE CG  CD2  sing Y N 249 
PHE CD1 CE1  sing Y N 250 
PHE CD1 HD1  sing N N 251 
PHE CD2 CE2  doub Y N 252 
PHE CD2 HD2  sing N N 253 
PHE CE1 CZ   doub Y N 254 
PHE CE1 HE1  sing N N 255 
PHE CE2 CZ   sing Y N 256 
PHE CE2 HE2  sing N N 257 
PHE CZ  HZ   sing N N 258 
PHE OXT HXT  sing N N 259 
PRO N   CA   sing N N 260 
PRO N   CD   sing N N 261 
PRO N   H    sing N N 262 
PRO CA  C    sing N N 263 
PRO CA  CB   sing N N 264 
PRO CA  HA   sing N N 265 
PRO C   O    doub N N 266 
PRO C   OXT  sing N N 267 
PRO CB  CG   sing N N 268 
PRO CB  HB2  sing N N 269 
PRO CB  HB3  sing N N 270 
PRO CG  CD   sing N N 271 
PRO CG  HG2  sing N N 272 
PRO CG  HG3  sing N N 273 
PRO CD  HD2  sing N N 274 
PRO CD  HD3  sing N N 275 
PRO OXT HXT  sing N N 276 
SER N   CA   sing N N 277 
SER N   H    sing N N 278 
SER N   H2   sing N N 279 
SER CA  C    sing N N 280 
SER CA  CB   sing N N 281 
SER CA  HA   sing N N 282 
SER C   O    doub N N 283 
SER C   OXT  sing N N 284 
SER CB  OG   sing N N 285 
SER CB  HB2  sing N N 286 
SER CB  HB3  sing N N 287 
SER OG  HG   sing N N 288 
SER OXT HXT  sing N N 289 
THR N   CA   sing N N 290 
THR N   H    sing N N 291 
THR N   H2   sing N N 292 
THR CA  C    sing N N 293 
THR CA  CB   sing N N 294 
THR CA  HA   sing N N 295 
THR C   O    doub N N 296 
THR C   OXT  sing N N 297 
THR CB  OG1  sing N N 298 
THR CB  CG2  sing N N 299 
THR CB  HB   sing N N 300 
THR OG1 HG1  sing N N 301 
THR CG2 HG21 sing N N 302 
THR CG2 HG22 sing N N 303 
THR CG2 HG23 sing N N 304 
THR OXT HXT  sing N N 305 
TYR N   CA   sing N N 306 
TYR N   H    sing N N 307 
TYR N   H2   sing N N 308 
TYR CA  C    sing N N 309 
TYR CA  CB   sing N N 310 
TYR CA  HA   sing N N 311 
TYR C   O    doub N N 312 
TYR C   OXT  sing N N 313 
TYR CB  CG   sing N N 314 
TYR CB  HB2  sing N N 315 
TYR CB  HB3  sing N N 316 
TYR CG  CD1  doub Y N 317 
TYR CG  CD2  sing Y N 318 
TYR CD1 CE1  sing Y N 319 
TYR CD1 HD1  sing N N 320 
TYR CD2 CE2  doub Y N 321 
TYR CD2 HD2  sing N N 322 
TYR CE1 CZ   doub Y N 323 
TYR CE1 HE1  sing N N 324 
TYR CE2 CZ   sing Y N 325 
TYR CE2 HE2  sing N N 326 
TYR CZ  OH   sing N N 327 
TYR OH  HH   sing N N 328 
TYR OXT HXT  sing N N 329 
VAL N   CA   sing N N 330 
VAL N   H    sing N N 331 
VAL N   H2   sing N N 332 
VAL CA  C    sing N N 333 
VAL CA  CB   sing N N 334 
VAL CA  HA   sing N N 335 
VAL C   O    doub N N 336 
VAL C   OXT  sing N N 337 
VAL CB  CG1  sing N N 338 
VAL CB  CG2  sing N N 339 
VAL CB  HB   sing N N 340 
VAL CG1 HG11 sing N N 341 
VAL CG1 HG12 sing N N 342 
VAL CG1 HG13 sing N N 343 
VAL CG2 HG21 sing N N 344 
VAL CG2 HG22 sing N N 345 
VAL CG2 HG23 sing N N 346 
VAL OXT HXT  sing N N 347 
# 
_atom_sites.entry_id                    4AQJ 
_atom_sites.fract_transf_matrix[1][1]   -0.00406741 
_atom_sites.fract_transf_matrix[1][2]   -0.01840304 
_atom_sites.fract_transf_matrix[1][3]   0.00470265 
_atom_sites.fract_transf_matrix[2][1]   0.01343257 
_atom_sites.fract_transf_matrix[2][2]   0.00061342 
_atom_sites.fract_transf_matrix[2][3]   0.01401858 
_atom_sites.fract_transf_matrix[3][1]   -0.00589725 
_atom_sites.fract_transf_matrix[3][2]   0.00271699 
_atom_sites.fract_transf_matrix[3][3]   0.00553184 
_atom_sites.fract_transf_vector[1]      -0.278333 
_atom_sites.fract_transf_vector[2]      -0.164367 
_atom_sites.fract_transf_vector[3]      0.073168 
# 
loop_
_atom_type.symbol 
C  
CA 
CL 
N  
O  
S  
ZN 
# 
loop_
_atom_site.group_PDB 
_atom_site.id 
_atom_site.type_symbol 
_atom_site.label_atom_id 
_atom_site.label_alt_id 
_atom_site.label_comp_id 
_atom_site.label_asym_id 
_atom_site.label_entity_id 
_atom_site.label_seq_id 
_atom_site.pdbx_PDB_ins_code 
_atom_site.Cartn_x 
_atom_site.Cartn_y 
_atom_site.Cartn_z 
_atom_site.occupancy 
_atom_site.B_iso_or_equiv 
_atom_site.pdbx_formal_charge 
_atom_site.auth_seq_id 
_atom_site.auth_comp_id 
_atom_site.auth_asym_id 
_atom_site.auth_atom_id 
_atom_site.pdbx_PDB_model_num 
ATOM   1   N  N   . SER A 1 7   ? 4.942   -27.013 -5.037  1.00 43.81 ? 1    SER A N   1 
ATOM   2   C  CA  . SER A 1 7   ? 5.553   -26.092 -4.035  1.00 40.56 ? 1    SER A CA  1 
ATOM   3   C  C   . SER A 1 7   ? 5.786   -24.690 -4.634  1.00 37.06 ? 1    SER A C   1 
ATOM   4   O  O   . SER A 1 7   ? 6.743   -24.473 -5.398  1.00 36.99 ? 1    SER A O   1 
ATOM   5   C  CB  . SER A 1 7   ? 6.884   -26.664 -3.544  1.00 43.26 ? 1    SER A CB  1 
ATOM   6   O  OG  . SER A 1 7   ? 7.203   -26.194 -2.243  1.00 47.83 ? 1    SER A OG  1 
ATOM   7   N  N   . ASN A 1 8   ? 5.009   -23.710 -4.187  1.00 31.97 ? 2    ASN A N   1 
ATOM   8   C  CA  . ASN A 1 8   ? 5.221   -22.354 -4.703  1.00 25.27 ? 2    ASN A CA  1 
ATOM   9   C  C   . ASN A 1 8   ? 6.587   -21.795 -4.343  1.00 24.83 ? 2    ASN A C   1 
ATOM   10  O  O   . ASN A 1 8   ? 7.120   -22.018 -3.246  1.00 27.08 ? 2    ASN A O   1 
ATOM   11  C  CB  . ASN A 1 8   ? 4.120   -21.402 -4.224  1.00 26.21 ? 2    ASN A CB  1 
ATOM   12  C  CG  . ASN A 1 8   ? 2.793   -21.683 -4.879  1.00 28.68 ? 2    ASN A CG  1 
ATOM   13  O  OD1 . ASN A 1 8   ? 2.731   -21.949 -6.079  1.00 32.92 ? 2    ASN A OD1 1 
ATOM   14  N  ND2 . ASN A 1 8   ? 1.730   -21.689 -4.093  1.00 28.86 ? 2    ASN A ND2 1 
ATOM   15  N  N   . THR A 1 9   ? 7.131   -20.959 -5.216  1.00 19.42 ? 3    THR A N   1 
ATOM   16  C  CA  . THR A 1 9   ? 8.341   -20.258 -4.935  1.00 18.63 ? 3    THR A CA  1 
ATOM   17  C  C   . THR A 1 9   ? 8.088   -19.043 -4.038  1.00 18.30 ? 3    THR A C   1 
ATOM   18  O  O   . THR A 1 9   ? 6.933   -18.669 -3.818  1.00 19.39 ? 3    THR A O   1 
ATOM   19  C  CB  . THR A 1 9   ? 8.980   -19.671 -6.216  1.00 20.43 ? 3    THR A CB  1 
ATOM   20  O  OG1 . THR A 1 9   ? 8.076   -18.685 -6.747  1.00 19.46 ? 3    THR A OG1 1 
ATOM   21  C  CG2 . THR A 1 9   ? 9.226   -20.756 -7.251  1.00 20.84 ? 3    THR A CG2 1 
ATOM   22  N  N   . GLN A 1 10  ? 9.171   -18.447 -3.546  1.00 18.87 ? 4    GLN A N   1 
ATOM   23  C  CA  . GLN A 1 10  ? 9.074   -17.232 -2.756  1.00 19.01 ? 4    GLN A CA  1 
ATOM   24  C  C   . GLN A 1 10  ? 8.334   -16.137 -3.507  1.00 19.99 ? 4    GLN A C   1 
ATOM   25  O  O   . GLN A 1 10  ? 7.453   -15.476 -2.940  1.00 19.31 ? 4    GLN A O   1 
ATOM   26  C  CB  . GLN A 1 10  ? 10.450  -16.756 -2.290  1.00 22.36 ? 4    GLN A CB  1 
ATOM   27  C  CG  . GLN A 1 10  ? 10.420  -15.475 -1.492  1.00 29.57 ? 4    GLN A CG  1 
ATOM   28  C  CD  . GLN A 1 10  ? 11.804  -15.106 -0.989  1.00 42.35 ? 4    GLN A CD  1 
ATOM   29  O  OE1 . GLN A 1 10  ? 12.119  -15.316 0.188   1.00 46.48 ? 4    GLN A OE1 1 
ATOM   30  N  NE2 . GLN A 1 10  ? 12.655  -14.601 -1.887  1.00 43.25 ? 4    GLN A NE2 1 
ATOM   31  N  N   . ALA A 1 11  ? 8.638   -15.992 -4.805  1.00 15.67 ? 5    ALA A N   1 
ATOM   32  C  CA  . ALA A 1 11  ? 7.938   -14.949 -5.563  1.00 17.02 ? 5    ALA A CA  1 
ATOM   33  C  C   . ALA A 1 11  ? 6.452   -15.219 -5.690  1.00 15.90 ? 5    ALA A C   1 
ATOM   34  O  O   . ALA A 1 11  ? 5.646   -14.299 -5.565  1.00 15.69 ? 5    ALA A O   1 
ATOM   35  C  CB  . ALA A 1 11  ? 8.585   -14.777 -6.941  1.00 16.30 ? 5    ALA A CB  1 
ATOM   36  N  N   . GLU A 1 12  ? 6.080   -16.477 -5.941  1.00 14.45 ? 6    GLU A N   1 
ATOM   37  C  CA  . GLU A 1 12  ? 4.673   -16.827 -6.085  1.00 14.61 ? 6    GLU A CA  1 
ATOM   38  C  C   . GLU A 1 12  ? 3.969   -16.679 -4.737  1.00 15.45 ? 6    GLU A C   1 
ATOM   39  O  O   . GLU A 1 12  ? 2.866   -16.133 -4.704  1.00 17.39 ? 6    GLU A O   1 
ATOM   40  C  CB  . GLU A 1 12  ? 4.548   -18.286 -6.587  1.00 17.34 ? 6    GLU A CB  1 
ATOM   41  C  CG  . GLU A 1 12  ? 4.985   -18.400 -8.049  1.00 16.44 ? 6    GLU A CG  1 
ATOM   42  C  CD  . GLU A 1 12  ? 5.210   -19.837 -8.488  1.00 21.92 ? 6    GLU A CD  1 
ATOM   43  O  OE1 . GLU A 1 12  ? 5.517   -20.676 -7.620  1.00 21.88 ? 6    GLU A OE1 1 
ATOM   44  O  OE2 . GLU A 1 12  ? 5.206   -20.064 -9.715  1.00 18.95 ? 6    GLU A OE2 1 
ATOM   45  N  N   . ARG A 1 13  ? 4.612   -17.093 -3.646  1.00 17.27 ? 7    ARG A N   1 
ATOM   46  C  CA  . ARG A 1 13  ? 4.021   -16.935 -2.312  1.00 15.99 ? 7    ARG A CA  1 
ATOM   47  C  C   . ARG A 1 13  ? 3.824   -15.433 -2.035  1.00 17.48 ? 7    ARG A C   1 
ATOM   48  O  O   . ARG A 1 13  ? 2.850   -15.042 -1.372  1.00 18.35 ? 7    ARG A O   1 
ATOM   49  C  CB  . ARG A 1 13  ? 4.920   -17.534 -1.229  1.00 18.54 ? 7    ARG A CB  1 
ATOM   50  C  CG  . ARG A 1 13  ? 4.905   -19.043 -1.243  1.00 22.14 ? 7    ARG A CG  1 
ATOM   51  C  CD  . ARG A 1 13  ? 5.593   -19.593 0.032   1.00 28.55 ? 7    ARG A CD  1 
ATOM   52  N  NE  . ARG A 1 13  ? 6.940   -19.067 0.291   1.00 34.42 ? 7    ARG A NE  1 
ATOM   53  C  CZ  . ARG A 1 13  ? 8.075   -19.632 -0.137  1.00 33.84 ? 7    ARG A CZ  1 
ATOM   54  N  NH1 . ARG A 1 13  ? 8.038   -20.729 -0.883  1.00 35.45 ? 7    ARG A NH1 1 
ATOM   55  N  NH2 . ARG A 1 13  ? 9.257   -19.092 0.170   1.00 37.78 ? 7    ARG A NH2 1 
ATOM   56  N  N   . SER A 1 14  ? 4.785   -14.614 -2.431  1.00 15.97 ? 8    SER A N   1 
ATOM   57  C  CA  . SER A 1 14  ? 4.659   -13.172 -2.205  1.00 15.76 ? 8    SER A CA  1 
ATOM   58  C  C   . SER A 1 14  ? 3.427   -12.606 -2.888  1.00 17.10 ? 8    SER A C   1 
ATOM   59  O  O   . SER A 1 14  ? 2.709   -11.739 -2.311  1.00 17.23 ? 8    SER A O   1 
ATOM   60  C  CB  . SER A 1 14  ? 5.912   -12.399 -2.616  1.00 18.42 ? 8    SER A CB  1 
ATOM   61  O  OG  . SER A 1 14  ? 6.941   -12.672 -1.696  1.00 21.34 ? 8    SER A OG  1 
ATOM   62  N  N   . ILE A 1 15  ? 3.242   -12.995 -4.146  1.00 16.30 ? 9    ILE A N   1 
ATOM   63  C  CA  . ILE A 1 15  ? 2.084   -12.485 -4.851  1.00 16.39 ? 9    ILE A CA  1 
ATOM   64  C  C   . ILE A 1 15  ? 0.792   -12.967 -4.227  1.00 15.98 ? 9    ILE A C   1 
ATOM   65  O  O   . ILE A 1 15  ? -0.115  -12.156 -3.976  1.00 16.89 ? 9    ILE A O   1 
ATOM   66  C  CB  . ILE A 1 15  ? 2.182   -12.814 -6.328  1.00 19.68 ? 9    ILE A CB  1 
ATOM   67  C  CG1 . ILE A 1 15  ? 3.445   -12.146 -6.880  1.00 24.35 ? 9    ILE A CG1 1 
ATOM   68  C  CG2 . ILE A 1 15  ? 0.866   -12.423 -7.045  1.00 22.65 ? 9    ILE A CG2 1 
ATOM   69  C  CD1 . ILE A 1 15  ? 3.242   -11.296 -8.062  1.00 35.03 ? 9    ILE A CD1 1 
ATOM   70  N  N   . ILE A 1 16  ? 0.709   -14.253 -3.938  1.00 15.52 ? 10   ILE A N   1 
ATOM   71  C  CA  . ILE A 1 16  ? -0.497  -14.796 -3.265  1.00 17.26 ? 10   ILE A CA  1 
ATOM   72  C  C   . ILE A 1 16  ? -0.749  -14.112 -1.940  1.00 17.90 ? 10   ILE A C   1 
ATOM   73  O  O   . ILE A 1 16  ? -1.888  -13.744 -1.625  1.00 18.83 ? 10   ILE A O   1 
ATOM   74  C  CB  . ILE A 1 16  ? -0.432  -16.337 -3.105  1.00 18.76 ? 10   ILE A CB  1 
ATOM   75  C  CG1 . ILE A 1 16  ? -0.426  -16.945 -4.498  1.00 23.00 ? 10   ILE A CG1 1 
ATOM   76  C  CG2 . ILE A 1 16  ? -1.605  -16.825 -2.242  1.00 21.87 ? 10   ILE A CG2 1 
ATOM   77  C  CD1 . ILE A 1 16  ? 0.287   -18.302 -4.555  1.00 24.74 ? 10   ILE A CD1 1 
ATOM   78  N  N   . GLY A 1 17  ? 0.328   -13.774 -1.241  1.00 17.68 ? 11   GLY A N   1 
ATOM   79  C  CA  . GLY A 1 17  ? 0.191   -13.098 0.042   1.00 17.84 ? 11   GLY A CA  1 
ATOM   80  C  C   . GLY A 1 17  ? -0.434  -11.719 -0.135  1.00 17.91 ? 11   GLY A C   1 
ATOM   81  O  O   . GLY A 1 17  ? -1.124  -11.251 0.772   1.00 18.61 ? 11   GLY A O   1 
ATOM   82  N  N   . MET A 1 18  ? -0.148  -11.036 -1.249  1.00 17.14 ? 12   MET A N   1 
ATOM   83  C  CA  . MET A 1 18  ? -0.751  -9.709  -1.495  1.00 17.91 ? 12   MET A CA  1 
ATOM   84  C  C   . MET A 1 18  ? -2.253  -9.781  -1.749  1.00 17.58 ? 12   MET A C   1 
ATOM   85  O  O   . MET A 1 18  ? -3.001  -8.891  -1.349  1.00 17.00 ? 12   MET A O   1 
ATOM   86  C  CB  . MET A 1 18  ? -0.055  -8.940  -2.635  1.00 20.12 ? 12   MET A CB  1 
ATOM   87  C  CG  . MET A 1 18  ? 1.364   -8.445  -2.222  1.00 19.91 ? 12   MET A CG  1 
ATOM   88  S  SD  . MET A 1 18  ? 1.459   -7.390  -0.777  1.00 21.89 ? 12   MET A SD  1 
ATOM   89  C  CE  . MET A 1 18  ? 3.240   -7.238  -0.574  1.00 23.47 ? 12   MET A CE  1 
ATOM   90  N  N   . ILE A 1 19  ? -2.681  -10.858 -2.382  1.00 16.75 ? 13   ILE A N   1 
ATOM   91  C  CA  . ILE A 1 19  ? -4.137  -11.085 -2.601  1.00 15.79 ? 13   ILE A CA  1 
ATOM   92  C  C   . ILE A 1 19  ? -4.774  -11.386 -1.247  1.00 15.49 ? 13   ILE A C   1 
ATOM   93  O  O   . ILE A 1 19  ? -5.845  -10.846 -0.948  1.00 14.93 ? 13   ILE A O   1 
ATOM   94  C  CB  . ILE A 1 19  ? -4.413  -12.237 -3.604  1.00 17.56 ? 13   ILE A CB  1 
ATOM   95  C  CG1 . ILE A 1 19  ? -4.248  -11.764 -5.066  1.00 19.82 ? 13   ILE A CG1 1 
ATOM   96  C  CG2 . ILE A 1 19  ? -5.876  -12.660 -3.526  1.00 17.44 ? 13   ILE A CG2 1 
ATOM   97  C  CD1 . ILE A 1 19  ? -2.939  -11.154 -5.403  1.00 25.13 ? 13   ILE A CD1 1 
ATOM   98  N  N   . ASP A 1 20  ? -4.127  -12.216 -0.444  1.00 16.47 ? 14   ASP A N   1 
ATOM   99  C  CA  . ASP A 1 20  ? -4.724  -12.561 0.839   1.00 17.59 ? 14   ASP A CA  1 
ATOM   100 C  C   . ASP A 1 20  ? -4.759  -11.305 1.721   1.00 18.46 ? 14   ASP A C   1 
ATOM   101 O  O   . ASP A 1 20  ? -5.722  -11.107 2.508   1.00 17.80 ? 14   ASP A O   1 
ATOM   102 C  CB  . ASP A 1 20  ? -3.939  -13.676 1.482   1.00 17.13 ? 14   ASP A CB  1 
ATOM   103 C  CG  . ASP A 1 20  ? -4.133  -15.021 0.750   1.00 16.61 ? 14   ASP A CG  1 
ATOM   104 O  OD1 . ASP A 1 20  ? -5.070  -15.134 -0.064  1.00 23.88 ? 14   ASP A OD1 1 
ATOM   105 O  OD2 . ASP A 1 20  ? -3.278  -15.893 0.930   1.00 24.49 ? 14   ASP A OD2 1 
ATOM   106 N  N   . MET A 1 21  ? -3.728  -10.450 1.625   1.00 15.41 ? 15   MET A N   1 
ATOM   107 C  CA  . MET A 1 21  ? -3.745  -9.203  2.408   1.00 16.20 ? 15   MET A CA  1 
ATOM   108 C  C   . MET A 1 21  ? -4.903  -8.291  1.973   1.00 17.84 ? 15   MET A C   1 
ATOM   109 O  O   . MET A 1 21  ? -5.617  -7.752  2.820   1.00 17.28 ? 15   MET A O   1 
ATOM   110 C  CB  . MET A 1 21  ? -2.410  -8.458  2.278   1.00 17.58 ? 15   MET A CB  1 
ATOM   111 C  CG  . MET A 1 21  ? -2.325  -7.185  3.167   1.00 17.60 ? 15   MET A CG  1 
ATOM   112 S  SD  . MET A 1 21  ? -0.640  -6.490  3.013   1.00 19.71 ? 15   MET A SD  1 
ATOM   113 C  CE  . MET A 1 21  ? -0.853  -5.554  1.545   1.00 17.79 ? 15   MET A CE  1 
ATOM   114 N  N   . PHE A 1 22  ? -5.078  -8.106  0.673   1.00 16.49 ? 16   PHE A N   1 
ATOM   115 C  CA  . PHE A 1 22  ? -6.202  -7.334  0.143   1.00 16.46 ? 16   PHE A CA  1 
ATOM   116 C  C   . PHE A 1 22  ? -7.517  -7.862  0.736   1.00 15.97 ? 16   PHE A C   1 
ATOM   117 O  O   . PHE A 1 22  ? -8.341  -7.083  1.232   1.00 17.22 ? 16   PHE A O   1 
ATOM   118 C  CB  . PHE A 1 22  ? -6.215  -7.418  -1.395  1.00 17.57 ? 16   PHE A CB  1 
ATOM   119 C  CG  . PHE A 1 22  ? -7.323  -6.603  -2.062  1.00 15.22 ? 16   PHE A CG  1 
ATOM   120 C  CD1 . PHE A 1 22  ? -7.193  -5.219  -2.161  1.00 19.99 ? 16   PHE A CD1 1 
ATOM   121 C  CD2 . PHE A 1 22  ? -8.388  -7.220  -2.700  1.00 17.45 ? 16   PHE A CD2 1 
ATOM   122 C  CE1 . PHE A 1 22  ? -8.189  -4.438  -2.726  1.00 21.11 ? 16   PHE A CE1 1 
ATOM   123 C  CE2 . PHE A 1 22  ? -9.402  -6.448  -3.293  1.00 18.67 ? 16   PHE A CE2 1 
ATOM   124 C  CZ  . PHE A 1 22  ? -9.272  -5.048  -3.347  1.00 20.79 ? 16   PHE A CZ  1 
ATOM   125 N  N   . HIS A 1 23  ? -7.649  -9.186  0.762   1.00 15.69 ? 17   HIS A N   1 
ATOM   126 C  CA  . HIS A 1 23  ? -8.904  -9.764  1.250   1.00 16.55 ? 17   HIS A CA  1 
ATOM   127 C  C   . HIS A 1 23  ? -9.104  -9.660  2.763   1.00 17.88 ? 17   HIS A C   1 
ATOM   128 O  O   . HIS A 1 23  ? -10.218 -9.952  3.230   1.00 16.81 ? 17   HIS A O   1 
ATOM   129 C  CB  . HIS A 1 23  ? -8.986  -11.204 0.774   1.00 14.91 ? 17   HIS A CB  1 
ATOM   130 C  CG  . HIS A 1 23  ? -9.323  -11.340 -0.663  1.00 15.95 ? 17   HIS A CG  1 
ATOM   131 N  ND1 . HIS A 1 23  ? -8.945  -12.436 -1.400  1.00 17.85 ? 17   HIS A ND1 1 
ATOM   132 C  CD2 . HIS A 1 23  ? -10.050 -10.550 -1.492  1.00 17.27 ? 17   HIS A CD2 1 
ATOM   133 C  CE1 . HIS A 1 23  ? -9.393  -12.294 -2.640  1.00 18.85 ? 17   HIS A CE1 1 
ATOM   134 N  NE2 . HIS A 1 23  ? -10.071 -11.163 -2.714  1.00 19.60 ? 17   HIS A NE2 1 
ATOM   135 N  N   . LYS A 1 24  ? -8.095  -9.306  3.550   1.00 15.45 ? 18   LYS A N   1 
ATOM   136 C  CA  . LYS A 1 24  ? -8.285  -9.053  4.995   1.00 13.43 ? 18   LYS A CA  1 
ATOM   137 C  C   . LYS A 1 24  ? -9.093  -7.764  5.197   1.00 17.49 ? 18   LYS A C   1 
ATOM   138 O  O   . LYS A 1 24  ? -9.722  -7.591  6.252   1.00 20.04 ? 18   LYS A O   1 
ATOM   139 C  CB  . LYS A 1 24  ? -6.966  -8.973  5.734   1.00 16.51 ? 18   LYS A CB  1 
ATOM   140 C  CG  . LYS A 1 24  ? -6.296  -10.314 5.942   1.00 25.35 ? 18   LYS A CG  1 
ATOM   141 C  CD  . LYS A 1 24  ? -5.069  -10.156 6.844   1.00 33.60 ? 18   LYS A CD  1 
ATOM   142 C  CE  . LYS A 1 24  ? -5.300  -9.109  7.946   1.00 34.26 ? 18   LYS A CE  1 
ATOM   143 N  NZ  . LYS A 1 24  ? -4.104  -8.961  8.875   1.00 44.96 ? 18   LYS A NZ  1 
ATOM   144 N  N   . TYR A 1 25  ? -9.024  -6.864  4.206   1.00 16.45 ? 19   TYR A N   1 
ATOM   145 C  CA  . TYR A 1 25  ? -9.521  -5.473  4.395   1.00 17.33 ? 19   TYR A CA  1 
ATOM   146 C  C   . TYR A 1 25  ? -10.712 -5.015  3.531   1.00 18.01 ? 19   TYR A C   1 
ATOM   147 O  O   . TYR A 1 25  ? -11.213 -3.879  3.734   1.00 21.28 ? 19   TYR A O   1 
ATOM   148 C  CB  . TYR A 1 25  ? -8.365  -4.477  4.270   1.00 18.42 ? 19   TYR A CB  1 
ATOM   149 C  CG  . TYR A 1 25  ? -7.234  -4.750  5.228   1.00 16.91 ? 19   TYR A CG  1 
ATOM   150 C  CD1 . TYR A 1 25  ? -7.269  -4.302  6.557   1.00 17.06 ? 19   TYR A CD1 1 
ATOM   151 C  CD2 . TYR A 1 25  ? -6.113  -5.554  4.831   1.00 16.13 ? 19   TYR A CD2 1 
ATOM   152 C  CE1 . TYR A 1 25  ? -6.229  -4.582  7.438   1.00 19.55 ? 19   TYR A CE1 1 
ATOM   153 C  CE2 . TYR A 1 25  ? -5.092  -5.830  5.706   1.00 16.51 ? 19   TYR A CE2 1 
ATOM   154 C  CZ  . TYR A 1 25  ? -5.150  -5.372  7.008   1.00 19.09 ? 19   TYR A CZ  1 
ATOM   155 O  OH  . TYR A 1 25  ? -4.094  -5.579  7.855   1.00 21.86 ? 19   TYR A OH  1 
ATOM   156 N  N   . THR A 1 26  ? -11.091 -5.811  2.534   1.00 17.16 ? 20   THR A N   1 
ATOM   157 C  CA  . THR A 1 26  ? -12.241 -5.527  1.660   1.00 16.64 ? 20   THR A CA  1 
ATOM   158 C  C   . THR A 1 26  ? -13.573 -5.548  2.445   1.00 21.02 ? 20   THR A C   1 
ATOM   159 O  O   . THR A 1 26  ? -13.712 -6.209  3.479   1.00 20.12 ? 20   THR A O   1 
ATOM   160 C  CB  . THR A 1 26  ? -12.380 -6.515  0.548   1.00 18.22 ? 20   THR A CB  1 
ATOM   161 O  OG1 . THR A 1 26  ? -12.271 -7.856  1.104   1.00 17.41 ? 20   THR A OG1 1 
ATOM   162 C  CG2 . THR A 1 26  ? -11.290 -6.307  -0.510  1.00 19.66 ? 20   THR A CG2 1 
ATOM   163 N  N   . ARG A 1 27  ? -14.504 -4.743  1.956   1.00 22.66 ? 21   ARG A N   1 
ATOM   164 C  CA  . ARG A 1 27  ? -15.913 -4.902  2.341   1.00 25.99 ? 21   ARG A CA  1 
ATOM   165 C  C   . ARG A 1 27  ? -16.632 -5.832  1.379   1.00 23.22 ? 21   ARG A C   1 
ATOM   166 O  O   . ARG A 1 27  ? -16.045 -6.408  0.466   1.00 22.36 ? 21   ARG A O   1 
ATOM   167 C  CB  . ARG A 1 27  ? -16.570 -3.510  2.439   1.00 29.17 ? 21   ARG A CB  1 
ATOM   168 C  CG  . ARG A 1 27  ? -16.326 -2.804  3.784   1.00 38.51 ? 21   ARG A CG  1 
ATOM   169 C  CD  . ARG A 1 27  ? -17.682 -2.563  4.518   1.00 46.47 ? 21   ARG A CD  1 
ATOM   170 N  NE  . ARG A 1 27  ? -18.190 -3.785  5.172   1.00 56.81 ? 21   ARG A NE  1 
ATOM   171 C  CZ  . ARG A 1 27  ? -19.183 -4.561  4.718   1.00 53.72 ? 21   ARG A CZ  1 
ATOM   172 N  NH1 . ARG A 1 27  ? -19.827 -4.265  3.593   1.00 53.01 ? 21   ARG A NH1 1 
ATOM   173 N  NH2 . ARG A 1 27  ? -19.534 -5.643  5.398   1.00 49.63 ? 21   ARG A NH2 1 
ATOM   174 N  N   . ARG A 1 28  ? -17.943 -6.038  1.581   1.00 24.62 ? 22   ARG A N   1 
ATOM   175 C  CA  . ARG A 1 28  ? -18.698 -6.904  0.680   1.00 27.22 ? 22   ARG A CA  1 
ATOM   176 C  C   . ARG A 1 28  ? -18.628 -6.618  -0.807  1.00 26.48 ? 22   ARG A C   1 
ATOM   177 O  O   . ARG A 1 28  ? -18.877 -7.503  -1.626  1.00 29.24 ? 22   ARG A O   1 
ATOM   178 C  CB  . ARG A 1 28  ? -20.177 -6.963  1.098   1.00 30.47 ? 22   ARG A CB  1 
ATOM   179 C  CG  . ARG A 1 28  ? -20.441 -7.697  2.387   1.00 39.32 ? 22   ARG A CG  1 
ATOM   180 C  CD  . ARG A 1 28  ? -21.843 -7.370  2.939   1.00 53.01 ? 22   ARG A CD  1 
ATOM   181 N  NE  . ARG A 1 28  ? -21.922 -7.554  4.393   1.00 61.79 ? 22   ARG A NE  1 
ATOM   182 C  CZ  . ARG A 1 28  ? -22.287 -8.688  4.995   1.00 67.47 ? 22   ARG A CZ  1 
ATOM   183 N  NH1 . ARG A 1 28  ? -22.628 -9.758  4.279   1.00 66.63 ? 22   ARG A NH1 1 
ATOM   184 N  NH2 . ARG A 1 28  ? -22.326 -8.748  6.321   1.00 68.98 ? 22   ARG A NH2 1 
ATOM   185 N  N   . ASP A 1 29  ? -18.369 -5.353  -1.177  1.00 23.94 ? 23   ASP A N   1 
ATOM   186 C  CA  . ASP A 1 29  ? -18.257 -4.973  -2.571  1.00 26.83 ? 23   ASP A CA  1 
ATOM   187 C  C   . ASP A 1 29  ? -16.861 -5.227  -3.147  1.00 24.26 ? 23   ASP A C   1 
ATOM   188 O  O   . ASP A 1 29  ? -16.610 -4.912  -4.306  1.00 26.42 ? 23   ASP A O   1 
ATOM   189 C  CB  . ASP A 1 29  ? -18.604 -3.473  -2.747  1.00 27.61 ? 23   ASP A CB  1 
ATOM   190 C  CG  . ASP A 1 29  ? -17.605 -2.553  -2.092  1.00 32.22 ? 23   ASP A CG  1 
ATOM   191 O  OD1 . ASP A 1 29  ? -16.766 -3.005  -1.280  1.00 26.43 ? 23   ASP A OD1 1 
ATOM   192 O  OD2 . ASP A 1 29  ? -17.734 -1.323  -2.283  1.00 38.20 ? 23   ASP A OD2 1 
ATOM   193 N  N   . GLY A 1 30  ? -16.011 -5.910  -2.380  1.00 24.15 ? 24   GLY A N   1 
ATOM   194 C  CA  . GLY A 1 30  ? -14.711 -6.334  -2.891  1.00 23.39 ? 24   GLY A CA  1 
ATOM   195 C  C   . GLY A 1 30  ? -13.772 -5.155  -3.036  1.00 22.82 ? 24   GLY A C   1 
ATOM   196 O  O   . GLY A 1 30  ? -12.801 -5.216  -3.814  1.00 21.36 ? 24   GLY A O   1 
ATOM   197 N  N   . LYS A 1 31  ? -14.037 -4.113  -2.255  1.00 22.54 ? 25   LYS A N   1 
ATOM   198 C  CA  . LYS A 1 31  ? -13.159 -2.915  -2.238  1.00 19.28 ? 25   LYS A CA  1 
ATOM   199 C  C   . LYS A 1 31  ? -12.827 -2.477  -0.843  1.00 20.16 ? 25   LYS A C   1 
ATOM   200 O  O   . LYS A 1 31  ? -13.554 -2.765  0.107   1.00 21.33 ? 25   LYS A O   1 
ATOM   201 C  CB  . LYS A 1 31  ? -13.800 -1.750  -3.017  1.00 20.18 ? 25   LYS A CB  1 
ATOM   202 C  CG  . LYS A 1 31  ? -14.175 -2.108  -4.413  1.00 24.23 ? 25   LYS A CG  1 
ATOM   203 C  CD  . LYS A 1 31  ? -14.829 -0.903  -5.103  1.00 28.59 ? 25   LYS A CD  1 
ATOM   204 C  CE  . LYS A 1 31  ? -15.533 -1.342  -6.347  1.00 36.08 ? 25   LYS A CE  1 
ATOM   205 N  NZ  . LYS A 1 31  ? -16.292 -0.174  -6.909  1.00 37.76 ? 25   LYS A NZ  1 
ATOM   206 N  N   . ILE A 1 32  ? -11.756 -1.691  -0.691  1.00 18.06 ? 26   ILE A N   1 
ATOM   207 C  CA  . ILE A 1 32  ? -11.283 -1.286  0.598   1.00 18.06 ? 26   ILE A CA  1 
ATOM   208 C  C   . ILE A 1 32  ? -11.695 0.170   0.862   1.00 20.89 ? 26   ILE A C   1 
ATOM   209 O  O   . ILE A 1 32  ? -11.409 1.074   0.043   1.00 21.39 ? 26   ILE A O   1 
ATOM   210 C  CB  . ILE A 1 32  ? -9.729  -1.402  0.695   1.00 18.23 ? 26   ILE A CB  1 
ATOM   211 C  CG1 . ILE A 1 32  ? -9.335  -2.872  0.514   1.00 17.05 ? 26   ILE A CG1 1 
ATOM   212 C  CG2 . ILE A 1 32  ? -9.279  -0.938  1.991   1.00 18.01 ? 26   ILE A CG2 1 
ATOM   213 C  CD1 . ILE A 1 32  ? -7.810  -3.074  0.508   1.00 19.84 ? 26   ILE A CD1 1 
ATOM   214 N  N   . ASP A 1 33  ? -12.393 0.406   1.960   1.00 19.97 ? 27   ASP A N   1 
ATOM   215 C  CA  . ASP A 1 33  ? -12.763 1.777   2.288   1.00 20.30 ? 27   ASP A CA  1 
ATOM   216 C  C   . ASP A 1 33  ? -11.640 2.536   2.987   1.00 21.73 ? 27   ASP A C   1 
ATOM   217 O  O   . ASP A 1 33  ? -10.531 2.011   3.247   1.00 19.68 ? 27   ASP A O   1 
ATOM   218 C  CB  . ASP A 1 33  ? -14.076 1.824   3.106   1.00 22.06 ? 27   ASP A CB  1 
ATOM   219 C  CG  . ASP A 1 33  ? -13.948 1.223   4.505   1.00 26.41 ? 27   ASP A CG  1 
ATOM   220 O  OD1 . ASP A 1 33  ? -12.860 1.206   5.133   1.00 27.78 ? 27   ASP A OD1 1 
ATOM   221 O  OD2 . ASP A 1 33  ? -15.037 0.947   5.082   1.00 27.50 ? 27   ASP A OD2 1 
ATOM   222 N  N   . LYS A 1 34  ? -11.851 3.826   3.231   1.00 19.97 ? 28   LYS A N   1 
ATOM   223 C  CA  . LYS A 1 34  ? -10.738 4.610   3.674   1.00 20.79 ? 28   LYS A CA  1 
ATOM   224 C  C   . LYS A 1 34  ? -10.110 4.242   5.042   1.00 20.16 ? 28   LYS A C   1 
ATOM   225 O  O   . LYS A 1 34  ? -8.898  4.005   5.150   1.00 20.66 ? 28   LYS A O   1 
ATOM   226 C  CB  . LYS A 1 34  ? -11.036 6.120   3.513   1.00 21.14 ? 28   LYS A CB  1 
ATOM   227 C  CG  . LYS A 1 34  ? -9.928  6.956   4.058   1.00 19.50 ? 28   LYS A CG  1 
ATOM   228 C  CD  . LYS A 1 34  ? -10.240 8.456   3.793   1.00 22.02 ? 28   LYS A CD  1 
ATOM   229 C  CE  . LYS A 1 34  ? -9.192  9.221   4.431   1.00 24.23 ? 28   LYS A CE  1 
ATOM   230 N  NZ  . LYS A 1 34  ? -9.330  10.689  3.991   1.00 25.38 ? 28   LYS A NZ  1 
ATOM   231 N  N   . PRO A 1 35  ? -10.938 4.030   6.097   1.00 20.59 ? 29   PRO A N   1 
ATOM   232 C  CA  . PRO A 1 35  ? -10.368 3.668   7.378   1.00 19.07 ? 29   PRO A CA  1 
ATOM   233 C  C   . PRO A 1 35  ? -9.651  2.311   7.300   1.00 17.27 ? 29   PRO A C   1 
ATOM   234 O  O   . PRO A 1 35  ? -8.640  2.154   7.954   1.00 19.55 ? 29   PRO A O   1 
ATOM   235 C  CB  . PRO A 1 35  ? -11.605 3.528   8.313   1.00 22.32 ? 29   PRO A CB  1 
ATOM   236 C  CG  . PRO A 1 35  ? -12.680 4.229   7.630   1.00 25.63 ? 29   PRO A CG  1 
ATOM   237 C  CD  . PRO A 1 35  ? -12.382 4.327   6.154   1.00 19.68 ? 29   PRO A CD  1 
ATOM   238 N  N   . SER A 1 36  ? -10.220 1.405   6.505   1.00 18.38 ? 30   SER A N   1 
ATOM   239 C  CA  . SER A 1 36  ? -9.586  0.063   6.337   1.00 17.98 ? 30   SER A CA  1 
ATOM   240 C  C   . SER A 1 36  ? -8.264  0.164   5.604   1.00 21.40 ? 30   SER A C   1 
ATOM   241 O  O   . SER A 1 36  ? -7.258  -0.489  5.992   1.00 19.40 ? 30   SER A O   1 
ATOM   242 C  CB  . SER A 1 36  ? -10.503 -0.923  5.631   1.00 21.37 ? 30   SER A CB  1 
ATOM   243 O  OG  . SER A 1 36  ? -11.667 -1.159  6.460   1.00 22.66 ? 30   SER A OG  1 
ATOM   244 N  N   . LEU A 1 37  ? -8.208  1.034   4.606   1.00 18.49 ? 31   LEU A N   1 
ATOM   245 C  CA  . LEU A 1 37  ? -6.887  1.188   3.927   1.00 16.97 ? 31   LEU A CA  1 
ATOM   246 C  C   . LEU A 1 37  ? -5.812  1.708   4.890   1.00 16.66 ? 31   LEU A C   1 
ATOM   247 O  O   . LEU A 1 37  ? -4.626  1.295   4.849   1.00 18.27 ? 31   LEU A O   1 
ATOM   248 C  CB  . LEU A 1 37  ? -6.997  2.137   2.707   1.00 16.87 ? 31   LEU A CB  1 
ATOM   249 C  CG  . LEU A 1 37  ? -5.722  2.231   1.853   1.00 18.09 ? 31   LEU A CG  1 
ATOM   250 C  CD1 . LEU A 1 37  ? -5.765  1.031   0.884   1.00 21.00 ? 31   LEU A CD1 1 
ATOM   251 C  CD2 . LEU A 1 37  ? -5.696  3.585   1.101   1.00 21.21 ? 31   LEU A CD2 1 
ATOM   252 N  N   . LEU A 1 38  ? -6.157  2.713   5.717   1.00 17.87 ? 32   LEU A N   1 
ATOM   253 C  CA  . LEU A 1 38  ? -5.197  3.194   6.692   1.00 18.74 ? 32   LEU A CA  1 
ATOM   254 C  C   . LEU A 1 38  ? -4.728  2.132   7.711   1.00 16.98 ? 32   LEU A C   1 
ATOM   255 O  O   . LEU A 1 38  ? -3.550  2.047   8.044   1.00 19.87 ? 32   LEU A O   1 
ATOM   256 C  CB  . LEU A 1 38  ? -5.738  4.454   7.390   1.00 22.60 ? 32   LEU A CB  1 
ATOM   257 C  CG  . LEU A 1 38  ? -6.210  5.529   6.425   1.00 23.51 ? 32   LEU A CG  1 
ATOM   258 C  CD1 . LEU A 1 38  ? -6.434  6.846   7.262   1.00 25.92 ? 32   LEU A CD1 1 
ATOM   259 C  CD2 . LEU A 1 38  ? -5.337  5.782   5.221   1.00 27.61 ? 32   LEU A CD2 1 
ATOM   260 N  N   . THR A 1 39  ? -5.683  1.330   8.189   1.00 19.42 ? 33   THR A N   1 
ATOM   261 C  CA  . THR A 1 39  ? -5.370  0.202   9.050   1.00 21.02 ? 33   THR A CA  1 
ATOM   262 C  C   . THR A 1 39  ? -4.445  -0.796  8.359   1.00 19.98 ? 33   THR A C   1 
ATOM   263 O  O   . THR A 1 39  ? -3.397  -1.168  8.909   1.00 20.74 ? 33   THR A O   1 
ATOM   264 C  CB  . THR A 1 39  ? -6.645  -0.466  9.486   1.00 22.97 ? 33   THR A CB  1 
ATOM   265 O  OG1 . THR A 1 39  ? -7.391  0.489   10.275  1.00 23.24 ? 33   THR A OG1 1 
ATOM   266 C  CG2 . THR A 1 39  ? -6.357  -1.710  10.330  1.00 24.25 ? 33   THR A CG2 1 
ATOM   267 N  N   . MET A 1 40  ? -4.756  -1.080  7.096   1.00 18.08 ? 34   MET A N   1 
ATOM   268 C  CA  A MET A 1 40  ? -3.908  -1.992  6.337   0.50 16.98 ? 34   MET A CA  1 
ATOM   269 C  CA  B MET A 1 40  ? -3.913  -1.985  6.294   0.50 16.85 ? 34   MET A CA  1 
ATOM   270 C  C   . MET A 1 40  ? -2.481  -1.462  6.272   1.00 18.13 ? 34   MET A C   1 
ATOM   271 O  O   . MET A 1 40  ? -1.504  -2.222  6.443   1.00 16.21 ? 34   MET A O   1 
ATOM   272 C  CB  A MET A 1 40  ? -4.475  -2.212  4.944   0.50 16.52 ? 34   MET A CB  1 
ATOM   273 C  CB  B MET A 1 40  ? -4.468  -2.123  4.870   0.50 16.65 ? 34   MET A CB  1 
ATOM   274 C  CG  A MET A 1 40  ? -3.586  -3.113  4.092   0.50 18.02 ? 34   MET A CG  1 
ATOM   275 C  CG  B MET A 1 40  ? -3.645  -3.074  3.968   0.50 17.98 ? 34   MET A CG  1 
ATOM   276 S  SD  A MET A 1 40  ? -4.129  -3.096  2.385   0.50 19.56 ? 34   MET A SD  1 
ATOM   277 S  SD  B MET A 1 40  ? -2.200  -2.331  3.173   0.50 17.17 ? 34   MET A SD  1 
ATOM   278 C  CE  A MET A 1 40  ? -3.405  -1.560  1.798   0.50 19.73 ? 34   MET A CE  1 
ATOM   279 C  CE  B MET A 1 40  ? -2.967  -1.182  2.024   0.50 18.93 ? 34   MET A CE  1 
ATOM   280 N  N   . MET A 1 41  ? -2.334  -0.158  6.016   1.00 16.17 ? 35   MET A N   1 
ATOM   281 C  CA  . MET A 1 41  ? -0.991  0.411   5.949   1.00 16.31 ? 35   MET A CA  1 
ATOM   282 C  C   . MET A 1 41  ? -0.247  0.318   7.289   1.00 16.69 ? 35   MET A C   1 
ATOM   283 O  O   . MET A 1 41  ? 0.941   0.026   7.315   1.00 17.62 ? 35   MET A O   1 
ATOM   284 C  CB  . MET A 1 41  ? -1.010  1.869   5.428   1.00 17.13 ? 35   MET A CB  1 
ATOM   285 C  CG  . MET A 1 41  ? -1.429  2.039   3.998   1.00 18.97 ? 35   MET A CG  1 
ATOM   286 S  SD  . MET A 1 41  ? -0.217  1.340   2.843   1.00 19.03 ? 35   MET A SD  1 
ATOM   287 C  CE  . MET A 1 41  ? 1.210   2.376   3.092   1.00 22.06 ? 35   MET A CE  1 
ATOM   288 N  N   . LYS A 1 42  ? -0.924  0.702   8.376   1.00 19.49 ? 36   LYS A N   1 
ATOM   289 C  CA  . LYS A 1 42  ? -0.312  0.684   9.698   1.00 19.23 ? 36   LYS A CA  1 
ATOM   290 C  C   . LYS A 1 42  ? 0.106   -0.728  10.113  1.00 20.02 ? 36   LYS A C   1 
ATOM   291 O  O   . LYS A 1 42  ? 1.180   -0.905  10.711  1.00 23.16 ? 36   LYS A O   1 
ATOM   292 C  CB  . LYS A 1 42  ? -1.282  1.261   10.738  1.00 21.10 ? 36   LYS A CB  1 
ATOM   293 C  CG  . LYS A 1 42  ? -1.532  2.745   10.528  1.00 23.63 ? 36   LYS A CG  1 
ATOM   294 C  CD  . LYS A 1 42  ? -2.388  3.284   11.669  1.00 28.15 ? 36   LYS A CD  1 
ATOM   295 C  CE  . LYS A 1 42  ? -2.626  4.784   11.518  1.00 36.46 ? 36   LYS A CE  1 
ATOM   296 N  NZ  . LYS A 1 42  ? -3.762  5.255   12.398  1.00 40.91 ? 36   LYS A NZ  1 
ATOM   297 N  N   . GLU A 1 43  ? -0.672  -1.700  9.679   1.00 19.23 ? 37   GLU A N   1 
ATOM   298 C  CA  . GLU A 1 43  ? -0.460  -3.091  10.098  1.00 20.87 ? 37   GLU A CA  1 
ATOM   299 C  C   . GLU A 1 43  ? 0.576   -3.775  9.245   1.00 21.66 ? 37   GLU A C   1 
ATOM   300 O  O   . GLU A 1 43  ? 1.403   -4.558  9.749   1.00 24.56 ? 37   GLU A O   1 
ATOM   301 C  CB  . GLU A 1 43  ? -1.762  -3.866  10.090  1.00 22.62 ? 37   GLU A CB  1 
ATOM   302 C  CG  . GLU A 1 43  ? -2.672  -3.434  11.239  1.00 25.09 ? 37   GLU A CG  1 
ATOM   303 C  CD  . GLU A 1 43  ? -3.962  -4.222  11.327  1.00 25.66 ? 37   GLU A CD  1 
ATOM   304 O  OE1 . GLU A 1 43  ? -4.344  -4.953  10.397  1.00 24.50 ? 37   GLU A OE1 1 
ATOM   305 O  OE2 . GLU A 1 43  ? -4.608  -4.124  12.413  1.00 30.83 ? 37   GLU A OE2 1 
ATOM   306 N  N   . ASN A 1 44  ? 0.624   -3.404  7.961   1.00 16.93 ? 38   ASN A N   1 
ATOM   307 C  CA  . ASN A 1 44  ? 1.516   -4.122  7.040   1.00 16.57 ? 38   ASN A CA  1 
ATOM   308 C  C   . ASN A 1 44  ? 2.749   -3.357  6.562   1.00 16.01 ? 38   ASN A C   1 
ATOM   309 O  O   . ASN A 1 44  ? 3.747   -3.963  6.124   1.00 16.30 ? 38   ASN A O   1 
ATOM   310 C  CB  . ASN A 1 44  ? 0.714   -4.595  5.829   1.00 17.49 ? 38   ASN A CB  1 
ATOM   311 C  CG  . ASN A 1 44  ? -0.332  -5.586  6.237   1.00 16.33 ? 38   ASN A CG  1 
ATOM   312 O  OD1 . ASN A 1 44  ? -0.025  -6.786  6.405   1.00 19.06 ? 38   ASN A OD1 1 
ATOM   313 N  ND2 . ASN A 1 44  ? -1.570  -5.130  6.405   1.00 17.76 ? 38   ASN A ND2 1 
ATOM   314 N  N   . PHE A 1 45  ? 2.731   -2.029  6.700   1.00 17.02 ? 39   PHE A N   1 
ATOM   315 C  CA  . PHE A 1 45  ? 3.868   -1.206  6.263   1.00 18.53 ? 39   PHE A CA  1 
ATOM   316 C  C   . PHE A 1 45  ? 4.262   -0.227  7.352   1.00 18.38 ? 39   PHE A C   1 
ATOM   317 O  O   . PHE A 1 45  ? 4.580   0.947   7.078   1.00 19.61 ? 39   PHE A O   1 
ATOM   318 C  CB  . PHE A 1 45  ? 3.510   -0.432  4.992   1.00 18.05 ? 39   PHE A CB  1 
ATOM   319 C  CG  . PHE A 1 45  ? 3.245   -1.343  3.809   1.00 16.76 ? 39   PHE A CG  1 
ATOM   320 C  CD1 . PHE A 1 45  ? 4.310   -2.020  3.228   1.00 16.98 ? 39   PHE A CD1 1 
ATOM   321 C  CD2 . PHE A 1 45  ? 1.934   -1.657  3.411   1.00 17.52 ? 39   PHE A CD2 1 
ATOM   322 C  CE1 . PHE A 1 45  ? 4.091   -2.937  2.197   1.00 15.78 ? 39   PHE A CE1 1 
ATOM   323 C  CE2 . PHE A 1 45  ? 1.703   -2.590  2.343   1.00 16.87 ? 39   PHE A CE2 1 
ATOM   324 C  CZ  . PHE A 1 45  ? 2.800   -3.204  1.739   1.00 15.65 ? 39   PHE A CZ  1 
ATOM   325 N  N   . PRO A 1 46  ? 4.390   -0.734  8.568   1.00 18.02 ? 40   PRO A N   1 
ATOM   326 C  CA  . PRO A 1 46  ? 4.754   0.228   9.616   1.00 21.91 ? 40   PRO A CA  1 
ATOM   327 C  C   . PRO A 1 46  ? 6.167   0.796   9.539   1.00 24.11 ? 40   PRO A C   1 
ATOM   328 O  O   . PRO A 1 46  ? 6.386   1.959   9.950   1.00 25.10 ? 40   PRO A O   1 
ATOM   329 C  CB  . PRO A 1 46  ? 4.561   -0.580  10.882  1.00 20.73 ? 40   PRO A CB  1 
ATOM   330 C  CG  . PRO A 1 46  ? 4.951   -2.018  10.484  1.00 20.01 ? 40   PRO A CG  1 
ATOM   331 C  CD  . PRO A 1 46  ? 4.342   -2.132  9.060   1.00 20.17 ? 40   PRO A CD  1 
ATOM   332 N  N   . ASN A 1 47  ? 7.145   0.023   9.049   1.00 20.01 ? 41   ASN A N   1 
ATOM   333 C  CA  . ASN A 1 47  ? 8.490   0.567   8.944   1.00 22.46 ? 41   ASN A CA  1 
ATOM   334 C  C   . ASN A 1 47  ? 8.614   1.497   7.769   1.00 23.06 ? 41   ASN A C   1 
ATOM   335 O  O   . ASN A 1 47  ? 9.307   2.490   7.818   1.00 24.92 ? 41   ASN A O   1 
ATOM   336 C  CB  . ASN A 1 47  ? 9.505   -0.555  8.866   1.00 23.39 ? 41   ASN A CB  1 
ATOM   337 C  CG  . ASN A 1 47  ? 9.433   -1.459  10.069  1.00 27.16 ? 41   ASN A CG  1 
ATOM   338 O  OD1 . ASN A 1 47  ? 9.706   -1.000  11.202  1.00 26.94 ? 41   ASN A OD1 1 
ATOM   339 N  ND2 . ASN A 1 47  ? 8.854   -2.645  9.898   1.00 24.87 ? 41   ASN A ND2 1 
ATOM   340 N  N   . PHE A 1 48  ? 7.867   1.201   6.707   1.00 19.97 ? 42   PHE A N   1 
ATOM   341 C  CA  . PHE A 1 48  ? 7.758   2.139   5.624   1.00 19.47 ? 42   PHE A CA  1 
ATOM   342 C  C   . PHE A 1 48  ? 7.194   3.488   6.092   1.00 21.20 ? 42   PHE A C   1 
ATOM   343 O  O   . PHE A 1 48  ? 7.769   4.534   5.794   1.00 22.01 ? 42   PHE A O   1 
ATOM   344 C  CB  . PHE A 1 48  ? 6.878   1.510   4.509   1.00 20.06 ? 42   PHE A CB  1 
ATOM   345 C  CG  . PHE A 1 48  ? 6.579   2.443   3.390   1.00 23.01 ? 42   PHE A CG  1 
ATOM   346 C  CD1 . PHE A 1 48  ? 7.466   2.589   2.338   1.00 22.00 ? 42   PHE A CD1 1 
ATOM   347 C  CD2 . PHE A 1 48  ? 5.397   3.168   3.387   1.00 21.84 ? 42   PHE A CD2 1 
ATOM   348 C  CE1 . PHE A 1 48  ? 7.201   3.524   1.325   1.00 23.77 ? 42   PHE A CE1 1 
ATOM   349 C  CE2 . PHE A 1 48  ? 5.124   4.071   2.381   1.00 23.57 ? 42   PHE A CE2 1 
ATOM   350 C  CZ  . PHE A 1 48  ? 6.018   4.251   1.356   1.00 19.50 ? 42   PHE A CZ  1 
ATOM   351 N  N   . LEU A 1 49  ? 6.106   3.428   6.840   1.00 20.41 ? 43   LEU A N   1 
ATOM   352 C  CA  . LEU A 1 49  ? 5.465   4.634   7.367   1.00 20.00 ? 43   LEU A CA  1 
ATOM   353 C  C   . LEU A 1 49  ? 6.396   5.380   8.332   1.00 23.95 ? 43   LEU A C   1 
ATOM   354 O  O   . LEU A 1 49  ? 6.450   6.611   8.294   1.00 26.66 ? 43   LEU A O   1 
ATOM   355 C  CB  . LEU A 1 49  ? 4.159   4.263   8.075   1.00 21.26 ? 43   LEU A CB  1 
ATOM   356 C  CG  . LEU A 1 49  ? 3.016   3.785   7.161   1.00 18.88 ? 43   LEU A CG  1 
ATOM   357 C  CD1 . LEU A 1 49  ? 1.808   3.440   8.036   1.00 20.96 ? 43   LEU A CD1 1 
ATOM   358 C  CD2 . LEU A 1 49  ? 2.624   4.825   6.090   1.00 20.93 ? 43   LEU A CD2 1 
ATOM   359 N  N   . SER A 1 50  ? 7.166   4.649   9.121   1.00 25.62 ? 44   SER A N   1 
ATOM   360 C  CA  . SER A 1 50  ? 8.064   5.286   10.120  1.00 27.40 ? 44   SER A CA  1 
ATOM   361 C  C   . SER A 1 50  ? 9.197   6.017   9.436   1.00 28.98 ? 44   SER A C   1 
ATOM   362 O  O   . SER A 1 50  ? 9.592   7.091   9.871   1.00 31.61 ? 44   SER A O   1 
ATOM   363 C  CB  . SER A 1 50  ? 8.653   4.247   11.046  1.00 28.26 ? 44   SER A CB  1 
ATOM   364 O  OG  . SER A 1 50  ? 7.673   3.763   11.931  1.00 41.01 ? 44   SER A OG  1 
ATOM   365 N  N   . ALA A 1 51  ? 9.686   5.460   8.326   1.00 26.56 ? 45   ALA A N   1 
ATOM   366 C  CA  . ALA A 1 51  ? 10.716  6.138   7.547   1.00 28.34 ? 45   ALA A CA  1 
ATOM   367 C  C   . ALA A 1 51  ? 10.205  7.422   6.906   1.00 30.25 ? 45   ALA A C   1 
ATOM   368 O  O   . ALA A 1 51  ? 10.944  8.438   6.836   1.00 29.48 ? 45   ALA A O   1 
ATOM   369 C  CB  . ALA A 1 51  ? 11.334  5.196   6.492   1.00 28.40 ? 45   ALA A CB  1 
ATOM   370 N  N   . CYS A 1 52  ? 8.956   7.383   6.424   1.00 29.81 ? 46   CYS A N   1 
ATOM   371 C  CA  . CYS A 1 52  ? 8.273   8.592   5.953   1.00 30.45 ? 46   CYS A CA  1 
ATOM   372 C  C   . CYS A 1 52  ? 8.219   9.649   7.045   1.00 32.00 ? 46   CYS A C   1 
ATOM   373 O  O   . CYS A 1 52  ? 8.605   10.796  6.822   1.00 33.11 ? 46   CYS A O   1 
ATOM   374 C  CB  . CYS A 1 52  ? 6.856   8.275   5.487   1.00 28.05 ? 46   CYS A CB  1 
ATOM   375 S  SG  . CYS A 1 52  ? 6.869   7.483   3.871   1.00 29.55 ? 46   CYS A SG  1 
ATOM   376 N  N   . ASP A 1 53  ? 7.695   9.270   8.208   1.00 34.37 ? 47   ASP A N   1 
ATOM   377 C  CA  . ASP A 1 53  ? 7.575   10.197  9.344   1.00 38.71 ? 47   ASP A CA  1 
ATOM   378 C  C   . ASP A 1 53  ? 8.895   10.913  9.612   1.00 41.47 ? 47   ASP A C   1 
ATOM   379 O  O   . ASP A 1 53  ? 8.929   12.140  9.771   1.00 40.13 ? 47   ASP A O   1 
ATOM   380 C  CB  . ASP A 1 53  ? 7.178   9.459   10.620  1.00 37.44 ? 47   ASP A CB  1 
ATOM   381 C  CG  . ASP A 1 53  ? 5.755   8.956   10.597  1.00 42.97 ? 47   ASP A CG  1 
ATOM   382 O  OD1 . ASP A 1 53  ? 4.934   9.484   9.815   1.00 42.81 ? 47   ASP A OD1 1 
ATOM   383 O  OD2 . ASP A 1 53  ? 5.462   8.005   11.358  1.00 46.60 ? 47   ASP A OD2 1 
ATOM   384 N  N   . LYS A 1 54  ? 9.961   10.137  9.784   1.00 41.84 ? 48   LYS A N   1 
ATOM   385 C  CA  . LYS A 1 54  ? 11.265  10.719  10.054  1.00 44.20 ? 48   LYS A CA  1 
ATOM   386 C  C   . LYS A 1 54  ? 11.634  11.794  9.029   1.00 44.18 ? 48   LYS A C   1 
ATOM   387 O  O   . LYS A 1 54  ? 12.252  12.798  9.385   1.00 46.17 ? 48   LYS A O   1 
ATOM   388 C  CB  . LYS A 1 54  ? 12.337  9.634   10.121  1.00 44.15 ? 48   LYS A CB  1 
ATOM   389 C  CG  . LYS A 1 54  ? 12.302  8.835   11.406  1.00 48.62 ? 48   LYS A CG  1 
ATOM   390 C  CD  . LYS A 1 54  ? 13.420  7.793   11.451  1.00 54.42 ? 48   LYS A CD  1 
ATOM   391 C  CE  . LYS A 1 54  ? 13.174  6.744   12.539  1.00 56.11 ? 48   LYS A CE  1 
ATOM   392 N  NZ  . LYS A 1 54  ? 11.803  6.152   12.485  1.00 55.81 ? 48   LYS A NZ  1 
ATOM   393 N  N   . LYS A 1 55  ? 11.199  11.616  7.782   1.00 44.05 ? 49   LYS A N   1 
ATOM   394 C  CA  . LYS A 1 55  ? 11.434  12.599  6.714   1.00 42.71 ? 49   LYS A CA  1 
ATOM   395 C  C   . LYS A 1 55  ? 10.471  13.793  6.785   1.00 42.09 ? 49   LYS A C   1 
ATOM   396 O  O   . LYS A 1 55  ? 10.519  14.688  5.936   1.00 42.27 ? 49   LYS A O   1 
ATOM   397 C  CB  . LYS A 1 55  ? 11.321  11.946  5.323   1.00 44.36 ? 49   LYS A CB  1 
ATOM   398 C  CG  . LYS A 1 55  ? 12.414  10.936  4.983   1.00 46.13 ? 49   LYS A CG  1 
ATOM   399 C  CD  . LYS A 1 55  ? 13.799  11.563  5.030   1.00 52.68 ? 49   LYS A CD  1 
ATOM   400 C  CE  . LYS A 1 55  ? 14.830  10.681  4.353   1.00 56.23 ? 49   LYS A CE  1 
ATOM   401 N  NZ  . LYS A 1 55  ? 16.142  11.388  4.235   1.00 59.16 ? 49   LYS A NZ  1 
ATOM   402 N  N   . GLY A 1 56  ? 9.532   13.749  7.724   1.00 40.79 ? 50   GLY A N   1 
ATOM   403 C  CA  . GLY A 1 56  ? 8.496   14.785  7.826   1.00 39.69 ? 50   GLY A CA  1 
ATOM   404 C  C   . GLY A 1 56  ? 7.267   14.584  6.948   1.00 39.44 ? 50   GLY A C   1 
ATOM   405 O  O   . GLY A 1 56  ? 6.495   15.518  6.738   1.00 39.52 ? 50   GLY A O   1 
ATOM   406 N  N   . THR A 1 57  ? 7.039   13.351  6.495   1.00 35.85 ? 51   THR A N   1 
ATOM   407 C  CA  . THR A 1 57  ? 5.942   13.053  5.563   1.00 33.68 ? 51   THR A CA  1 
ATOM   408 C  C   . THR A 1 57  ? 4.923   12.147  6.263   1.00 32.29 ? 51   THR A C   1 
ATOM   409 O  O   . THR A 1 57  ? 5.305   11.138  6.876   1.00 31.25 ? 51   THR A O   1 
ATOM   410 C  CB  . THR A 1 57  ? 6.481   12.377  4.277   1.00 34.22 ? 51   THR A CB  1 
ATOM   411 O  OG1 . THR A 1 57  ? 7.169   13.350  3.478   1.00 37.10 ? 51   THR A OG1 1 
ATOM   412 C  CG2 . THR A 1 57  ? 5.351   11.766  3.446   1.00 31.25 ? 51   THR A CG2 1 
ATOM   413 N  N   . ASN A 1 58  ? 3.656   12.564  6.296   1.00 29.55 ? 52   ASN A N   1 
ATOM   414 C  CA  . ASN A 1 58  ? 2.602   11.687  6.829   1.00 26.00 ? 52   ASN A CA  1 
ATOM   415 C  C   . ASN A 1 58  ? 1.947   11.036  5.627   1.00 25.13 ? 52   ASN A C   1 
ATOM   416 O  O   . ASN A 1 58  ? 1.057   11.606  5.030   1.00 24.11 ? 52   ASN A O   1 
ATOM   417 C  CB  . ASN A 1 58  ? 1.534   12.455  7.622   1.00 27.41 ? 52   ASN A CB  1 
ATOM   418 C  CG  . ASN A 1 58  ? 0.564   11.538  8.360   1.00 31.78 ? 52   ASN A CG  1 
ATOM   419 O  OD1 . ASN A 1 58  ? -0.023  11.962  9.361   1.00 41.50 ? 52   ASN A OD1 1 
ATOM   420 N  ND2 . ASN A 1 58  ? 0.363   10.285  7.875   1.00 28.60 ? 52   ASN A ND2 1 
ATOM   421 N  N   . TYR A 1 59  ? 2.401   9.830   5.288   1.00 23.59 ? 53   TYR A N   1 
ATOM   422 C  CA  . TYR A 1 59  ? 1.909   9.132   4.112   1.00 22.31 ? 53   TYR A CA  1 
ATOM   423 C  C   . TYR A 1 59  ? 0.402   8.895   4.118   1.00 20.20 ? 53   TYR A C   1 
ATOM   424 O  O   . TYR A 1 59  ? -0.224  8.810   3.045   1.00 19.39 ? 53   TYR A O   1 
ATOM   425 C  CB  . TYR A 1 59  ? 2.640   7.782   4.043   1.00 20.68 ? 53   TYR A CB  1 
ATOM   426 C  CG  . TYR A 1 59  ? 2.700   7.171   2.664   1.00 19.43 ? 53   TYR A CG  1 
ATOM   427 C  CD1 . TYR A 1 59  ? 3.657   7.596   1.759   1.00 19.74 ? 53   TYR A CD1 1 
ATOM   428 C  CD2 . TYR A 1 59  ? 1.741   6.275   2.250   1.00 18.25 ? 53   TYR A CD2 1 
ATOM   429 C  CE1 . TYR A 1 59  ? 3.741   7.028   0.496   1.00 20.32 ? 53   TYR A CE1 1 
ATOM   430 C  CE2 . TYR A 1 59  ? 1.831   5.672   0.976   1.00 22.62 ? 53   TYR A CE2 1 
ATOM   431 C  CZ  . TYR A 1 59  ? 2.843   6.073   0.127   1.00 20.76 ? 53   TYR A CZ  1 
ATOM   432 O  OH  . TYR A 1 59  ? 2.969   5.545   -1.141  1.00 23.78 ? 53   TYR A OH  1 
ATOM   433 N  N   . LEU A 1 60  ? -0.187  8.737   5.299   1.00 19.29 ? 54   LEU A N   1 
ATOM   434 C  CA  . LEU A 1 60  ? -1.614  8.407   5.442   1.00 18.13 ? 54   LEU A CA  1 
ATOM   435 C  C   . LEU A 1 60  ? -2.565  9.626   5.273   1.00 16.52 ? 54   LEU A C   1 
ATOM   436 O  O   . LEU A 1 60  ? -3.814  9.458   5.166   1.00 19.36 ? 54   LEU A O   1 
ATOM   437 C  CB  . LEU A 1 60  ? -1.872  7.738   6.798   1.00 20.37 ? 54   LEU A CB  1 
ATOM   438 C  CG  . LEU A 1 60  ? -1.073  6.459   7.069   1.00 23.64 ? 54   LEU A CG  1 
ATOM   439 C  CD1 . LEU A 1 60  ? -1.623  5.838   8.328   1.00 24.53 ? 54   LEU A CD1 1 
ATOM   440 C  CD2 . LEU A 1 60  ? -1.169  5.517   5.868   1.00 22.61 ? 54   LEU A CD2 1 
ATOM   441 N  N   . ALA A 1 61  ? -1.982  10.821  5.297   1.00 19.29 ? 55   ALA A N   1 
ATOM   442 C  CA  . ALA A 1 61  ? -2.791  12.037  5.121   1.00 20.07 ? 55   ALA A CA  1 
ATOM   443 C  C   . ALA A 1 61  ? -3.490  12.045  3.758   1.00 19.75 ? 55   ALA A C   1 
ATOM   444 O  O   . ALA A 1 61  ? -4.700  12.340  3.660   1.00 21.38 ? 55   ALA A O   1 
ATOM   445 C  CB  . ALA A 1 61  ? -1.887  13.288  5.227   1.00 21.74 ? 55   ALA A CB  1 
ATOM   446 N  N   . ASP A 1 62  ? -2.778  11.597  2.709   1.00 17.86 ? 56   ASP A N   1 
ATOM   447 C  CA  . ASP A 1 62  ? -3.303  11.755  1.350   1.00 16.53 ? 56   ASP A CA  1 
ATOM   448 C  C   . ASP A 1 62  ? -3.347  10.450  0.564   1.00 16.04 ? 56   ASP A C   1 
ATOM   449 O  O   . ASP A 1 62  ? -3.795  10.467  -0.569  1.00 16.52 ? 56   ASP A O   1 
ATOM   450 C  CB  . ASP A 1 62  ? -2.461  12.780  0.544   1.00 18.09 ? 56   ASP A CB  1 
ATOM   451 C  CG  . ASP A 1 62  ? -1.013  12.307  0.311   1.00 15.88 ? 56   ASP A CG  1 
ATOM   452 O  OD1 . ASP A 1 62  ? -0.466  11.549  1.175   1.00 17.99 ? 56   ASP A OD1 1 
ATOM   453 O  OD2 . ASP A 1 62  ? -0.397  12.810  -0.642  1.00 19.96 ? 56   ASP A OD2 1 
ATOM   454 N  N   . VAL A 1 63  ? -2.843  9.344   1.144   1.00 15.60 ? 57   VAL A N   1 
ATOM   455 C  CA  . VAL A 1 63  ? -2.750  8.114   0.328   1.00 16.00 ? 57   VAL A CA  1 
ATOM   456 C  C   . VAL A 1 63  ? -4.099  7.718   -0.288  1.00 16.21 ? 57   VAL A C   1 
ATOM   457 O  O   . VAL A 1 63  ? -4.178  7.299   -1.439  1.00 15.51 ? 57   VAL A O   1 
ATOM   458 C  CB  . VAL A 1 63  ? -2.128  6.948   1.132   1.00 16.05 ? 57   VAL A CB  1 
ATOM   459 C  CG1 . VAL A 1 63  ? -3.023  6.514   2.320   1.00 17.95 ? 57   VAL A CG1 1 
ATOM   460 C  CG2 . VAL A 1 63  ? -1.881  5.766   0.185   1.00 17.06 ? 57   VAL A CG2 1 
ATOM   461 N  N   . PHE A 1 64  ? -5.172  7.792   0.488   1.00 16.11 ? 58   PHE A N   1 
ATOM   462 C  CA  . PHE A 1 64  ? -6.478  7.427   -0.071  1.00 15.87 ? 58   PHE A CA  1 
ATOM   463 C  C   . PHE A 1 64  ? -6.947  8.280   -1.251  1.00 14.85 ? 58   PHE A C   1 
ATOM   464 O  O   . PHE A 1 64  ? -7.358  7.771   -2.294  1.00 16.05 ? 58   PHE A O   1 
ATOM   465 C  CB  . PHE A 1 64  ? -7.541  7.391   1.059   1.00 17.51 ? 58   PHE A CB  1 
ATOM   466 C  CG  . PHE A 1 64  ? -8.849  6.819   0.620   1.00 17.75 ? 58   PHE A CG  1 
ATOM   467 C  CD1 . PHE A 1 64  ? -9.068  5.435   0.671   1.00 18.15 ? 58   PHE A CD1 1 
ATOM   468 C  CD2 . PHE A 1 64  ? -9.851  7.633   0.080   1.00 20.78 ? 58   PHE A CD2 1 
ATOM   469 C  CE1 . PHE A 1 64  ? -10.273 4.885   0.255   1.00 18.67 ? 58   PHE A CE1 1 
ATOM   470 C  CE2 . PHE A 1 64  ? -11.028 7.079   -0.427  1.00 23.56 ? 58   PHE A CE2 1 
ATOM   471 C  CZ  . PHE A 1 64  ? -11.272 5.707   -0.286  1.00 22.38 ? 58   PHE A CZ  1 
ATOM   472 N  N   . GLU A 1 65  ? -6.767  9.597   -1.101  1.00 17.10 ? 59   GLU A N   1 
ATOM   473 C  CA  . GLU A 1 65  ? -7.147  10.515  -2.136  1.00 17.18 ? 59   GLU A CA  1 
ATOM   474 C  C   . GLU A 1 65  ? -6.247  10.385  -3.359  1.00 15.49 ? 59   GLU A C   1 
ATOM   475 O  O   . GLU A 1 65  ? -6.706  10.558  -4.489  1.00 18.91 ? 59   GLU A O   1 
ATOM   476 C  CB  . GLU A 1 65  ? -7.074  11.958  -1.580  1.00 16.56 ? 59   GLU A CB  1 
ATOM   477 C  CG  . GLU A 1 65  ? -8.208  12.256  -0.584  1.00 19.77 ? 59   GLU A CG  1 
ATOM   478 C  CD  . GLU A 1 65  ? -8.088  11.525  0.716   1.00 20.28 ? 59   GLU A CD  1 
ATOM   479 O  OE1 . GLU A 1 65  ? -6.983  11.408  1.292   1.00 19.09 ? 59   GLU A OE1 1 
ATOM   480 O  OE2 . GLU A 1 65  ? -9.167  11.018  1.152   1.00 27.61 ? 59   GLU A OE2 1 
ATOM   481 N  N   . LYS A 1 66  ? -4.958  10.046  -3.148  1.00 16.44 ? 60   LYS A N   1 
ATOM   482 C  CA  . LYS A 1 66  ? -4.087  9.878   -4.289  1.00 16.30 ? 60   LYS A CA  1 
ATOM   483 C  C   . LYS A 1 66  ? -4.353  8.590   -5.049  1.00 15.58 ? 60   LYS A C   1 
ATOM   484 O  O   . LYS A 1 66  ? -4.313  8.582   -6.293  1.00 17.06 ? 60   LYS A O   1 
ATOM   485 C  CB  . LYS A 1 66  ? -2.609  9.896   -3.819  1.00 16.64 ? 60   LYS A CB  1 
ATOM   486 C  CG  . LYS A 1 66  ? -2.107  11.265  -3.322  1.00 16.36 ? 60   LYS A CG  1 
ATOM   487 C  CD  . LYS A 1 66  ? -2.213  12.271  -4.435  1.00 17.20 ? 60   LYS A CD  1 
ATOM   488 C  CE  . LYS A 1 66  ? -1.304  13.523  -4.208  1.00 19.56 ? 60   LYS A CE  1 
ATOM   489 N  NZ  . LYS A 1 66  ? -1.377  14.102  -2.784  1.00 17.49 ? 60   LYS A NZ  1 
ATOM   490 N  N   . LYS A 1 67  ? -4.770  7.551   -4.320  1.00 16.63 ? 61   LYS A N   1 
ATOM   491 C  CA  . LYS A 1 67  ? -4.951  6.271   -4.972  1.00 15.99 ? 61   LYS A CA  1 
ATOM   492 C  C   . LYS A 1 67  ? -6.365  5.955   -5.428  1.00 15.24 ? 61   LYS A C   1 
ATOM   493 O  O   . LYS A 1 67  ? -6.533  5.050   -6.257  1.00 16.87 ? 61   LYS A O   1 
ATOM   494 C  CB  . LYS A 1 67  ? -4.401  5.128   -4.070  1.00 16.33 ? 61   LYS A CB  1 
ATOM   495 C  CG  . LYS A 1 67  ? -2.902  5.296   -3.719  1.00 17.17 ? 61   LYS A CG  1 
ATOM   496 C  CD  . LYS A 1 67  ? -2.032  5.728   -4.904  1.00 22.80 ? 61   LYS A CD  1 
ATOM   497 C  CE  . LYS A 1 67  ? -1.860  4.666   -5.955  1.00 22.62 ? 61   LYS A CE  1 
ATOM   498 N  NZ  . LYS A 1 67  ? -0.958  5.267   -7.088  1.00 23.10 ? 61   LYS A NZ  1 
ATOM   499 N  N   . ASP A 1 68  ? -7.341  6.721   -4.936  1.00 15.71 ? 62   ASP A N   1 
ATOM   500 C  CA  . ASP A 1 68  ? -8.737  6.542   -5.386  1.00 17.76 ? 62   ASP A CA  1 
ATOM   501 C  C   . ASP A 1 68  ? -8.943  7.238   -6.744  1.00 18.36 ? 62   ASP A C   1 
ATOM   502 O  O   . ASP A 1 68  ? -9.523  8.338   -6.822  1.00 18.87 ? 62   ASP A O   1 
ATOM   503 C  CB  . ASP A 1 68  ? -9.718  6.994   -4.310  1.00 17.51 ? 62   ASP A CB  1 
ATOM   504 C  CG  . ASP A 1 68  ? -11.162 6.806   -4.730  1.00 16.23 ? 62   ASP A CG  1 
ATOM   505 O  OD1 . ASP A 1 68  ? -11.408 6.040   -5.666  1.00 16.58 ? 62   ASP A OD1 1 
ATOM   506 O  OD2 . ASP A 1 68  ? -11.995 7.579   -4.169  1.00 20.73 ? 62   ASP A OD2 1 
ATOM   507 N  N   . LYS A 1 69  ? -8.361  6.653   -7.776  1.00 18.94 ? 63   LYS A N   1 
ATOM   508 C  CA  . LYS A 1 69  ? -8.238  7.298   -9.094  1.00 20.88 ? 63   LYS A CA  1 
ATOM   509 C  C   . LYS A 1 69  ? -9.602  7.643   -9.709  1.00 21.61 ? 63   LYS A C   1 
ATOM   510 O  O   . LYS A 1 69  ? -9.775  8.709   -10.319 1.00 23.53 ? 63   LYS A O   1 
ATOM   511 C  CB  . LYS A 1 69  ? -7.475  6.360   -10.024 1.00 22.93 ? 63   LYS A CB  1 
ATOM   512 C  CG  . LYS A 1 69  ? -7.179  6.915   -11.417 1.00 27.38 ? 63   LYS A CG  1 
ATOM   513 C  CD  . LYS A 1 69  ? -6.507  5.838   -12.283 1.00 36.57 ? 63   LYS A CD  1 
ATOM   514 C  CE  . LYS A 1 69  ? -5.927  6.427   -13.561 1.00 46.80 ? 63   LYS A CE  1 
ATOM   515 N  NZ  . LYS A 1 69  ? -5.158  5.405   -14.324 1.00 54.44 ? 63   LYS A NZ  1 
ATOM   516 N  N   . ASN A 1 70  ? -10.556 6.731   -9.558  1.00 22.15 ? 64   ASN A N   1 
ATOM   517 C  CA  . ASN A 1 70  ? -11.885 6.976   -10.105 1.00 22.45 ? 64   ASN A CA  1 
ATOM   518 C  C   . ASN A 1 70  ? -12.852 7.700   -9.151  1.00 24.26 ? 64   ASN A C   1 
ATOM   519 O  O   . ASN A 1 70  ? -14.044 7.881   -9.499  1.00 23.93 ? 64   ASN A O   1 
ATOM   520 C  CB  . ASN A 1 70  ? -12.461 5.675   -10.683 1.00 21.83 ? 64   ASN A CB  1 
ATOM   521 C  CG  . ASN A 1 70  ? -12.821 4.692   -9.612  1.00 24.07 ? 64   ASN A CG  1 
ATOM   522 O  OD1 . ASN A 1 70  ? -12.527 4.900   -8.445  1.00 21.00 ? 64   ASN A OD1 1 
ATOM   523 N  ND2 . ASN A 1 70  ? -13.632 3.700   -9.984  1.00 30.84 ? 64   ASN A ND2 1 
ATOM   524 N  N   . GLU A 1 71  ? -12.367 8.118   -7.968  1.00 23.96 ? 65   GLU A N   1 
ATOM   525 C  CA  . GLU A 1 71  ? -13.136 8.940   -7.030  1.00 24.03 ? 65   GLU A CA  1 
ATOM   526 C  C   . GLU A 1 71  ? -14.486 8.341   -6.649  1.00 26.34 ? 65   GLU A C   1 
ATOM   527 O  O   . GLU A 1 71  ? -15.496 9.061   -6.490  1.00 27.41 ? 65   GLU A O   1 
ATOM   528 C  CB  . GLU A 1 71  ? -13.277 10.383  -7.567  1.00 21.51 ? 65   GLU A CB  1 
ATOM   529 C  CG  . GLU A 1 71  ? -11.938 11.008  -7.787  1.00 24.24 ? 65   GLU A CG  1 
ATOM   530 C  CD  . GLU A 1 71  ? -11.992 12.361  -8.448  1.00 36.31 ? 65   GLU A CD  1 
ATOM   531 O  OE1 . GLU A 1 71  ? -12.321 12.429  -9.652  1.00 42.99 ? 65   GLU A OE1 1 
ATOM   532 O  OE2 . GLU A 1 71  ? -11.546 13.323  -7.804  1.00 38.49 ? 65   GLU A OE2 1 
ATOM   533 N  N   . ASP A 1 72  ? -14.506 7.016   -6.493  1.00 23.90 ? 66   ASP A N   1 
ATOM   534 C  CA  . ASP A 1 72  ? -15.676 6.344   -5.935  1.00 24.06 ? 66   ASP A CA  1 
ATOM   535 C  C   . ASP A 1 72  ? -15.622 6.063   -4.445  1.00 22.56 ? 66   ASP A C   1 
ATOM   536 O  O   . ASP A 1 72  ? -16.523 5.406   -3.892  1.00 24.46 ? 66   ASP A O   1 
ATOM   537 C  CB  . ASP A 1 72  ? -16.001 5.087   -6.733  1.00 25.19 ? 66   ASP A CB  1 
ATOM   538 C  CG  . ASP A 1 72  ? -14.970 3.981   -6.548  1.00 28.45 ? 66   ASP A CG  1 
ATOM   539 O  OD1 . ASP A 1 72  ? -13.975 4.215   -5.821  1.00 22.73 ? 66   ASP A OD1 1 
ATOM   540 O  OD2 . ASP A 1 72  ? -15.202 2.879   -7.097  1.00 24.29 ? 66   ASP A OD2 1 
ATOM   541 N  N   . LYS A 1 73  ? -14.616 6.616   -3.764  1.00 21.41 ? 67   LYS A N   1 
ATOM   542 C  CA  . LYS A 1 73  ? -14.473 6.542   -2.322  1.00 22.62 ? 67   LYS A CA  1 
ATOM   543 C  C   . LYS A 1 73  ? -14.252 5.102   -1.875  1.00 20.09 ? 67   LYS A C   1 
ATOM   544 O  O   . LYS A 1 73  ? -14.380 4.813   -0.693  1.00 22.10 ? 67   LYS A O   1 
ATOM   545 C  CB  . LYS A 1 73  ? -15.677 7.126   -1.558  1.00 27.12 ? 67   LYS A CB  1 
ATOM   546 C  CG  . LYS A 1 73  ? -16.118 8.480   -2.069  1.00 34.15 ? 67   LYS A CG  1 
ATOM   547 C  CD  . LYS A 1 73  ? -14.987 9.474   -2.005  1.00 40.77 ? 67   LYS A CD  1 
ATOM   548 C  CE  . LYS A 1 73  ? -15.462 10.845  -2.498  1.00 47.04 ? 67   LYS A CE  1 
ATOM   549 N  NZ  . LYS A 1 73  ? -15.992 11.656  -1.375  1.00 52.96 ? 67   LYS A NZ  1 
ATOM   550 N  N   . LYS A 1 74  ? -13.652 4.317   -2.769  1.00 20.91 ? 68   LYS A N   1 
ATOM   551 C  CA  . LYS A 1 74  ? -13.250 2.958   -2.451  1.00 22.06 ? 68   LYS A CA  1 
ATOM   552 C  C   . LYS A 1 74  ? -11.899 2.708   -3.142  1.00 20.92 ? 68   LYS A C   1 
ATOM   553 O  O   . LYS A 1 74  ? -11.657 3.245   -4.212  1.00 20.88 ? 68   LYS A O   1 
ATOM   554 C  CB  . LYS A 1 74  ? -14.273 1.998   -3.058  1.00 24.22 ? 68   LYS A CB  1 
ATOM   555 C  CG  . LYS A 1 74  ? -15.697 2.215   -2.592  1.00 31.99 ? 68   LYS A CG  1 
ATOM   556 C  CD  . LYS A 1 74  ? -15.815 1.912   -1.129  1.00 37.87 ? 68   LYS A CD  1 
ATOM   557 C  CE  . LYS A 1 74  ? -17.282 1.708   -0.742  1.00 43.01 ? 68   LYS A CE  1 
ATOM   558 N  NZ  . LYS A 1 74  ? -17.367 0.886   0.486   1.00 42.06 ? 68   LYS A NZ  1 
ATOM   559 N  N   . ILE A 1 75  ? -11.115 1.758   -2.613  1.00 18.42 ? 69   ILE A N   1 
ATOM   560 C  CA  . ILE A 1 75  ? -9.896  1.348   -3.338  1.00 16.67 ? 69   ILE A CA  1 
ATOM   561 C  C   . ILE A 1 75  ? -10.131 -0.062  -3.889  1.00 17.45 ? 69   ILE A C   1 
ATOM   562 O  O   . ILE A 1 75  ? -10.283 -1.041  -3.083  1.00 20.73 ? 69   ILE A O   1 
ATOM   563 C  CB  . ILE A 1 75  ? -8.674  1.319   -2.361  1.00 17.01 ? 69   ILE A CB  1 
ATOM   564 C  CG1 . ILE A 1 75  ? -8.362  2.734   -1.839  1.00 15.81 ? 69   ILE A CG1 1 
ATOM   565 C  CG2 . ILE A 1 75  ? -7.403  0.672   -3.034  1.00 18.92 ? 69   ILE A CG2 1 
ATOM   566 C  CD1 . ILE A 1 75  ? -7.936  3.724   -2.950  1.00 20.63 ? 69   ILE A CD1 1 
ATOM   567 N  N   . ASP A 1 76  ? -10.197 -0.180  -5.208  1.00 18.12 ? 70   ASP A N   1 
ATOM   568 C  CA  . ASP A 1 76  ? -10.386 -1.499  -5.802  1.00 16.89 ? 70   ASP A CA  1 
ATOM   569 C  C   . ASP A 1 76  ? -9.043  -2.156  -6.062  1.00 16.61 ? 70   ASP A C   1 
ATOM   570 O  O   . ASP A 1 76  ? -7.993  -1.632  -5.662  1.00 16.66 ? 70   ASP A O   1 
ATOM   571 C  CB  . ASP A 1 76  ? -11.206 -1.460  -7.088  1.00 18.39 ? 70   ASP A CB  1 
ATOM   572 C  CG  . ASP A 1 76  ? -10.591 -0.583  -8.147  1.00 21.83 ? 70   ASP A CG  1 
ATOM   573 O  OD1 . ASP A 1 76  ? -9.339  -0.573  -8.257  1.00 20.53 ? 70   ASP A OD1 1 
ATOM   574 O  OD2 . ASP A 1 76  ? -11.345 -0.038  -8.985  1.00 22.88 ? 70   ASP A OD2 1 
ATOM   575 N  N   . PHE A 1 77  ? -9.074  -3.385  -6.572  1.00 17.43 ? 71   PHE A N   1 
ATOM   576 C  CA  . PHE A 1 77  ? -7.834  -4.158  -6.614  1.00 16.25 ? 71   PHE A CA  1 
ATOM   577 C  C   . PHE A 1 77  ? -6.807  -3.475  -7.493  1.00 16.98 ? 71   PHE A C   1 
ATOM   578 O  O   . PHE A 1 77  ? -5.621  -3.484  -7.135  1.00 16.50 ? 71   PHE A O   1 
ATOM   579 C  CB  . PHE A 1 77  ? -8.104  -5.602  -7.105  1.00 17.44 ? 71   PHE A CB  1 
ATOM   580 C  CG  . PHE A 1 77  ? -6.907  -6.494  -7.026  1.00 14.36 ? 71   PHE A CG  1 
ATOM   581 C  CD1 . PHE A 1 77  ? -6.507  -6.989  -5.798  1.00 14.07 ? 71   PHE A CD1 1 
ATOM   582 C  CD2 . PHE A 1 77  ? -6.210  -6.864  -8.178  1.00 15.87 ? 71   PHE A CD2 1 
ATOM   583 C  CE1 . PHE A 1 77  ? -5.384  -7.861  -5.675  1.00 17.40 ? 71   PHE A CE1 1 
ATOM   584 C  CE2 . PHE A 1 77  ? -5.080  -7.774  -8.053  1.00 14.58 ? 71   PHE A CE2 1 
ATOM   585 C  CZ  . PHE A 1 77  ? -4.658  -8.199  -6.822  1.00 16.24 ? 71   PHE A CZ  1 
ATOM   586 N  N   . SER A 1 78  ? -7.234  -2.893  -8.605  1.00 16.72 ? 72   SER A N   1 
ATOM   587 C  CA  . SER A 1 78  ? -6.303  -2.208  -9.492  1.00 17.79 ? 72   SER A CA  1 
ATOM   588 C  C   . SER A 1 78  ? -5.633  -1.019  -8.821  1.00 15.64 ? 72   SER A C   1 
ATOM   589 O  O   . SER A 1 78  ? -4.402  -0.820  -8.993  1.00 17.32 ? 72   SER A O   1 
ATOM   590 C  CB  . SER A 1 78  ? -6.952  -1.776  -10.788 1.00 18.38 ? 72   SER A CB  1 
ATOM   591 O  OG  . SER A 1 78  ? -7.857  -0.692  -10.577 1.00 21.61 ? 72   SER A OG  1 
ATOM   592 N  N   . GLU A 1 79  ? -6.391  -0.311  -8.002  1.00 16.54 ? 73   GLU A N   1 
ATOM   593 C  CA  . GLU A 1 79  ? -5.837  0.845   -7.265  1.00 14.41 ? 73   GLU A CA  1 
ATOM   594 C  C   . GLU A 1 79  ? -4.916  0.404   -6.142  1.00 14.79 ? 73   GLU A C   1 
ATOM   595 O  O   . GLU A 1 79  ? -3.929  1.031   -5.868  1.00 16.44 ? 73   GLU A O   1 
ATOM   596 C  CB  . GLU A 1 79  ? -6.974  1.727   -6.719  1.00 15.49 ? 73   GLU A CB  1 
ATOM   597 C  CG  . GLU A 1 79  ? -7.790  2.364   -7.850  1.00 17.43 ? 73   GLU A CG  1 
ATOM   598 C  CD  . GLU A 1 79  ? -9.153  2.913   -7.390  1.00 19.78 ? 73   GLU A CD  1 
ATOM   599 O  OE1 . GLU A 1 79  ? -9.676  2.519   -6.348  1.00 19.02 ? 73   GLU A OE1 1 
ATOM   600 O  OE2 . GLU A 1 79  ? -9.628  3.905   -8.002  1.00 17.89 ? 73   GLU A OE2 1 
ATOM   601 N  N   . PHE A 1 80  ? -5.250  -0.749  -5.512  1.00 15.05 ? 74   PHE A N   1 
ATOM   602 C  CA  . PHE A 1 80  ? -4.381  -1.392  -4.546  1.00 15.29 ? 74   PHE A CA  1 
ATOM   603 C  C   . PHE A 1 80  ? -3.027  -1.795  -5.155  1.00 13.75 ? 74   PHE A C   1 
ATOM   604 O  O   . PHE A 1 80  ? -1.983  -1.544  -4.534  1.00 14.34 ? 74   PHE A O   1 
ATOM   605 C  CB  . PHE A 1 80  ? -5.137  -2.611  -4.001  1.00 13.59 ? 74   PHE A CB  1 
ATOM   606 C  CG  . PHE A 1 80  ? -4.302  -3.550  -3.163  1.00 13.86 ? 74   PHE A CG  1 
ATOM   607 C  CD1 . PHE A 1 80  ? -3.960  -3.244  -1.846  1.00 16.51 ? 74   PHE A CD1 1 
ATOM   608 C  CD2 . PHE A 1 80  ? -3.938  -4.787  -3.696  1.00 16.41 ? 74   PHE A CD2 1 
ATOM   609 C  CE1 . PHE A 1 80  ? -3.247  -4.145  -1.043  1.00 19.76 ? 74   PHE A CE1 1 
ATOM   610 C  CE2 . PHE A 1 80  ? -3.242  -5.687  -2.894  1.00 14.56 ? 74   PHE A CE2 1 
ATOM   611 C  CZ  . PHE A 1 80  ? -2.944  -5.380  -1.557  1.00 16.81 ? 74   PHE A CZ  1 
ATOM   612 N  N   . LEU A 1 81  ? -3.069  -2.350  -6.376  1.00 14.89 ? 75   LEU A N   1 
ATOM   613 C  CA  . LEU A 1 81  ? -1.817  -2.699  -7.055  1.00 14.05 ? 75   LEU A CA  1 
ATOM   614 C  C   . LEU A 1 81  ? -1.012  -1.418  -7.291  1.00 14.37 ? 75   LEU A C   1 
ATOM   615 O  O   . LEU A 1 81  ? 0.218   -1.443  -7.162  1.00 15.11 ? 75   LEU A O   1 
ATOM   616 C  CB  . LEU A 1 81  ? -2.041  -3.451  -8.378  1.00 15.07 ? 75   LEU A CB  1 
ATOM   617 C  CG  . LEU A 1 81  ? -2.676  -4.853  -8.242  1.00 15.55 ? 75   LEU A CG  1 
ATOM   618 C  CD1 . LEU A 1 81  ? -2.854  -5.391  -9.656  1.00 17.49 ? 75   LEU A CD1 1 
ATOM   619 C  CD2 . LEU A 1 81  ? -1.795  -5.740  -7.394  1.00 19.17 ? 75   LEU A CD2 1 
ATOM   620 N  N   . SER A 1 82  ? -1.678  -0.334  -7.700  1.00 14.93 ? 76   SER A N   1 
ATOM   621 C  CA  A SER A 1 82  ? -0.963  0.950   -7.913  0.50 13.54 ? 76   SER A CA  1 
ATOM   622 C  CA  B SER A 1 82  ? -0.955  0.947   -7.904  0.50 14.83 ? 76   SER A CA  1 
ATOM   623 C  C   . SER A 1 82  ? -0.261  1.416   -6.644  1.00 13.94 ? 76   SER A C   1 
ATOM   624 O  O   . SER A 1 82  ? 0.887   1.876   -6.697  1.00 14.41 ? 76   SER A O   1 
ATOM   625 C  CB  A SER A 1 82  ? -1.913  2.035   -8.401  0.50 15.92 ? 76   SER A CB  1 
ATOM   626 C  CB  B SER A 1 82  ? -1.901  2.022   -8.391  0.50 17.18 ? 76   SER A CB  1 
ATOM   627 O  OG  A SER A 1 82  ? -1.173  3.151   -8.850  0.50 11.05 ? 76   SER A OG  1 
ATOM   628 O  OG  B SER A 1 82  ? -2.292  1.705   -9.698  0.50 20.32 ? 76   SER A OG  1 
ATOM   629 N  N   . LEU A 1 83  ? -0.947  1.283   -5.502  1.00 13.34 ? 77   LEU A N   1 
ATOM   630 C  CA  . LEU A 1 83  ? -0.342  1.624   -4.214  1.00 13.19 ? 77   LEU A CA  1 
ATOM   631 C  C   . LEU A 1 83  ? 0.887   0.750   -3.975  1.00 12.82 ? 77   LEU A C   1 
ATOM   632 O  O   . LEU A 1 83  ? 1.938   1.242   -3.538  1.00 14.80 ? 77   LEU A O   1 
ATOM   633 C  CB  . LEU A 1 83  ? -1.393  1.395   -3.122  1.00 12.42 ? 77   LEU A CB  1 
ATOM   634 C  CG  . LEU A 1 83  ? -0.914  1.517   -1.652  1.00 15.69 ? 77   LEU A CG  1 
ATOM   635 C  CD1 . LEU A 1 83  ? -0.214  2.835   -1.348  1.00 19.70 ? 77   LEU A CD1 1 
ATOM   636 C  CD2 . LEU A 1 83  ? -2.181  1.357   -0.735  1.00 17.75 ? 77   LEU A CD2 1 
ATOM   637 N  N   . LEU A 1 84  ? 0.746   -0.567  -4.150  1.00 13.10 ? 78   LEU A N   1 
ATOM   638 C  CA  . LEU A 1 84  ? 1.928   -1.436  -3.953  1.00 12.10 ? 78   LEU A CA  1 
ATOM   639 C  C   . LEU A 1 84  ? 3.066   -1.012  -4.880  1.00 12.72 ? 78   LEU A C   1 
ATOM   640 O  O   . LEU A 1 84  ? 4.250   -1.092  -4.477  1.00 13.98 ? 78   LEU A O   1 
ATOM   641 C  CB  . LEU A 1 84  ? 1.568   -2.933  -4.183  1.00 13.97 ? 78   LEU A CB  1 
ATOM   642 C  CG  . LEU A 1 84  ? 0.541   -3.503  -3.205  1.00 13.01 ? 78   LEU A CG  1 
ATOM   643 C  CD1 . LEU A 1 84  ? 0.388   -4.974  -3.573  1.00 15.50 ? 78   LEU A CD1 1 
ATOM   644 C  CD2 . LEU A 1 84  ? 1.025   -3.385  -1.776  1.00 15.61 ? 78   LEU A CD2 1 
ATOM   645 N  N   . GLY A 1 85  ? 2.727   -0.601  -6.107  1.00 12.55 ? 79   GLY A N   1 
ATOM   646 C  CA  . GLY A 1 85  ? 3.786   -0.160  -7.045  1.00 12.89 ? 79   GLY A CA  1 
ATOM   647 C  C   . GLY A 1 85  ? 4.462   1.112   -6.563  1.00 11.99 ? 79   GLY A C   1 
ATOM   648 O  O   . GLY A 1 85  ? 5.697   1.226   -6.666  1.00 14.66 ? 79   GLY A O   1 
ATOM   649 N  N   . ASP A 1 86  ? 3.716   2.015   -5.934  1.00 14.27 ? 80   ASP A N   1 
ATOM   650 C  CA  . ASP A 1 86  ? 4.353   3.205   -5.337  1.00 15.34 ? 80   ASP A CA  1 
ATOM   651 C  C   . ASP A 1 86  ? 5.325   2.839   -4.224  1.00 15.32 ? 80   ASP A C   1 
ATOM   652 O  O   . ASP A 1 86  ? 6.429   3.388   -4.147  1.00 16.60 ? 80   ASP A O   1 
ATOM   653 C  CB  . ASP A 1 86  ? 3.291   4.174   -4.778  1.00 13.89 ? 80   ASP A CB  1 
ATOM   654 C  CG  . ASP A 1 86  ? 2.437   4.797   -5.849  1.00 16.46 ? 80   ASP A CG  1 
ATOM   655 O  OD1 . ASP A 1 86  ? 2.832   4.847   -7.043  1.00 19.65 ? 80   ASP A OD1 1 
ATOM   656 O  OD2 . ASP A 1 86  ? 1.335   5.307   -5.473  1.00 17.49 ? 80   ASP A OD2 1 
ATOM   657 N  N   . ILE A 1 87  ? 4.880   1.932   -3.350  1.00 13.62 ? 81   ILE A N   1 
ATOM   658 C  CA  . ILE A 1 87  ? 5.722   1.476   -2.246  1.00 14.18 ? 81   ILE A CA  1 
ATOM   659 C  C   . ILE A 1 87  ? 6.987   0.796   -2.800  1.00 13.57 ? 81   ILE A C   1 
ATOM   660 O  O   . ILE A 1 87  ? 8.104   1.063   -2.360  1.00 15.41 ? 81   ILE A O   1 
ATOM   661 C  CB  . ILE A 1 87  ? 4.928   0.502   -1.322  1.00 13.73 ? 81   ILE A CB  1 
ATOM   662 C  CG1 . ILE A 1 87  ? 3.755   1.301   -0.705  1.00 15.93 ? 81   ILE A CG1 1 
ATOM   663 C  CG2 . ILE A 1 87  ? 5.867   -0.077  -0.241  1.00 16.51 ? 81   ILE A CG2 1 
ATOM   664 C  CD1 . ILE A 1 87  ? 2.726   0.394   0.101   1.00 16.68 ? 81   ILE A CD1 1 
ATOM   665 N  N   . ALA A 1 88  ? 6.824   -0.083  -3.785  1.00 13.21 ? 82   ALA A N   1 
ATOM   666 C  CA  . ALA A 1 88  ? 7.969   -0.763  -4.416  1.00 14.28 ? 82   ALA A CA  1 
ATOM   667 C  C   . ALA A 1 88  ? 8.920   0.223   -5.079  1.00 15.36 ? 82   ALA A C   1 
ATOM   668 O  O   . ALA A 1 88  ? 10.133  0.047   -5.004  1.00 15.71 ? 82   ALA A O   1 
ATOM   669 C  CB  . ALA A 1 88  ? 7.474   -1.784  -5.456  1.00 15.95 ? 82   ALA A CB  1 
ATOM   670 N  N   . THR A 1 89  ? 8.356   1.267   -5.678  1.00 14.81 ? 83   THR A N   1 
ATOM   671 C  CA  . THR A 1 89  ? 9.188   2.252   -6.367  1.00 15.94 ? 83   THR A CA  1 
ATOM   672 C  C   . THR A 1 89  ? 10.031  3.002   -5.323  1.00 16.92 ? 83   THR A C   1 
ATOM   673 O  O   . THR A 1 89  ? 11.210  3.253   -5.574  1.00 18.41 ? 83   THR A O   1 
ATOM   674 C  CB  . THR A 1 89  ? 8.300   3.192   -7.246  1.00 15.97 ? 83   THR A CB  1 
ATOM   675 O  OG1 . THR A 1 89  ? 7.730   2.405   -8.281  1.00 17.32 ? 83   THR A OG1 1 
ATOM   676 C  CG2 . THR A 1 89  ? 9.197   4.292   -7.949  1.00 20.90 ? 83   THR A CG2 1 
ATOM   677 N  N   . ASP A 1 90  ? 9.460   3.331   -4.174  1.00 18.23 ? 84   ASP A N   1 
ATOM   678 C  CA  . ASP A 1 90  ? 10.245  3.930   -3.096  1.00 19.36 ? 84   ASP A CA  1 
ATOM   679 C  C   . ASP A 1 90  ? 11.390  3.022   -2.622  1.00 19.78 ? 84   ASP A C   1 
ATOM   680 O  O   . ASP A 1 90  ? 12.549  3.466   -2.486  1.00 20.91 ? 84   ASP A O   1 
ATOM   681 C  CB  . ASP A 1 90  ? 9.408   4.315   -1.899  1.00 21.21 ? 84   ASP A CB  1 
ATOM   682 C  CG  . ASP A 1 90  ? 10.154  5.334   -1.056  1.00 29.64 ? 84   ASP A CG  1 
ATOM   683 O  OD1 . ASP A 1 90  ? 10.400  6.445   -1.608  1.00 37.10 ? 84   ASP A OD1 1 
ATOM   684 O  OD2 . ASP A 1 90  ? 10.815  4.927   -0.092  1.00 28.87 ? 84   ASP A OD2 1 
ATOM   685 N  N   . TYR A 1 91  ? 11.079  1.753   -2.378  1.00 16.62 ? 85   TYR A N   1 
ATOM   686 C  CA  . TYR A 1 91  ? 12.126  0.825   -1.996  1.00 17.31 ? 85   TYR A CA  1 
ATOM   687 C  C   . TYR A 1 91  ? 13.160  0.694   -3.105  1.00 18.30 ? 85   TYR A C   1 
ATOM   688 O  O   . TYR A 1 91  ? 14.356  0.519   -2.850  1.00 20.09 ? 85   TYR A O   1 
ATOM   689 C  CB  . TYR A 1 91  ? 11.518  -0.532  -1.621  1.00 17.36 ? 85   TYR A CB  1 
ATOM   690 C  CG  . TYR A 1 91  ? 10.933  -0.581  -0.228  1.00 19.70 ? 85   TYR A CG  1 
ATOM   691 C  CD1 . TYR A 1 91  ? 11.749  -0.537  0.907   1.00 24.63 ? 85   TYR A CD1 1 
ATOM   692 C  CD2 . TYR A 1 91  ? 9.568   -0.747  -0.041  1.00 25.84 ? 85   TYR A CD2 1 
ATOM   693 C  CE1 . TYR A 1 91  ? 11.200  -0.625  2.203   1.00 23.44 ? 85   TYR A CE1 1 
ATOM   694 C  CE2 . TYR A 1 91  ? 9.024   -0.876  1.244   1.00 25.99 ? 85   TYR A CE2 1 
ATOM   695 C  CZ  . TYR A 1 91  ? 9.837   -0.819  2.342   1.00 23.84 ? 85   TYR A CZ  1 
ATOM   696 O  OH  . TYR A 1 91  ? 9.286   -0.921  3.596   1.00 25.86 ? 85   TYR A OH  1 
ATOM   697 N  N   . HIS A 1 92  ? 12.732  0.744   -4.355  1.00 16.85 ? 86   HIS A N   1 
ATOM   698 C  CA  . HIS A 1 92  ? 13.698  0.629   -5.424  1.00 15.67 ? 86   HIS A CA  1 
ATOM   699 C  C   . HIS A 1 92  ? 14.614  1.845   -5.428  1.00 18.66 ? 86   HIS A C   1 
ATOM   700 O  O   . HIS A 1 92  ? 15.839  1.712   -5.589  1.00 20.11 ? 86   HIS A O   1 
ATOM   701 C  CB  . HIS A 1 92  ? 12.997  0.508   -6.794  1.00 17.28 ? 86   HIS A CB  1 
ATOM   702 C  CG  . HIS A 1 92  ? 13.948  0.268   -7.938  1.00 17.19 ? 86   HIS A CG  1 
ATOM   703 N  ND1 . HIS A 1 92  ? 13.832  0.930   -9.135  1.00 19.04 ? 86   HIS A ND1 1 
ATOM   704 C  CD2 . HIS A 1 92  ? 15.070  -0.494  -8.047  1.00 19.58 ? 86   HIS A CD2 1 
ATOM   705 C  CE1 . HIS A 1 92  ? 14.785  0.539   -9.968  1.00 19.55 ? 86   HIS A CE1 1 
ATOM   706 N  NE2 . HIS A 1 92  ? 15.546  -0.327  -9.327  1.00 14.82 ? 86   HIS A NE2 1 
ATOM   707 N  N   . LYS A 1 93  ? 14.046  3.029   -5.259  1.00 19.40 ? 87   LYS A N   1 
ATOM   708 C  CA  . LYS A 1 93  ? 14.885  4.231   -5.179  1.00 22.62 ? 87   LYS A CA  1 
ATOM   709 C  C   . LYS A 1 93  ? 15.878  4.145   -4.030  1.00 23.28 ? 87   LYS A C   1 
ATOM   710 O  O   . LYS A 1 93  ? 17.056  4.518   -4.206  1.00 26.33 ? 87   LYS A O   1 
ATOM   711 C  CB  . LYS A 1 93  ? 14.000  5.493   -5.079  1.00 21.12 ? 87   LYS A CB  1 
ATOM   712 C  CG  . LYS A 1 93  ? 13.439  5.835   -6.433  1.00 28.81 ? 87   LYS A CG  1 
ATOM   713 C  CD  . LYS A 1 93  ? 12.410  6.947   -6.344  1.00 34.22 ? 87   LYS A CD  1 
ATOM   714 C  CE  . LYS A 1 93  ? 11.797  7.206   -7.708  1.00 41.96 ? 87   LYS A CE  1 
ATOM   715 N  NZ  . LYS A 1 93  ? 10.685  8.201   -7.617  1.00 47.88 ? 87   LYS A NZ  1 
ATOM   716 N  N   . GLN A 1 94  ? 15.437  3.644   -2.883  1.00 21.54 ? 88   GLN A N   1 
ATOM   717 C  CA  . GLN A 1 94  ? 16.328  3.475   -1.713  1.00 21.67 ? 88   GLN A CA  1 
ATOM   718 C  C   . GLN A 1 94  ? 17.479  2.565   -2.085  1.00 26.05 ? 88   GLN A C   1 
ATOM   719 O  O   . GLN A 1 94  ? 18.638  2.828   -1.727  1.00 27.14 ? 88   GLN A O   1 
ATOM   720 C  CB  . GLN A 1 94  ? 15.580  2.896   -0.535  1.00 22.00 ? 88   GLN A CB  1 
ATOM   721 C  CG  . GLN A 1 94  ? 14.605  3.864   0.095   1.00 25.11 ? 88   GLN A CG  1 
ATOM   722 C  CD  . GLN A 1 94  ? 13.935  3.257   1.298   1.00 28.46 ? 88   GLN A CD  1 
ATOM   723 O  OE1 . GLN A 1 94  ? 14.614  2.707   2.178   1.00 31.74 ? 88   GLN A OE1 1 
ATOM   724 N  NE2 . GLN A 1 94  ? 12.610  3.213   1.282   1.00 27.55 ? 88   GLN A NE2 1 
ATOM   725 N  N   . SER A 1 95  ? 17.178  1.486   -2.805  1.00 23.33 ? 89   SER A N   1 
ATOM   726 C  CA  . SER A 1 95  ? 18.253  0.533   -3.142  1.00 24.64 ? 89   SER A CA  1 
ATOM   727 C  C   . SER A 1 95  ? 19.327  1.155   -4.082  1.00 25.78 ? 89   SER A C   1 
ATOM   728 O  O   . SER A 1 95  ? 20.461  0.611   -4.243  1.00 26.81 ? 89   SER A O   1 
ATOM   729 C  CB  . SER A 1 95  ? 17.627  -0.740  -3.722  1.00 21.54 ? 89   SER A CB  1 
ATOM   730 O  OG  . SER A 1 95  ? 17.212  -0.447  -5.046  1.00 20.03 ? 89   SER A OG  1 
ATOM   731 N  N   . HIS A 1 96  ? 19.035  2.345   -4.602  1.00 24.22 ? 90   HIS A N   1 
ATOM   732 C  CA  . HIS A 1 96  ? 19.936  3.081   -5.510  1.00 28.52 ? 90   HIS A CA  1 
ATOM   733 C  C   . HIS A 1 96  ? 20.546  4.266   -4.774  1.00 31.40 ? 90   HIS A C   1 
ATOM   734 O  O   . HIS A 1 96  ? 21.107  5.167   -5.406  1.00 34.41 ? 90   HIS A O   1 
ATOM   735 C  CB  . HIS A 1 96  ? 19.233  3.575   -6.772  1.00 28.63 ? 90   HIS A CB  1 
ATOM   736 C  CG  . HIS A 1 96  ? 19.053  2.527   -7.828  1.00 25.94 ? 90   HIS A CG  1 
ATOM   737 N  ND1 . HIS A 1 96  ? 19.652  2.604   -9.064  1.00 22.44 ? 90   HIS A ND1 1 
ATOM   738 C  CD2 . HIS A 1 96  ? 18.347  1.367   -7.831  1.00 21.11 ? 90   HIS A CD2 1 
ATOM   739 C  CE1 . HIS A 1 96  ? 19.284  1.575   -9.804  1.00 26.41 ? 90   HIS A CE1 1 
ATOM   740 N  NE2 . HIS A 1 96  ? 18.494  0.807   -9.077  1.00 24.12 ? 90   HIS A NE2 1 
ATOM   741 N  N   . GLY A 1 97  ? 20.386  4.271   -3.454  1.00 33.61 ? 91   GLY A N   1 
ATOM   742 C  CA  . GLY A 1 97  ? 20.967  5.306   -2.611  1.00 35.90 ? 91   GLY A CA  1 
ATOM   743 C  C   . GLY A 1 97  ? 20.090  6.508   -2.273  1.00 36.97 ? 91   GLY A C   1 
ATOM   744 O  O   . GLY A 1 97  ? 20.530  7.405   -1.538  1.00 40.05 ? 91   GLY A O   1 
ATOM   745 N  N   . ALA A 1 98  ? 18.875  6.575   -2.821  1.00 34.64 ? 92   ALA A N   1 
ATOM   746 C  CA  . ALA A 1 98  ? 17.949  7.659   -2.446  1.00 31.99 ? 92   ALA A CA  1 
ATOM   747 C  C   . ALA A 1 98  ? 17.540  7.569   -0.987  1.00 31.66 ? 92   ALA A C   1 
ATOM   748 O  O   . ALA A 1 98  ? 17.549  6.491   -0.382  1.00 31.27 ? 92   ALA A O   1 
ATOM   749 C  CB  . ALA A 1 98  ? 16.699  7.674   -3.342  1.00 30.18 ? 92   ALA A CB  1 
ATOM   750 N  N   . ALA A 1 99  ? 17.128  8.696   -0.412  1.00 31.86 ? 93   ALA A N   1 
ATOM   751 C  CA  . ALA A 1 99  ? 16.603  8.637   0.942   1.00 31.36 ? 93   ALA A CA  1 
ATOM   752 C  C   . ALA A 1 99  ? 15.202  8.003   0.889   1.00 29.20 ? 93   ALA A C   1 
ATOM   753 O  O   . ALA A 1 99  ? 14.556  8.059   -0.156  1.00 30.25 ? 93   ALA A O   1 
ATOM   754 C  CB  . ALA A 1 99  ? 16.555  10.038  1.574   1.00 33.20 ? 93   ALA A CB  1 
ATOM   755 N  N   . PRO A 1 100 ? 14.763  7.366   1.992   1.00 31.83 ? 94   PRO A N   1 
ATOM   756 C  CA  . PRO A 1 100 ? 13.449  6.744   2.005   1.00 32.14 ? 94   PRO A CA  1 
ATOM   757 C  C   . PRO A 1 100 ? 12.371  7.796   1.818   1.00 35.62 ? 94   PRO A C   1 
ATOM   758 O  O   . PRO A 1 100 ? 12.541  8.956   2.231   1.00 34.36 ? 94   PRO A O   1 
ATOM   759 C  CB  . PRO A 1 100 ? 13.337  6.159   3.419   1.00 31.93 ? 94   PRO A CB  1 
ATOM   760 C  CG  . PRO A 1 100 ? 14.710  6.111   3.939   1.00 34.13 ? 94   PRO A CG  1 
ATOM   761 C  CD  . PRO A 1 100 ? 15.413  7.271   3.306   1.00 33.78 ? 94   PRO A CD  1 
ATOM   762 N  N   . CYS A 1 101 ? 11.240  7.364   1.274   1.00 35.56 ? 95   CYS A N   1 
ATOM   763 C  CA  . CYS A 1 101 ? 10.041  8.186   1.210   1.00 37.66 ? 95   CYS A CA  1 
ATOM   764 C  C   . CYS A 1 101 ? 10.314  9.490   0.454   1.00 40.99 ? 95   CYS A C   1 
ATOM   765 O  O   . CYS A 1 101 ? 9.732   10.533  0.761   1.00 41.41 ? 95   CYS A O   1 
ATOM   766 C  CB  . CYS A 1 101 ? 9.499   8.447   2.618   1.00 36.46 ? 95   CYS A CB  1 
ATOM   767 S  SG  . CYS A 1 101 ? 7.734   8.869   2.632   1.00 35.99 ? 95   CYS A SG  1 
ATOM   768 N  N   . SER A 1 102 ? 11.253  9.429   -0.488  1.00 43.69 ? 96   SER A N   1 
ATOM   769 C  CA  . SER A 1 102 ? 11.447  10.494  -1.468  1.00 46.65 ? 96   SER A CA  1 
ATOM   770 C  C   . SER A 1 102 ? 10.447  10.317  -2.605  1.00 46.64 ? 96   SER A C   1 
ATOM   771 O  O   . SER A 1 102 ? 10.470  11.058  -3.591  1.00 50.19 ? 96   SER A O   1 
ATOM   772 C  CB  . SER A 1 102 ? 12.870  10.439  -2.027  1.00 46.93 ? 96   SER A CB  1 
ATOM   773 O  OG  . SER A 1 102 ? 12.988  9.390   -2.974  1.00 51.05 ? 96   SER A OG  1 
HETATM 774 CA CA  . CA  B 2 .   ? -11.664 3.845   -6.472  1.00 19.85 ? 1097 CA  A CA  1 
HETATM 775 CL CL  . CL  C 3 .   ? 18.128  -1.030  -11.699 1.00 24.99 ? 1098 CL  A CL  1 
HETATM 776 ZN ZN  . ZN  D 4 .   ? 17.521  -0.826  -9.641  1.00 20.80 ? 1099 ZN  A ZN  1 
HETATM 777 O  O   . HOH E 5 .   ? 1.039   -19.422 -0.888  1.00 43.68 ? 2001 HOH A O   1 
HETATM 778 O  O   . HOH E 5 .   ? -1.550  -20.502 -1.502  1.00 44.44 ? 2002 HOH A O   1 
HETATM 779 O  O   . HOH E 5 .   ? 3.238   -24.972 -2.321  1.00 74.29 ? 2003 HOH A O   1 
HETATM 780 O  O   . HOH E 5 .   ? 5.093   -22.750 -0.648  1.00 59.17 ? 2004 HOH A O   1 
HETATM 781 O  O   . HOH E 5 .   ? 1.381   -20.916 -8.073  1.00 42.07 ? 2005 HOH A O   1 
HETATM 782 O  O   . HOH E 5 .   ? 2.465   -21.465 -1.110  1.00 51.42 ? 2006 HOH A O   1 
HETATM 783 O  O   . HOH E 5 .   ? 2.991   -17.624 2.252   1.00 48.78 ? 2007 HOH A O   1 
HETATM 784 O  O   . HOH E 5 .   ? 7.674   -15.086 0.052   1.00 34.80 ? 2008 HOH A O   1 
HETATM 785 O  O   . HOH E 5 .   ? 9.338   -16.828 1.559   1.00 57.04 ? 2009 HOH A O   1 
HETATM 786 O  O   . HOH E 5 .   ? 12.133  -14.071 -4.681  1.00 28.62 ? 2010 HOH A O   1 
HETATM 787 O  O   . HOH E 5 .   ? -2.015  -10.799 5.253   1.00 40.19 ? 2011 HOH A O   1 
HETATM 788 O  O   . HOH E 5 .   ? -3.812  -18.819 3.356   1.00 34.14 ? 2012 HOH A O   1 
HETATM 789 O  O   . HOH E 5 .   ? 11.312  -16.639 -6.075  1.00 21.65 ? 2013 HOH A O   1 
HETATM 790 O  O   . HOH E 5 .   ? 1.401   -16.792 0.333   1.00 30.59 ? 2014 HOH A O   1 
HETATM 791 O  O   . HOH E 5 .   ? 6.720   -17.126 2.159   1.00 59.88 ? 2015 HOH A O   1 
HETATM 792 O  O   . HOH E 5 .   ? 3.291   -11.229 0.514   1.00 35.56 ? 2016 HOH A O   1 
HETATM 793 O  O   . HOH E 5 .   ? -14.584 7.753   2.464   1.00 29.92 ? 2017 HOH A O   1 
HETATM 794 O  O   . HOH E 5 .   ? -14.176 3.827   10.983  1.00 51.85 ? 2018 HOH A O   1 
HETATM 795 O  O   . HOH E 5 .   ? -9.489  6.040   10.000  1.00 35.22 ? 2019 HOH A O   1 
HETATM 796 O  O   . HOH E 5 .   ? -10.522 2.551   12.034  1.00 43.15 ? 2020 HOH A O   1 
HETATM 797 O  O   . HOH E 5 .   ? -9.628  -1.886  12.904  1.00 50.49 ? 2021 HOH A O   1 
HETATM 798 O  O   . HOH E 5 .   ? -13.371 -3.566  10.053  1.00 67.15 ? 2022 HOH A O   1 
HETATM 799 O  O   . HOH E 5 .   ? -14.192 -1.797  12.085  1.00 59.26 ? 2023 HOH A O   1 
HETATM 800 O  O   . HOH E 5 .   ? -11.997 6.160   11.395  1.00 46.00 ? 2024 HOH A O   1 
HETATM 801 O  O   . HOH E 5 .   ? -1.032  -11.879 3.436   1.00 36.95 ? 2025 HOH A O   1 
HETATM 802 O  O   . HOH E 5 .   ? -3.709  -0.226  13.270  1.00 44.35 ? 2026 HOH A O   1 
HETATM 803 O  O   . HOH E 5 .   ? 1.908   -9.457  1.866   1.00 25.98 ? 2027 HOH A O   1 
HETATM 804 O  O   . HOH E 5 .   ? 4.803   -2.493  14.074  1.00 59.23 ? 2028 HOH A O   1 
HETATM 805 O  O   . HOH E 5 .   ? 0.021   -3.948  14.037  1.00 62.02 ? 2029 HOH A O   1 
HETATM 806 O  O   . HOH E 5 .   ? -4.657  -12.254 5.271   1.00 40.28 ? 2030 HOH A O   1 
HETATM 807 O  O   . HOH E 5 .   ? -5.710  -16.198 -2.450  1.00 34.04 ? 2031 HOH A O   1 
HETATM 808 O  O   . HOH E 5 .   ? -4.471  -18.321 0.345   1.00 28.29 ? 2032 HOH A O   1 
HETATM 809 O  O   . HOH E 5 .   ? -0.890  -16.107 1.630   1.00 32.35 ? 2033 HOH A O   1 
HETATM 810 O  O   . HOH E 5 .   ? 15.390  10.282  8.040   1.00 59.25 ? 2034 HOH A O   1 
HETATM 811 O  O   . HOH E 5 .   ? 14.343  6.016   8.003   1.00 45.86 ? 2035 HOH A O   1 
HETATM 812 O  O   . HOH E 5 .   ? 14.772  14.736  6.046   1.00 57.48 ? 2036 HOH A O   1 
HETATM 813 O  O   . HOH E 5 .   ? 3.350   10.600  -0.037  1.00 29.49 ? 2037 HOH A O   1 
HETATM 814 O  O   . HOH E 5 .   ? -2.227  -8.461  6.493   1.00 33.73 ? 2038 HOH A O   1 
HETATM 815 O  O   . HOH E 5 .   ? -9.957  -8.530  8.712   1.00 38.11 ? 2039 HOH A O   1 
HETATM 816 O  O   . HOH E 5 .   ? 0.152   8.369   -2.242  1.00 23.37 ? 2040 HOH A O   1 
HETATM 817 O  O   . HOH E 5 .   ? -12.577 -7.599  9.291   1.00 53.47 ? 2041 HOH A O   1 
HETATM 818 O  O   . HOH E 5 .   ? -12.863 -1.781  3.748   1.00 21.11 ? 2042 HOH A O   1 
HETATM 819 O  O   . HOH E 5 .   ? -13.227 -4.941  6.413   1.00 41.41 ? 2043 HOH A O   1 
HETATM 820 O  O   . HOH E 5 .   ? -13.386 -9.466  -0.818  1.00 22.02 ? 2044 HOH A O   1 
HETATM 821 O  O   . HOH E 5 .   ? -6.214  10.883  -9.475  1.00 57.67 ? 2045 HOH A O   1 
HETATM 822 O  O   . HOH E 5 .   ? -16.078 -9.115  -1.051  1.00 30.74 ? 2046 HOH A O   1 
HETATM 823 O  O   . HOH E 5 .   ? -19.774 -2.986  0.802   1.00 37.08 ? 2047 HOH A O   1 
HETATM 824 O  O   . HOH E 5 .   ? -16.799 -7.869  5.016   1.00 44.53 ? 2048 HOH A O   1 
HETATM 825 O  O   . HOH E 5 .   ? -13.622 11.455  -4.399  1.00 40.64 ? 2049 HOH A O   1 
HETATM 826 O  O   . HOH E 5 .   ? -9.687  4.928   -13.021 1.00 35.07 ? 2050 HOH A O   1 
HETATM 827 O  O   . HOH E 5 .   ? -6.427  1.969   -13.907 1.00 46.20 ? 2051 HOH A O   1 
HETATM 828 O  O   . HOH E 5 .   ? -18.780 7.152   -7.590  1.00 50.81 ? 2052 HOH A O   1 
HETATM 829 O  O   . HOH E 5 .   ? -13.652 5.702   -14.230 1.00 59.02 ? 2053 HOH A O   1 
HETATM 830 O  O   . HOH E 5 .   ? -23.307 -11.124 8.552   1.00 31.67 ? 2054 HOH A O   1 
HETATM 831 O  O   . HOH E 5 .   ? -19.970 -10.460 6.995   1.00 60.98 ? 2055 HOH A O   1 
HETATM 832 O  O   . HOH E 5 .   ? -25.131 -9.616  7.128   1.00 45.19 ? 2056 HOH A O   1 
HETATM 833 O  O   . HOH E 5 .   ? -17.781 10.289  2.414   1.00 56.66 ? 2057 HOH A O   1 
HETATM 834 O  O   . HOH E 5 .   ? -8.403  -5.774  -11.134 1.00 23.98 ? 2058 HOH A O   1 
HETATM 835 O  O   . HOH E 5 .   ? -4.369  -3.285  -12.656 1.00 28.87 ? 2059 HOH A O   1 
HETATM 836 O  O   . HOH E 5 .   ? -7.482  -1.595  -14.192 1.00 62.79 ? 2060 HOH A O   1 
HETATM 837 O  O   . HOH E 5 .   ? -11.607 -4.812  -6.275  1.00 25.93 ? 2061 HOH A O   1 
HETATM 838 O  O   . HOH E 5 .   ? -14.078 -0.310  -9.306  1.00 40.21 ? 2062 HOH A O   1 
HETATM 839 O  O   . HOH E 5 .   ? -14.318 0.169   7.493   1.00 47.54 ? 2063 HOH A O   1 
HETATM 840 O  O   . HOH E 5 .   ? 15.723  -1.860  1.011   1.00 50.38 ? 2064 HOH A O   1 
HETATM 841 O  O   . HOH E 5 .   ? -16.065 4.721   5.946   1.00 65.42 ? 2065 HOH A O   1 
HETATM 842 O  O   . HOH E 5 .   ? -14.173 5.168   1.908   1.00 29.69 ? 2066 HOH A O   1 
HETATM 843 O  O   . HOH E 5 .   ? -7.858  13.692  2.961   1.00 24.33 ? 2067 HOH A O   1 
HETATM 844 O  O   . HOH E 5 .   ? -7.022  11.970  5.281   1.00 26.75 ? 2068 HOH A O   1 
HETATM 845 O  O   . HOH E 5 .   ? 21.002  -1.339  -0.258  1.00 33.44 ? 2069 HOH A O   1 
HETATM 846 O  O   . HOH E 5 .   ? -12.636 8.312   6.877   1.00 37.04 ? 2070 HOH A O   1 
HETATM 847 O  O   . HOH E 5 .   ? -8.360  3.726   10.157  1.00 29.38 ? 2071 HOH A O   1 
HETATM 848 O  O   . HOH E 5 .   ? -9.951  -0.409  10.144  1.00 39.47 ? 2072 HOH A O   1 
HETATM 849 O  O   . HOH E 5 .   ? -9.969  7.543   7.815   1.00 33.91 ? 2073 HOH A O   1 
HETATM 850 O  O   . HOH E 5 .   ? -12.281 0.157   9.506   1.00 43.77 ? 2074 HOH A O   1 
HETATM 851 O  O   . HOH E 5 .   ? -14.665 -2.859  6.907   1.00 66.26 ? 2075 HOH A O   1 
HETATM 852 O  O   . HOH E 5 .   ? -6.060  1.283   12.548  1.00 38.71 ? 2076 HOH A O   1 
HETATM 853 O  O   . HOH E 5 .   ? 1.988   1.701   11.949  1.00 40.53 ? 2077 HOH A O   1 
HETATM 854 O  O   . HOH E 5 .   ? 1.909   -2.293  12.871  1.00 56.17 ? 2078 HOH A O   1 
HETATM 855 O  O   . HOH E 5 .   ? -3.243  4.584   15.021  1.00 51.53 ? 2079 HOH A O   1 
HETATM 856 O  O   . HOH E 5 .   ? -5.840  3.980   11.574  1.00 53.52 ? 2080 HOH A O   1 
HETATM 857 O  O   . HOH E 5 .   ? 2.241   -4.972  12.155  1.00 50.02 ? 2081 HOH A O   1 
HETATM 858 O  O   . HOH E 5 .   ? -1.397  -6.055  13.055  1.00 54.67 ? 2082 HOH A O   1 
HETATM 859 O  O   . HOH E 5 .   ? 4.642   3.287   11.717  1.00 33.05 ? 2083 HOH A O   1 
HETATM 860 O  O   . HOH E 5 .   ? 11.629  2.487   9.283   1.00 35.67 ? 2084 HOH A O   1 
HETATM 861 O  O   . HOH E 5 .   ? 7.486   -1.460  13.354  1.00 55.10 ? 2085 HOH A O   1 
HETATM 862 O  O   . HOH E 5 .   ? 9.582   4.861   3.269   1.00 28.26 ? 2086 HOH A O   1 
HETATM 863 O  O   . HOH E 5 .   ? 3.977   8.377   7.312   1.00 28.07 ? 2087 HOH A O   1 
HETATM 864 O  O   . HOH E 5 .   ? 7.128   6.755   13.440  1.00 53.84 ? 2088 HOH A O   1 
HETATM 865 O  O   . HOH E 5 .   ? 13.696  8.205   6.756   1.00 41.06 ? 2089 HOH A O   1 
HETATM 866 O  O   . HOH E 5 .   ? 2.290   7.253   9.762   1.00 43.74 ? 2090 HOH A O   1 
HETATM 867 O  O   . HOH E 5 .   ? 3.944   5.892   11.630  1.00 46.85 ? 2091 HOH A O   1 
HETATM 868 O  O   . HOH E 5 .   ? 12.577  15.859  8.305   1.00 63.02 ? 2092 HOH A O   1 
HETATM 869 O  O   . HOH E 5 .   ? 12.885  4.826   10.103  1.00 43.92 ? 2093 HOH A O   1 
HETATM 870 O  O   . HOH E 5 .   ? 2.649   15.221  5.008   1.00 41.42 ? 2094 HOH A O   1 
HETATM 871 O  O   . HOH E 5 .   ? 1.891   12.133  2.296   1.00 29.65 ? 2095 HOH A O   1 
HETATM 872 O  O   . HOH E 5 .   ? 0.764   9.367   0.391   1.00 20.35 ? 2096 HOH A O   1 
HETATM 873 O  O   . HOH E 5 .   ? 0.794   5.880   -2.798  1.00 22.58 ? 2097 HOH A O   1 
HETATM 874 O  O   . HOH E 5 .   ? 4.998   6.484   -2.622  1.00 33.24 ? 2098 HOH A O   1 
HETATM 875 O  O   . HOH E 5 .   ? -5.695  9.382   2.909   1.00 18.81 ? 2099 HOH A O   1 
HETATM 876 O  O   . HOH E 5 .   ? 2.065   13.004  -1.195  1.00 32.88 ? 2100 HOH A O   1 
HETATM 877 O  O   . HOH E 5 .   ? -9.348  10.541  -5.144  1.00 27.13 ? 2101 HOH A O   1 
HETATM 878 O  O   . HOH E 5 .   ? -6.565  11.214  -7.150  1.00 38.63 ? 2102 HOH A O   1 
HETATM 879 O  O   . HOH E 5 .   ? -11.638 10.872  -0.286  1.00 31.28 ? 2103 HOH A O   1 
HETATM 880 O  O   . HOH E 5 .   ? -3.824  6.799   -8.919  1.00 45.74 ? 2104 HOH A O   1 
HETATM 881 O  O   . HOH E 5 .   ? -4.520  4.388   -8.123  1.00 20.89 ? 2105 HOH A O   1 
HETATM 882 O  O   . HOH E 5 .   ? 1.282   5.845   -9.124  1.00 36.32 ? 2106 HOH A O   1 
HETATM 883 O  O   . HOH E 5 .   ? -11.394 10.021  -3.080  1.00 23.90 ? 2107 HOH A O   1 
HETATM 884 O  O   . HOH E 5 .   ? -10.364 7.436   -13.499 1.00 45.80 ? 2108 HOH A O   1 
HETATM 885 O  O   . HOH E 5 .   ? -11.939 10.441  -11.478 1.00 57.99 ? 2109 HOH A O   1 
HETATM 886 O  O   . HOH E 5 .   ? -2.879  4.349   -15.331 1.00 57.73 ? 2110 HOH A O   1 
HETATM 887 O  O   . HOH E 5 .   ? -8.201  3.961   -14.690 1.00 60.20 ? 2111 HOH A O   1 
HETATM 888 O  O   . HOH E 5 .   ? -16.728 6.897   -9.686  1.00 53.21 ? 2112 HOH A O   1 
HETATM 889 O  O   . HOH E 5 .   ? -12.629 1.781   -7.155  1.00 20.39 ? 2113 HOH A O   1 
HETATM 890 O  O   . HOH E 5 .   ? -14.922 4.109   -12.660 1.00 51.06 ? 2114 HOH A O   1 
HETATM 891 O  O   . HOH E 5 .   ? -18.275 9.374   -4.491  1.00 54.63 ? 2115 HOH A O   1 
HETATM 892 O  O   . HOH E 5 .   ? -13.167 13.682  -5.577  1.00 56.59 ? 2116 HOH A O   1 
HETATM 893 O  O   . HOH E 5 .   ? -17.226 2.620   -9.215  1.00 40.06 ? 2117 HOH A O   1 
HETATM 894 O  O   . HOH E 5 .   ? -15.690 11.366  1.099   1.00 42.76 ? 2118 HOH A O   1 
HETATM 895 O  O   . HOH E 5 .   ? -14.434 14.342  -1.277  1.00 46.16 ? 2119 HOH A O   1 
HETATM 896 O  O   . HOH E 5 .   ? -16.830 4.054   2.141   1.00 48.31 ? 2120 HOH A O   1 
HETATM 897 O  O   . HOH E 5 .   ? -9.870  -3.620  -10.045 1.00 24.73 ? 2121 HOH A O   1 
HETATM 898 O  O   . HOH E 5 .   ? -10.835 1.111   -11.280 1.00 29.10 ? 2122 HOH A O   1 
HETATM 899 O  O   . HOH E 5 .   ? -3.097  -1.261  -11.444 1.00 26.15 ? 2123 HOH A O   1 
HETATM 900 O  O   . HOH E 5 .   ? -9.496  0.071   -13.444 1.00 49.71 ? 2124 HOH A O   1 
HETATM 901 O  O   . HOH E 5 .   ? -7.138  1.889   -11.317 1.00 26.94 ? 2125 HOH A O   1 
HETATM 902 O  O   . HOH E 5 .   ? -10.241 -1.779  -12.186 1.00 44.27 ? 2126 HOH A O   1 
HETATM 903 O  O   . HOH E 5 .   ? -9.399  3.409   -10.788 1.00 25.27 ? 2127 HOH A O   1 
HETATM 904 O  O   . HOH E 5 .   ? 2.232   2.203   -9.218  1.00 26.39 ? 2128 HOH A O   1 
HETATM 905 O  O   . HOH E 5 .   ? 0.035   2.894   -11.164 1.00 52.91 ? 2129 HOH A O   1 
HETATM 906 O  O   . HOH E 5 .   ? -4.828  2.804   -10.249 1.00 24.23 ? 2130 HOH A O   1 
HETATM 907 O  O   . HOH E 5 .   ? 4.699   2.791   -9.397  1.00 32.25 ? 2131 HOH A O   1 
HETATM 908 O  O   . HOH E 5 .   ? 2.450   7.558   -7.658  1.00 53.41 ? 2132 HOH A O   1 
HETATM 909 O  O   . HOH E 5 .   ? 7.932   2.679   -11.013 1.00 27.54 ? 2133 HOH A O   1 
HETATM 910 O  O   . HOH E 5 .   ? 13.051  6.749   -2.083  1.00 31.90 ? 2134 HOH A O   1 
HETATM 911 O  O   . HOH E 5 .   ? 7.263   6.910   -0.918  1.00 42.33 ? 2135 HOH A O   1 
HETATM 912 O  O   . HOH E 5 .   ? 14.848  -2.140  -1.204  1.00 55.46 ? 2136 HOH A O   1 
HETATM 913 O  O   . HOH E 5 .   ? 12.255  3.086   -9.894  1.00 22.21 ? 2137 HOH A O   1 
HETATM 914 O  O   . HOH E 5 .   ? 18.960  4.790   0.375   1.00 42.24 ? 2138 HOH A O   1 
HETATM 915 O  O   . HOH E 5 .   ? 11.121  2.638   3.812   1.00 33.52 ? 2139 HOH A O   1 
HETATM 916 O  O   . HOH E 5 .   ? 21.856  -1.164  -2.894  1.00 33.13 ? 2140 HOH A O   1 
HETATM 917 O  O   . HOH E 5 .   ? 21.075  5.248   -9.664  1.00 47.65 ? 2141 HOH A O   1 
HETATM 918 O  O   . HOH E 5 .   ? 23.528  6.511   -0.462  1.00 57.01 ? 2142 HOH A O   1 
HETATM 919 O  O   . HOH E 5 .   ? 17.562  10.967  -1.484  1.00 46.04 ? 2143 HOH A O   1 
# 
